data_1IS2
#
_entry.id   1IS2
#
_cell.length_a   72.030
_cell.length_b   91.501
_cell.length_c   214.477
_cell.angle_alpha   90.00
_cell.angle_beta   90.00
_cell.angle_gamma   90.00
#
_symmetry.space_group_name_H-M   'P 21 21 21'
#
loop_
_entity.id
_entity.type
_entity.pdbx_description
1 polymer 'acyl-CoA oxidase'
2 non-polymer 'FLAVIN-ADENINE DINUCLEOTIDE'
3 water water
#
_entity_poly.entity_id   1
_entity_poly.type   'polypeptide(L)'
_entity_poly.pdbx_seq_one_letter_code
;MNPDLRKERASATFNPELITHILDGSPENTRRRREIENLILNDPDFQHEDYNFLTRSQRYEVAVKKSATMVKKMREYGIS
DPEEIMWFKNSVHRGHPEPLDLHLGMFLPTLLHQATAEQQERFFMPAWNLEITGTYAQTEMGHGTHLRGLETTATYDPKT
QEFILNSPTVTSIKWWPGGLGKTSNHAIVLAQLITQGECYGLHAFVVPIREIGTHKPLPGITVGDIGPKFGYEEMDNGYL
KMDNYRIPRENMLMKYAQVKPDGTYVKPLSNKLTYGTMVFVRSFLVGNAAQSLSKACTIAIRYSAVRRQSEIKQSEPEPQ
ILDFQTQQYKLFPLLATAYAFHFVGRYMKETYLRINESIGQGDLSELPELHALTAGLKAFTTWTANAGIEECRMACGGHG
YSHSSGIPNIYVTFTPACTFEGENTVMMLQTARFLMKIYDQVRSGKLVGGMVSYLNDLPSQRIQPQQVAVWPTMVDINSL
EGLTEAYKLRAARLVEIAAKNLQTHVSHRKSKEVAWNLTSVDLVRASEAHCHYVVVKVFSDKLPKIQDKAVQAVLRNLCL
LYSLYGISQKGGDFLEGSIITGAQLSQVNARILELLTLIRPNAVALVDAFDFKDMTLGSVLGRYDGNVYENLFEWAKKSP
LNKTEVHESYHKHLKPLQSKL
;
_entity_poly.pdbx_strand_id   A,B
#
loop_
_chem_comp.id
_chem_comp.type
_chem_comp.name
_chem_comp.formula
FAD non-polymer 'FLAVIN-ADENINE DINUCLEOTIDE' 'C27 H33 N9 O15 P2'
#
# COMPACT_ATOMS: atom_id res chain seq x y z
N MET A 1 11.16 -18.69 25.52
CA MET A 1 11.07 -17.80 24.33
C MET A 1 12.45 -17.55 23.74
N ASN A 2 12.48 -17.02 22.53
CA ASN A 2 13.73 -16.69 21.83
C ASN A 2 14.56 -15.79 22.74
N PRO A 3 15.83 -16.16 22.97
CA PRO A 3 16.75 -15.39 23.82
C PRO A 3 16.76 -13.92 23.45
N ASP A 4 16.67 -13.66 22.15
CA ASP A 4 16.70 -12.28 21.68
C ASP A 4 15.53 -11.44 22.17
N LEU A 5 14.33 -12.01 22.19
CA LEU A 5 13.18 -11.27 22.68
C LEU A 5 13.27 -11.14 24.19
N ARG A 6 13.73 -12.19 24.86
CA ARG A 6 13.87 -12.14 26.31
C ARG A 6 14.84 -11.03 26.72
N LYS A 7 15.90 -10.86 25.93
CA LYS A 7 16.90 -9.82 26.20
C LYS A 7 16.22 -8.44 26.14
N GLU A 8 15.38 -8.24 25.13
CA GLU A 8 14.69 -6.97 24.96
C GLU A 8 13.73 -6.69 26.11
N ARG A 9 12.97 -7.69 26.52
CA ARG A 9 12.03 -7.50 27.61
C ARG A 9 12.73 -7.22 28.94
N ALA A 10 13.94 -7.72 29.09
CA ALA A 10 14.69 -7.49 30.32
C ALA A 10 15.29 -6.08 30.35
N SER A 11 15.49 -5.48 29.20
CA SER A 11 16.05 -4.13 29.16
C SER A 11 15.00 -3.03 29.36
N ALA A 12 13.73 -3.38 29.22
CA ALA A 12 12.66 -2.38 29.37
C ALA A 12 12.77 -1.65 30.71
N THR A 13 12.54 -0.34 30.67
CA THR A 13 12.62 0.50 31.86
C THR A 13 11.28 0.73 32.56
N PHE A 14 10.23 0.13 32.02
CA PHE A 14 8.88 0.31 32.58
C PHE A 14 8.10 -0.99 32.57
N ASN A 15 7.05 -1.05 33.37
CA ASN A 15 6.20 -2.24 33.40
C ASN A 15 5.11 -2.05 32.33
N PRO A 16 5.14 -2.86 31.26
CA PRO A 16 4.17 -2.79 30.15
C PRO A 16 2.71 -3.01 30.53
N GLU A 17 2.48 -3.68 31.64
CA GLU A 17 1.12 -3.96 32.10
C GLU A 17 0.44 -2.64 32.48
N LEU A 18 1.22 -1.70 33.00
CA LEU A 18 0.66 -0.41 33.41
C LEU A 18 0.22 0.41 32.21
N ILE A 19 0.86 0.21 31.07
CA ILE A 19 0.50 0.93 29.85
C ILE A 19 -0.76 0.28 29.27
N THR A 20 -0.87 -1.04 29.42
CA THR A 20 -2.05 -1.74 28.92
C THR A 20 -3.28 -1.19 29.65
N HIS A 21 -3.15 -0.95 30.95
CA HIS A 21 -4.27 -0.40 31.72
C HIS A 21 -4.70 0.93 31.12
N ILE A 22 -3.70 1.76 30.81
CA ILE A 22 -3.93 3.07 30.23
C ILE A 22 -4.63 2.97 28.88
N LEU A 23 -4.25 2.02 28.05
CA LEU A 23 -4.90 1.88 26.75
C LEU A 23 -6.38 1.49 26.88
N ASP A 24 -6.67 0.51 27.74
CA ASP A 24 -8.04 0.02 27.93
C ASP A 24 -8.91 0.97 28.73
N GLY A 25 -8.29 1.89 29.47
CA GLY A 25 -9.05 2.85 30.25
C GLY A 25 -8.90 2.63 31.75
N SER A 26 -8.76 1.38 32.14
CA SER A 26 -8.62 1.06 33.56
C SER A 26 -8.14 -0.36 33.73
N PRO A 27 -7.61 -0.69 34.91
CA PRO A 27 -7.14 -2.05 35.15
C PRO A 27 -8.32 -3.00 34.97
N GLU A 28 -9.47 -2.60 35.49
CA GLU A 28 -10.70 -3.39 35.40
C GLU A 28 -11.04 -3.68 33.94
N ASN A 29 -10.93 -2.66 33.09
CA ASN A 29 -11.24 -2.82 31.67
C ASN A 29 -10.34 -3.87 31.02
N THR A 30 -9.07 -3.88 31.40
CA THR A 30 -8.12 -4.84 30.85
C THR A 30 -8.58 -6.25 31.19
N ARG A 31 -8.95 -6.46 32.46
CA ARG A 31 -9.40 -7.78 32.90
C ARG A 31 -10.62 -8.26 32.13
N ARG A 32 -11.61 -7.39 31.99
CA ARG A 32 -12.83 -7.72 31.29
C ARG A 32 -12.57 -8.07 29.82
N ARG A 33 -11.78 -7.23 29.14
CA ARG A 33 -11.46 -7.49 27.73
C ARG A 33 -10.76 -8.85 27.61
N ARG A 34 -9.82 -9.12 28.51
CA ARG A 34 -9.09 -10.39 28.47
C ARG A 34 -10.03 -11.56 28.73
N GLU A 35 -10.92 -11.39 29.71
CA GLU A 35 -11.91 -12.40 30.04
C GLU A 35 -12.70 -12.73 28.77
N ILE A 36 -13.29 -11.70 28.15
CA ILE A 36 -14.07 -11.92 26.94
C ILE A 36 -13.23 -12.56 25.84
N GLU A 37 -11.98 -12.12 25.68
CA GLU A 37 -11.10 -12.67 24.66
C GLU A 37 -10.87 -14.16 24.86
N ASN A 38 -10.71 -14.56 26.11
CA ASN A 38 -10.48 -15.97 26.43
C ASN A 38 -11.70 -16.84 26.15
N LEU A 39 -12.87 -16.24 26.10
CA LEU A 39 -14.10 -16.97 25.82
C LEU A 39 -14.06 -17.50 24.39
N ILE A 40 -13.52 -16.68 23.48
CA ILE A 40 -13.43 -17.06 22.07
C ILE A 40 -12.22 -17.95 21.80
N LEU A 41 -11.11 -17.61 22.45
CA LEU A 41 -9.87 -18.34 22.27
C LEU A 41 -9.96 -19.84 22.52
N ASN A 42 -10.56 -20.23 23.63
CA ASN A 42 -10.67 -21.64 23.98
C ASN A 42 -11.93 -22.31 23.43
N ASP A 43 -12.70 -21.59 22.64
CA ASP A 43 -13.93 -22.11 22.06
C ASP A 43 -13.69 -22.68 20.66
N PRO A 44 -13.69 -24.01 20.53
CA PRO A 44 -13.45 -24.65 19.23
C PRO A 44 -14.41 -24.21 18.13
N ASP A 45 -15.62 -23.77 18.50
CA ASP A 45 -16.59 -23.32 17.50
C ASP A 45 -16.06 -22.09 16.74
N PHE A 46 -15.13 -21.36 17.37
CA PHE A 46 -14.55 -20.19 16.71
C PHE A 46 -13.21 -20.48 16.04
N GLN A 47 -12.76 -21.74 16.12
CA GLN A 47 -11.49 -22.15 15.50
C GLN A 47 -11.73 -22.55 14.05
N HIS A 48 -10.71 -22.44 13.21
CA HIS A 48 -10.85 -22.85 11.82
C HIS A 48 -9.52 -22.77 11.08
N GLU A 49 -9.47 -23.36 9.89
CA GLU A 49 -8.28 -23.36 9.06
C GLU A 49 -7.90 -21.91 8.76
N ASP A 50 -6.60 -21.66 8.62
CA ASP A 50 -6.06 -20.33 8.34
C ASP A 50 -6.69 -19.68 7.11
N TYR A 51 -7.26 -18.49 7.29
CA TYR A 51 -7.90 -17.76 6.19
C TYR A 51 -7.11 -17.79 4.90
N ASN A 52 -5.81 -17.54 5.00
CA ASN A 52 -4.96 -17.52 3.82
C ASN A 52 -4.85 -18.84 3.08
N PHE A 53 -5.18 -19.95 3.72
CA PHE A 53 -5.09 -21.26 3.07
C PHE A 53 -6.41 -21.66 2.42
N LEU A 54 -7.39 -20.76 2.44
CA LEU A 54 -8.71 -21.04 1.88
C LEU A 54 -9.10 -20.19 0.68
N THR A 55 -9.93 -20.74 -0.19
CA THR A 55 -10.40 -20.00 -1.37
C THR A 55 -11.32 -18.88 -0.85
N ARG A 56 -11.72 -17.96 -1.73
CA ARG A 56 -12.58 -16.86 -1.32
C ARG A 56 -13.94 -17.38 -0.83
N SER A 57 -14.49 -18.34 -1.57
CA SER A 57 -15.77 -18.93 -1.19
C SER A 57 -15.72 -19.49 0.22
N GLN A 58 -14.70 -20.30 0.50
CA GLN A 58 -14.54 -20.92 1.82
C GLN A 58 -14.29 -19.87 2.90
N ARG A 59 -13.69 -18.75 2.52
CA ARG A 59 -13.43 -17.68 3.47
C ARG A 59 -14.74 -17.01 3.88
N TYR A 60 -15.60 -16.78 2.91
CA TYR A 60 -16.90 -16.18 3.17
C TYR A 60 -17.70 -17.16 4.02
N GLU A 61 -17.65 -18.44 3.65
CA GLU A 61 -18.38 -19.47 4.38
C GLU A 61 -17.97 -19.50 5.85
N VAL A 62 -16.66 -19.48 6.12
CA VAL A 62 -16.18 -19.50 7.48
C VAL A 62 -16.65 -18.28 8.25
N ALA A 63 -16.57 -17.12 7.61
CA ALA A 63 -17.00 -15.87 8.24
C ALA A 63 -18.47 -15.97 8.65
N VAL A 64 -19.29 -16.47 7.72
CA VAL A 64 -20.71 -16.62 7.97
C VAL A 64 -21.03 -17.47 9.19
N LYS A 65 -20.45 -18.67 9.26
CA LYS A 65 -20.74 -19.55 10.39
C LYS A 65 -20.24 -18.97 11.70
N LYS A 66 -19.09 -18.31 11.67
CA LYS A 66 -18.57 -17.71 12.89
C LYS A 66 -19.47 -16.55 13.35
N SER A 67 -20.00 -15.79 12.40
CA SER A 67 -20.87 -14.68 12.76
C SER A 67 -22.18 -15.24 13.31
N ALA A 68 -22.73 -16.24 12.64
CA ALA A 68 -23.95 -16.88 13.10
C ALA A 68 -23.72 -17.39 14.52
N THR A 69 -22.61 -18.09 14.72
CA THR A 69 -22.26 -18.60 16.05
C THR A 69 -22.10 -17.48 17.06
N MET A 70 -21.46 -16.39 16.60
CA MET A 70 -21.21 -15.20 17.41
C MET A 70 -22.50 -14.66 18.04
N VAL A 71 -23.54 -14.55 17.22
CA VAL A 71 -24.82 -14.05 17.66
C VAL A 71 -25.39 -14.90 18.79
N LYS A 72 -25.51 -16.21 18.53
CA LYS A 72 -26.03 -17.13 19.53
C LYS A 72 -25.25 -17.04 20.83
N LYS A 73 -23.92 -17.03 20.74
CA LYS A 73 -23.10 -16.98 21.93
C LYS A 73 -23.22 -15.65 22.68
N MET A 74 -23.25 -14.54 21.97
CA MET A 74 -23.39 -13.26 22.66
C MET A 74 -24.74 -13.16 23.37
N ARG A 75 -25.76 -13.80 22.80
CA ARG A 75 -27.08 -13.81 23.41
C ARG A 75 -26.96 -14.60 24.71
N GLU A 76 -26.42 -15.81 24.60
CA GLU A 76 -26.25 -16.68 25.76
C GLU A 76 -25.36 -16.12 26.87
N TYR A 77 -24.28 -15.44 26.50
CA TYR A 77 -23.37 -14.88 27.49
C TYR A 77 -23.90 -13.58 28.10
N GLY A 78 -24.94 -13.04 27.49
CA GLY A 78 -25.52 -11.80 28.00
C GLY A 78 -24.64 -10.59 27.76
N ILE A 79 -23.98 -10.55 26.60
CA ILE A 79 -23.12 -9.42 26.27
C ILE A 79 -23.91 -8.35 25.54
N SER A 80 -24.22 -7.27 26.26
CA SER A 80 -24.99 -6.17 25.73
C SER A 80 -24.22 -4.85 25.65
N ASP A 81 -23.25 -4.64 26.55
CA ASP A 81 -22.49 -3.40 26.50
C ASP A 81 -21.81 -3.30 25.13
N PRO A 82 -21.99 -2.17 24.43
CA PRO A 82 -21.38 -1.97 23.11
C PRO A 82 -19.86 -2.16 23.05
N GLU A 83 -19.17 -1.78 24.13
CA GLU A 83 -17.72 -1.96 24.16
C GLU A 83 -17.40 -3.45 24.18
N GLU A 84 -18.03 -4.17 25.10
CA GLU A 84 -17.82 -5.60 25.22
C GLU A 84 -18.19 -6.34 23.93
N ILE A 85 -19.21 -5.84 23.23
CA ILE A 85 -19.61 -6.47 21.97
C ILE A 85 -18.48 -6.26 20.98
N MET A 86 -17.80 -5.13 21.10
CA MET A 86 -16.68 -4.81 20.20
C MET A 86 -15.54 -5.79 20.45
N TRP A 87 -15.16 -5.94 21.72
CA TRP A 87 -14.10 -6.85 22.10
C TRP A 87 -14.44 -8.27 21.66
N PHE A 88 -15.67 -8.70 21.95
CA PHE A 88 -16.12 -10.04 21.59
C PHE A 88 -16.01 -10.29 20.08
N LYS A 89 -16.54 -9.35 19.30
CA LYS A 89 -16.53 -9.46 17.85
C LYS A 89 -15.09 -9.43 17.29
N ASN A 90 -14.22 -8.66 17.93
CA ASN A 90 -12.83 -8.56 17.51
C ASN A 90 -12.12 -9.89 17.69
N SER A 91 -12.36 -10.54 18.82
CA SER A 91 -11.74 -11.82 19.11
C SER A 91 -12.21 -12.91 18.16
N VAL A 92 -13.50 -12.88 17.81
CA VAL A 92 -14.05 -13.89 16.92
C VAL A 92 -13.54 -13.78 15.50
N HIS A 93 -13.50 -12.57 14.98
CA HIS A 93 -13.07 -12.36 13.60
C HIS A 93 -11.61 -11.94 13.45
N ARG A 94 -10.95 -11.74 14.58
CA ARG A 94 -9.53 -11.40 14.61
C ARG A 94 -9.23 -10.24 13.66
N GLY A 95 -9.92 -9.13 13.84
CA GLY A 95 -9.70 -7.97 13.00
C GLY A 95 -10.23 -8.07 11.58
N HIS A 96 -10.51 -9.29 11.13
CA HIS A 96 -11.04 -9.50 9.78
C HIS A 96 -12.49 -9.02 9.69
N PRO A 97 -12.96 -8.67 8.48
CA PRO A 97 -14.33 -8.20 8.30
C PRO A 97 -15.31 -9.38 8.24
N GLU A 98 -16.58 -9.14 8.53
CA GLU A 98 -17.58 -10.20 8.50
C GLU A 98 -18.94 -9.75 7.98
N PRO A 99 -19.63 -10.65 7.25
CA PRO A 99 -20.95 -10.51 6.61
C PRO A 99 -22.14 -9.95 7.39
N LEU A 100 -22.03 -9.87 8.72
CA LEU A 100 -23.12 -9.33 9.53
C LEU A 100 -22.77 -7.95 10.09
N ASP A 101 -21.74 -7.33 9.52
CA ASP A 101 -21.32 -5.99 9.96
C ASP A 101 -22.44 -4.96 9.81
N LEU A 102 -23.07 -4.89 8.63
CA LEU A 102 -24.16 -3.93 8.44
C LEU A 102 -25.41 -4.39 9.18
N HIS A 103 -25.68 -5.69 9.14
CA HIS A 103 -26.83 -6.28 9.83
C HIS A 103 -26.84 -5.85 11.30
N LEU A 104 -25.71 -6.02 11.98
CA LEU A 104 -25.62 -5.66 13.39
C LEU A 104 -25.29 -4.19 13.63
N GLY A 105 -24.57 -3.58 12.70
CA GLY A 105 -24.17 -2.20 12.87
C GLY A 105 -25.07 -1.09 12.32
N MET A 106 -25.88 -1.39 11.32
CA MET A 106 -26.78 -0.39 10.74
C MET A 106 -28.24 -0.82 10.63
N PHE A 107 -28.48 -2.08 10.26
CA PHE A 107 -29.85 -2.58 10.09
C PHE A 107 -30.67 -2.60 11.38
N LEU A 108 -30.23 -3.36 12.37
CA LEU A 108 -30.96 -3.44 13.63
C LEU A 108 -30.95 -2.07 14.33
N PRO A 109 -29.80 -1.39 14.37
CA PRO A 109 -29.78 -0.08 15.03
C PRO A 109 -30.75 0.93 14.42
N THR A 110 -30.90 0.91 13.10
CA THR A 110 -31.82 1.82 12.42
C THR A 110 -33.28 1.47 12.74
N LEU A 111 -33.58 0.18 12.83
CA LEU A 111 -34.92 -0.25 13.15
C LEU A 111 -35.24 0.08 14.61
N LEU A 112 -34.29 -0.14 15.50
CA LEU A 112 -34.49 0.13 16.92
C LEU A 112 -34.71 1.63 17.16
N HIS A 113 -34.10 2.45 16.32
CA HIS A 113 -34.19 3.90 16.46
C HIS A 113 -35.34 4.58 15.71
N GLN A 114 -35.71 4.06 14.55
CA GLN A 114 -36.75 4.69 13.74
C GLN A 114 -37.98 3.87 13.38
N ALA A 115 -37.92 2.55 13.56
CA ALA A 115 -39.05 1.71 13.19
C ALA A 115 -40.21 1.74 14.19
N THR A 116 -41.42 1.51 13.68
CA THR A 116 -42.63 1.47 14.50
C THR A 116 -42.81 0.06 15.08
N ALA A 117 -43.63 -0.04 16.13
CA ALA A 117 -43.89 -1.32 16.78
C ALA A 117 -44.14 -2.46 15.80
N GLU A 118 -45.07 -2.26 14.86
CA GLU A 118 -45.38 -3.32 13.91
C GLU A 118 -44.19 -3.62 12.99
N GLN A 119 -43.38 -2.60 12.70
CA GLN A 119 -42.20 -2.80 11.85
C GLN A 119 -41.16 -3.64 12.56
N GLN A 120 -40.88 -3.31 13.83
CA GLN A 120 -39.91 -4.05 14.60
C GLN A 120 -40.28 -5.52 14.74
N GLU A 121 -41.57 -5.82 14.81
CA GLU A 121 -42.03 -7.19 14.94
C GLU A 121 -41.81 -7.94 13.64
N ARG A 122 -41.95 -7.22 12.54
CA ARG A 122 -41.78 -7.81 11.22
C ARG A 122 -40.33 -7.88 10.80
N PHE A 123 -39.54 -6.90 11.20
CA PHE A 123 -38.16 -6.83 10.78
C PHE A 123 -37.06 -6.93 11.83
N PHE A 124 -37.34 -6.51 13.05
CA PHE A 124 -36.33 -6.56 14.12
C PHE A 124 -36.32 -7.90 14.85
N MET A 125 -37.46 -8.29 15.42
CA MET A 125 -37.60 -9.52 16.19
C MET A 125 -37.13 -10.81 15.51
N PRO A 126 -37.53 -11.05 14.26
CA PRO A 126 -37.12 -12.27 13.57
C PRO A 126 -35.60 -12.44 13.38
N ALA A 127 -34.85 -11.38 13.63
CA ALA A 127 -33.40 -11.42 13.47
C ALA A 127 -32.67 -12.05 14.65
N TRP A 128 -33.37 -12.26 15.76
CA TRP A 128 -32.74 -12.82 16.96
C TRP A 128 -31.97 -14.11 16.68
N ASN A 129 -32.46 -14.91 15.74
CA ASN A 129 -31.79 -16.15 15.42
C ASN A 129 -31.46 -16.13 13.93
N LEU A 130 -31.37 -14.90 13.41
CA LEU A 130 -31.04 -14.65 12.02
C LEU A 130 -32.04 -15.16 10.99
N GLU A 131 -33.30 -15.30 11.42
CA GLU A 131 -34.37 -15.74 10.53
C GLU A 131 -34.41 -14.67 9.46
N ILE A 132 -34.14 -13.45 9.89
CA ILE A 132 -34.05 -12.32 8.98
C ILE A 132 -32.62 -11.79 9.10
N THR A 133 -32.02 -11.47 7.96
CA THR A 133 -30.67 -10.91 7.96
C THR A 133 -30.70 -9.69 7.07
N GLY A 134 -30.32 -8.55 7.61
CA GLY A 134 -30.37 -7.35 6.80
C GLY A 134 -29.08 -6.63 6.56
N THR A 135 -29.17 -5.60 5.74
CA THR A 135 -28.04 -4.79 5.39
C THR A 135 -28.57 -3.41 5.01
N TYR A 136 -27.68 -2.44 4.89
CA TYR A 136 -28.05 -1.07 4.54
C TYR A 136 -27.47 -0.77 3.18
N ALA A 137 -28.36 -0.52 2.21
CA ALA A 137 -27.95 -0.24 0.84
C ALA A 137 -28.14 1.22 0.45
N GLN A 138 -27.06 1.99 0.45
CA GLN A 138 -27.10 3.41 0.11
C GLN A 138 -26.33 3.73 -1.15
N THR A 139 -25.06 3.32 -1.16
CA THR A 139 -24.19 3.59 -2.30
C THR A 139 -24.64 2.92 -3.58
N GLU A 140 -24.42 3.61 -4.69
CA GLU A 140 -24.78 3.07 -5.99
C GLU A 140 -23.53 3.06 -6.89
N MET A 141 -23.58 2.27 -7.96
CA MET A 141 -22.45 2.19 -8.88
C MET A 141 -22.04 3.58 -9.36
N GLY A 142 -23.02 4.46 -9.51
CA GLY A 142 -22.75 5.80 -10.01
C GLY A 142 -22.61 6.92 -8.99
N HIS A 143 -22.94 6.64 -7.74
CA HIS A 143 -22.83 7.67 -6.72
C HIS A 143 -22.47 7.11 -5.36
N GLY A 144 -21.38 7.65 -4.81
CA GLY A 144 -20.94 7.22 -3.50
C GLY A 144 -20.84 8.44 -2.61
N THR A 145 -20.09 9.43 -3.04
CA THR A 145 -19.92 10.66 -2.28
C THR A 145 -21.14 11.59 -2.42
N HIS A 146 -21.60 11.78 -3.65
CA HIS A 146 -22.73 12.70 -3.92
C HIS A 146 -24.12 12.07 -3.82
N LEU A 147 -24.59 11.94 -2.59
CA LEU A 147 -25.90 11.38 -2.27
C LEU A 147 -27.05 11.95 -3.08
N ARG A 148 -27.16 13.27 -3.14
CA ARG A 148 -28.22 13.92 -3.89
C ARG A 148 -28.29 13.38 -5.31
N GLY A 149 -27.20 12.75 -5.75
CA GLY A 149 -27.15 12.19 -7.09
C GLY A 149 -27.68 10.78 -7.22
N LEU A 150 -27.99 10.13 -6.09
CA LEU A 150 -28.51 8.76 -6.13
C LEU A 150 -29.71 8.67 -7.08
N GLU A 151 -29.84 7.55 -7.79
CA GLU A 151 -30.90 7.39 -8.77
C GLU A 151 -32.06 6.47 -8.40
N THR A 152 -31.92 5.69 -7.35
CA THR A 152 -33.00 4.78 -6.98
C THR A 152 -34.26 5.58 -6.60
N THR A 153 -35.39 5.18 -7.18
CA THR A 153 -36.65 5.86 -6.91
C THR A 153 -37.64 4.99 -6.15
N ALA A 154 -38.38 5.62 -5.25
CA ALA A 154 -39.41 4.96 -4.47
C ALA A 154 -40.68 5.80 -4.74
N THR A 155 -41.48 5.35 -5.69
CA THR A 155 -42.69 6.07 -6.08
C THR A 155 -43.92 5.51 -5.37
N TYR A 156 -44.69 6.39 -4.74
CA TYR A 156 -45.88 5.95 -4.04
C TYR A 156 -47.02 5.66 -5.00
N ASP A 157 -47.76 4.61 -4.70
CA ASP A 157 -48.90 4.21 -5.52
C ASP A 157 -50.18 4.27 -4.69
N PRO A 158 -50.94 5.38 -4.81
CA PRO A 158 -52.20 5.61 -4.09
C PRO A 158 -53.17 4.43 -4.17
N LYS A 159 -53.38 3.93 -5.39
CA LYS A 159 -54.30 2.83 -5.63
C LYS A 159 -54.04 1.60 -4.76
N THR A 160 -52.79 1.17 -4.67
CA THR A 160 -52.44 -0.02 -3.90
C THR A 160 -51.77 0.26 -2.56
N GLN A 161 -51.49 1.53 -2.29
CA GLN A 161 -50.85 1.94 -1.03
C GLN A 161 -49.51 1.24 -0.77
N GLU A 162 -48.69 1.18 -1.81
CA GLU A 162 -47.37 0.57 -1.66
C GLU A 162 -46.35 1.38 -2.43
N PHE A 163 -45.08 1.25 -2.06
CA PHE A 163 -44.03 1.97 -2.76
C PHE A 163 -43.46 1.10 -3.87
N ILE A 164 -43.03 1.73 -4.95
CA ILE A 164 -42.44 1.03 -6.07
C ILE A 164 -40.97 1.41 -6.09
N LEU A 165 -40.11 0.46 -5.71
CA LEU A 165 -38.66 0.70 -5.69
C LEU A 165 -38.09 0.39 -7.07
N ASN A 166 -37.34 1.34 -7.62
CA ASN A 166 -36.82 1.12 -8.97
C ASN A 166 -35.38 1.55 -9.24
N SER A 167 -34.66 0.70 -9.97
CA SER A 167 -33.27 0.94 -10.36
C SER A 167 -33.33 1.13 -11.88
N PRO A 168 -33.64 2.35 -12.32
CA PRO A 168 -33.77 2.73 -13.73
C PRO A 168 -32.56 2.54 -14.64
N THR A 169 -31.35 2.60 -14.10
CA THR A 169 -30.16 2.47 -14.93
C THR A 169 -29.07 1.57 -14.33
N VAL A 170 -28.04 1.29 -15.13
CA VAL A 170 -26.92 0.46 -14.67
C VAL A 170 -26.23 1.15 -13.50
N THR A 171 -26.10 2.47 -13.58
CA THR A 171 -25.45 3.23 -12.52
C THR A 171 -26.29 3.30 -11.24
N SER A 172 -27.61 3.16 -11.36
CA SER A 172 -28.49 3.23 -10.21
C SER A 172 -28.41 1.99 -9.31
N ILE A 173 -27.96 0.88 -9.86
CA ILE A 173 -27.86 -0.34 -9.08
C ILE A 173 -27.06 -0.12 -7.80
N LYS A 174 -27.57 -0.61 -6.68
CA LYS A 174 -26.87 -0.45 -5.40
C LYS A 174 -25.55 -1.23 -5.52
N TRP A 175 -24.47 -0.66 -5.01
CA TRP A 175 -23.16 -1.27 -5.15
C TRP A 175 -22.28 -1.11 -3.91
N TRP A 176 -21.80 -2.25 -3.38
CA TRP A 176 -20.91 -2.35 -2.21
C TRP A 176 -21.45 -2.84 -0.86
N PRO A 177 -22.72 -2.55 -0.51
CA PRO A 177 -23.26 -3.00 0.78
C PRO A 177 -22.83 -4.40 1.24
N GLY A 178 -22.20 -4.47 2.41
CA GLY A 178 -21.75 -5.75 2.93
C GLY A 178 -22.93 -6.61 3.35
N GLY A 179 -22.94 -7.87 2.91
CA GLY A 179 -24.02 -8.76 3.27
C GLY A 179 -25.11 -8.77 2.21
N LEU A 180 -25.08 -7.77 1.33
CA LEU A 180 -26.07 -7.63 0.28
C LEU A 180 -25.86 -8.72 -0.78
N GLY A 181 -24.62 -9.18 -0.88
CA GLY A 181 -24.29 -10.18 -1.88
C GLY A 181 -24.92 -11.55 -1.76
N LYS A 182 -24.84 -12.16 -0.58
CA LYS A 182 -25.38 -13.50 -0.41
C LYS A 182 -25.97 -13.75 0.97
N THR A 183 -25.69 -12.89 1.92
CA THR A 183 -26.17 -13.11 3.27
C THR A 183 -27.57 -12.65 3.63
N SER A 184 -27.88 -11.40 3.31
CA SER A 184 -29.16 -10.78 3.65
C SER A 184 -30.42 -11.12 2.86
N ASN A 185 -31.54 -11.25 3.57
CA ASN A 185 -32.79 -11.49 2.87
C ASN A 185 -33.61 -10.19 2.88
N HIS A 186 -33.14 -9.21 3.64
CA HIS A 186 -33.76 -7.88 3.73
C HIS A 186 -32.69 -6.78 3.64
N ALA A 187 -33.06 -5.65 3.05
CA ALA A 187 -32.15 -4.53 2.93
C ALA A 187 -32.88 -3.20 3.12
N ILE A 188 -32.35 -2.33 3.97
CA ILE A 188 -32.94 -1.01 4.14
C ILE A 188 -32.29 -0.22 3.00
N VAL A 189 -33.11 0.16 2.03
CA VAL A 189 -32.66 0.90 0.86
C VAL A 189 -32.95 2.40 0.89
N LEU A 190 -31.96 3.20 0.50
CA LEU A 190 -32.10 4.65 0.47
C LEU A 190 -32.50 5.03 -0.94
N ALA A 191 -33.64 5.70 -1.09
CA ALA A 191 -34.11 6.09 -2.42
C ALA A 191 -34.74 7.48 -2.44
N GLN A 192 -34.87 8.03 -3.65
CA GLN A 192 -35.47 9.34 -3.84
C GLN A 192 -36.99 9.10 -3.75
N LEU A 193 -37.63 9.67 -2.74
CA LEU A 193 -39.07 9.49 -2.54
C LEU A 193 -39.92 10.30 -3.51
N ILE A 194 -40.77 9.61 -4.27
CA ILE A 194 -41.65 10.26 -5.24
C ILE A 194 -43.13 10.00 -4.98
N THR A 195 -43.87 11.08 -4.77
CA THR A 195 -45.30 10.98 -4.54
C THR A 195 -46.01 12.26 -5.00
N GLN A 196 -47.15 12.10 -5.66
CA GLN A 196 -47.94 13.21 -6.18
C GLN A 196 -47.14 14.11 -7.13
N GLY A 197 -46.26 13.48 -7.93
CA GLY A 197 -45.46 14.23 -8.87
C GLY A 197 -44.37 15.12 -8.30
N GLU A 198 -43.95 14.82 -7.07
CA GLU A 198 -42.90 15.62 -6.44
C GLU A 198 -41.85 14.68 -5.86
N CYS A 199 -40.60 15.13 -5.87
CA CYS A 199 -39.50 14.35 -5.31
C CYS A 199 -39.19 15.00 -3.97
N TYR A 200 -39.19 14.23 -2.89
CA TYR A 200 -38.92 14.81 -1.59
C TYR A 200 -37.57 14.43 -0.97
N GLY A 201 -36.64 13.98 -1.81
CA GLY A 201 -35.32 13.61 -1.33
C GLY A 201 -35.18 12.18 -0.86
N LEU A 202 -33.99 11.89 -0.32
CA LEU A 202 -33.67 10.54 0.15
C LEU A 202 -34.42 10.10 1.40
N HIS A 203 -35.01 8.90 1.31
CA HIS A 203 -35.75 8.30 2.42
C HIS A 203 -35.38 6.82 2.50
N ALA A 204 -35.56 6.21 3.67
CA ALA A 204 -35.22 4.80 3.84
C ALA A 204 -36.45 3.90 3.79
N PHE A 205 -36.28 2.72 3.19
CA PHE A 205 -37.36 1.75 3.04
C PHE A 205 -36.90 0.30 3.33
N VAL A 206 -37.71 -0.45 4.05
CA VAL A 206 -37.36 -1.84 4.33
C VAL A 206 -37.82 -2.64 3.12
N VAL A 207 -36.89 -3.34 2.46
CA VAL A 207 -37.27 -4.13 1.30
C VAL A 207 -36.79 -5.58 1.32
N PRO A 208 -37.74 -6.51 1.36
CA PRO A 208 -37.34 -7.92 1.36
C PRO A 208 -36.74 -8.22 -0.01
N ILE A 209 -35.62 -8.93 -0.04
CA ILE A 209 -34.97 -9.22 -1.32
C ILE A 209 -34.81 -10.71 -1.60
N ARG A 210 -34.85 -11.51 -0.55
CA ARG A 210 -34.72 -12.96 -0.72
C ARG A 210 -35.84 -13.66 0.05
N GLU A 211 -36.35 -14.73 -0.54
CA GLU A 211 -37.41 -15.51 0.08
C GLU A 211 -36.93 -16.16 1.38
N ILE A 212 -37.75 -16.10 2.43
CA ILE A 212 -37.37 -16.69 3.70
C ILE A 212 -37.34 -18.21 3.57
N GLY A 213 -36.38 -18.85 4.23
CA GLY A 213 -36.29 -20.30 4.17
C GLY A 213 -35.52 -20.87 2.99
N THR A 214 -35.78 -20.36 1.79
CA THR A 214 -35.08 -20.85 0.60
C THR A 214 -33.94 -19.91 0.20
N HIS A 215 -34.08 -18.65 0.61
CA HIS A 215 -33.09 -17.61 0.31
C HIS A 215 -33.02 -17.26 -1.17
N LYS A 216 -33.97 -17.76 -1.94
CA LYS A 216 -33.99 -17.46 -3.37
C LYS A 216 -34.37 -16.01 -3.54
N PRO A 217 -33.85 -15.35 -4.58
CA PRO A 217 -34.18 -13.95 -4.80
C PRO A 217 -35.66 -13.81 -5.16
N LEU A 218 -36.31 -12.79 -4.62
CA LEU A 218 -37.72 -12.53 -4.89
C LEU A 218 -37.89 -11.96 -6.29
N PRO A 219 -39.07 -12.16 -6.90
CA PRO A 219 -39.32 -11.64 -8.25
C PRO A 219 -39.07 -10.13 -8.32
N GLY A 220 -38.44 -9.70 -9.41
CA GLY A 220 -38.13 -8.29 -9.59
C GLY A 220 -36.80 -7.92 -8.93
N ILE A 221 -36.25 -8.84 -8.14
CA ILE A 221 -34.99 -8.61 -7.44
C ILE A 221 -33.77 -9.26 -8.10
N THR A 222 -32.70 -8.49 -8.27
CA THR A 222 -31.45 -9.02 -8.80
C THR A 222 -30.32 -8.68 -7.83
N VAL A 223 -29.76 -9.70 -7.21
CA VAL A 223 -28.71 -9.51 -6.23
C VAL A 223 -27.51 -10.43 -6.47
N GLY A 224 -26.34 -9.98 -6.02
CA GLY A 224 -25.14 -10.77 -6.19
C GLY A 224 -23.90 -10.11 -5.62
N ASP A 225 -22.82 -10.88 -5.56
CA ASP A 225 -21.54 -10.38 -5.06
C ASP A 225 -20.90 -9.49 -6.14
N ILE A 226 -20.21 -8.43 -5.73
CA ILE A 226 -19.60 -7.54 -6.72
C ILE A 226 -18.25 -8.01 -7.29
N GLY A 227 -17.73 -9.13 -6.78
CA GLY A 227 -16.46 -9.63 -7.27
C GLY A 227 -15.31 -9.57 -6.28
N PRO A 228 -14.14 -10.12 -6.62
CA PRO A 228 -12.99 -10.09 -5.71
C PRO A 228 -12.39 -8.70 -5.62
N LYS A 229 -11.81 -8.40 -4.46
CA LYS A 229 -11.22 -7.10 -4.20
C LYS A 229 -9.79 -7.22 -3.65
N PHE A 230 -9.17 -6.07 -3.39
CA PHE A 230 -7.83 -6.02 -2.85
C PHE A 230 -7.80 -6.88 -1.60
N GLY A 231 -8.84 -6.73 -0.79
CA GLY A 231 -8.96 -7.50 0.43
C GLY A 231 -10.42 -7.87 0.61
N TYR A 232 -10.88 -7.92 1.86
CA TYR A 232 -12.27 -8.22 2.16
C TYR A 232 -12.79 -9.51 1.53
N GLU A 233 -11.94 -10.55 1.49
CA GLU A 233 -12.34 -11.84 0.91
C GLU A 233 -13.57 -12.42 1.60
N GLU A 234 -13.63 -12.32 2.92
CA GLU A 234 -14.74 -12.88 3.66
C GLU A 234 -16.05 -12.06 3.67
N MET A 235 -16.04 -10.89 3.04
CA MET A 235 -17.22 -10.02 3.00
C MET A 235 -17.92 -10.08 1.64
N ASP A 236 -19.20 -10.37 1.66
CA ASP A 236 -19.96 -10.43 0.42
C ASP A 236 -20.53 -9.08 0.06
N ASN A 237 -19.66 -8.17 -0.35
CA ASN A 237 -20.07 -6.84 -0.75
C ASN A 237 -20.94 -7.06 -1.98
N GLY A 238 -22.13 -6.47 -2.01
CA GLY A 238 -22.99 -6.74 -3.16
C GLY A 238 -23.67 -5.65 -3.95
N TYR A 239 -24.47 -6.08 -4.91
CA TYR A 239 -25.21 -5.18 -5.77
C TYR A 239 -26.68 -5.59 -5.69
N LEU A 240 -27.55 -4.60 -5.88
CA LEU A 240 -28.98 -4.83 -5.84
C LEU A 240 -29.69 -4.00 -6.92
N LYS A 241 -30.40 -4.69 -7.80
CA LYS A 241 -31.17 -4.03 -8.84
C LYS A 241 -32.64 -4.35 -8.54
N MET A 242 -33.47 -3.31 -8.52
CA MET A 242 -34.88 -3.50 -8.24
C MET A 242 -35.70 -3.09 -9.46
N ASP A 243 -36.41 -4.06 -10.04
CA ASP A 243 -37.24 -3.81 -11.22
C ASP A 243 -38.66 -3.40 -10.80
N ASN A 244 -38.87 -2.10 -10.54
CA ASN A 244 -40.17 -1.61 -10.10
C ASN A 244 -40.72 -2.60 -9.09
N TYR A 245 -39.94 -2.82 -8.04
CA TYR A 245 -40.28 -3.74 -6.97
C TYR A 245 -41.24 -3.07 -6.01
N ARG A 246 -42.35 -3.74 -5.70
CA ARG A 246 -43.37 -3.20 -4.80
C ARG A 246 -43.23 -3.69 -3.35
N ILE A 247 -43.47 -2.79 -2.40
CA ILE A 247 -43.41 -3.11 -0.99
C ILE A 247 -44.55 -2.35 -0.31
N PRO A 248 -45.03 -2.84 0.84
CA PRO A 248 -46.10 -2.13 1.53
C PRO A 248 -45.72 -0.69 1.85
N ARG A 249 -46.72 0.15 2.06
CA ARG A 249 -46.49 1.54 2.40
C ARG A 249 -45.88 1.60 3.80
N GLU A 250 -46.25 0.65 4.64
CA GLU A 250 -45.76 0.58 6.02
C GLU A 250 -44.28 0.19 6.15
N ASN A 251 -43.62 -0.07 5.02
CA ASN A 251 -42.21 -0.45 5.04
C ASN A 251 -41.28 0.76 5.02
N MET A 252 -41.85 1.95 4.81
CA MET A 252 -41.05 3.17 4.82
C MET A 252 -40.77 3.56 6.26
N LEU A 253 -39.56 4.02 6.55
CA LEU A 253 -39.25 4.43 7.91
C LEU A 253 -39.79 5.85 8.02
N MET A 254 -40.81 6.02 8.85
CA MET A 254 -41.47 7.30 9.00
C MET A 254 -41.34 8.07 10.32
N LYS A 255 -40.21 7.95 11.01
CA LYS A 255 -40.08 8.68 12.26
C LYS A 255 -39.94 10.18 12.00
N TYR A 256 -39.30 10.54 10.91
CA TYR A 256 -39.09 11.94 10.60
C TYR A 256 -39.98 12.51 9.50
N ALA A 257 -40.29 11.67 8.51
CA ALA A 257 -41.14 12.07 7.42
C ALA A 257 -42.18 10.98 7.25
N GLN A 258 -43.34 11.33 6.69
CA GLN A 258 -44.38 10.32 6.53
C GLN A 258 -45.05 10.46 5.18
N VAL A 259 -45.72 9.40 4.78
CA VAL A 259 -46.46 9.39 3.54
C VAL A 259 -47.83 8.84 3.91
N LYS A 260 -48.83 9.72 3.93
CA LYS A 260 -50.21 9.36 4.25
C LYS A 260 -50.71 8.33 3.25
N PRO A 261 -51.76 7.58 3.60
CA PRO A 261 -52.31 6.58 2.69
C PRO A 261 -52.75 7.18 1.35
N ASP A 262 -53.06 8.48 1.34
CA ASP A 262 -53.50 9.13 0.11
C ASP A 262 -52.35 9.68 -0.73
N GLY A 263 -51.12 9.55 -0.19
CA GLY A 263 -49.95 10.01 -0.91
C GLY A 263 -49.45 11.37 -0.51
N THR A 264 -50.05 11.93 0.54
CA THR A 264 -49.65 13.25 0.99
C THR A 264 -48.38 13.16 1.83
N TYR A 265 -47.39 13.97 1.49
CA TYR A 265 -46.11 14.00 2.19
C TYR A 265 -46.19 14.97 3.37
N VAL A 266 -45.80 14.51 4.55
CA VAL A 266 -45.82 15.37 5.72
C VAL A 266 -44.43 15.56 6.35
N LYS A 267 -44.12 16.82 6.66
CA LYS A 267 -42.85 17.24 7.27
C LYS A 267 -41.60 16.56 6.73
N LYS A 272 -34.15 17.59 14.96
CA LYS A 272 -33.86 17.61 16.43
C LYS A 272 -32.59 16.83 16.72
N LEU A 273 -31.83 17.30 17.71
CA LEU A 273 -30.59 16.63 18.08
C LEU A 273 -30.81 15.83 19.35
N THR A 274 -30.67 14.50 19.26
CA THR A 274 -30.88 13.62 20.41
C THR A 274 -29.70 12.71 20.68
N TYR A 275 -29.71 12.08 21.86
CA TYR A 275 -28.65 11.15 22.22
C TYR A 275 -28.73 10.03 21.18
N GLY A 276 -29.95 9.79 20.70
CA GLY A 276 -30.19 8.76 19.71
C GLY A 276 -29.44 8.98 18.41
N THR A 277 -29.59 10.15 17.80
CA THR A 277 -28.90 10.43 16.53
C THR A 277 -27.39 10.59 16.75
N MET A 278 -27.01 11.03 17.94
CA MET A 278 -25.61 11.20 18.26
C MET A 278 -24.84 9.88 18.21
N VAL A 279 -25.52 8.75 18.46
CA VAL A 279 -24.85 7.46 18.42
C VAL A 279 -24.46 7.11 16.98
N PHE A 280 -25.20 7.67 16.03
CA PHE A 280 -24.93 7.43 14.61
C PHE A 280 -23.81 8.34 14.08
N VAL A 281 -23.59 9.47 14.73
CA VAL A 281 -22.54 10.38 14.29
C VAL A 281 -21.21 9.90 14.85
N ARG A 282 -21.29 9.01 15.83
CA ARG A 282 -20.12 8.43 16.48
C ARG A 282 -19.28 7.67 15.47
N SER A 283 -17.97 7.76 15.63
CA SER A 283 -17.05 7.08 14.73
C SER A 283 -16.02 6.31 15.55
N PHE A 284 -15.53 5.22 14.99
CA PHE A 284 -14.54 4.39 15.67
C PHE A 284 -13.33 4.17 14.77
N LEU A 285 -13.27 4.89 13.65
CA LEU A 285 -12.18 4.71 12.70
C LEU A 285 -10.83 5.22 13.19
N VAL A 286 -10.81 6.20 14.08
CA VAL A 286 -9.57 6.71 14.61
C VAL A 286 -8.95 5.60 15.44
N GLY A 287 -9.78 4.96 16.27
CA GLY A 287 -9.30 3.88 17.10
C GLY A 287 -8.87 2.72 16.21
N ASN A 288 -9.61 2.55 15.12
CA ASN A 288 -9.32 1.49 14.16
C ASN A 288 -7.92 1.73 13.55
N ALA A 289 -7.64 3.00 13.24
CA ALA A 289 -6.35 3.39 12.66
C ALA A 289 -5.26 3.12 13.66
N ALA A 290 -5.45 3.55 14.91
CA ALA A 290 -4.47 3.32 15.97
C ALA A 290 -4.18 1.84 16.10
N GLN A 291 -5.25 1.05 16.21
CA GLN A 291 -5.14 -0.38 16.36
C GLN A 291 -4.40 -1.09 15.24
N SER A 292 -4.76 -0.76 14.00
CA SER A 292 -4.14 -1.38 12.87
C SER A 292 -2.65 -1.05 12.78
N LEU A 293 -2.31 0.19 13.11
CA LEU A 293 -0.92 0.65 13.06
C LEU A 293 -0.15 -0.07 14.16
N SER A 294 -0.81 -0.22 15.31
CA SER A 294 -0.23 -0.90 16.44
C SER A 294 0.11 -2.35 16.10
N LYS A 295 -0.84 -3.06 15.49
CA LYS A 295 -0.62 -4.45 15.11
C LYS A 295 0.59 -4.57 14.18
N ALA A 296 0.67 -3.69 13.18
CA ALA A 296 1.77 -3.68 12.23
C ALA A 296 3.10 -3.42 12.96
N CYS A 297 3.12 -2.41 13.82
CA CYS A 297 4.32 -2.06 14.57
C CYS A 297 4.75 -3.21 15.49
N THR A 298 3.79 -3.87 16.11
CA THR A 298 4.09 -4.98 17.01
C THR A 298 4.81 -6.07 16.22
N ILE A 299 4.29 -6.39 15.05
CA ILE A 299 4.89 -7.41 14.21
C ILE A 299 6.27 -7.01 13.71
N ALA A 300 6.37 -5.81 13.15
CA ALA A 300 7.64 -5.34 12.62
C ALA A 300 8.72 -5.20 13.66
N ILE A 301 8.40 -4.66 14.83
CA ILE A 301 9.38 -4.47 15.87
C ILE A 301 9.85 -5.78 16.50
N ARG A 302 8.93 -6.70 16.80
CA ARG A 302 9.33 -7.97 17.38
C ARG A 302 10.23 -8.67 16.36
N TYR A 303 9.76 -8.74 15.12
CA TYR A 303 10.53 -9.38 14.08
C TYR A 303 11.92 -8.73 13.94
N SER A 304 11.97 -7.41 14.03
CA SER A 304 13.24 -6.69 13.91
C SER A 304 14.16 -7.02 15.08
N ALA A 305 13.60 -7.48 16.20
CA ALA A 305 14.40 -7.85 17.36
C ALA A 305 14.82 -9.31 17.23
N VAL A 306 14.14 -10.04 16.36
CA VAL A 306 14.42 -11.45 16.13
C VAL A 306 15.37 -11.65 14.96
N ARG A 307 15.16 -10.90 13.89
CA ARG A 307 15.95 -10.99 12.68
C ARG A 307 17.36 -10.43 12.81
N ARG A 308 18.35 -11.26 12.51
CA ARG A 308 19.74 -10.82 12.54
C ARG A 308 20.23 -10.85 11.10
N GLN A 309 20.94 -9.82 10.69
CA GLN A 309 21.39 -9.77 9.30
C GLN A 309 22.47 -8.72 9.16
N SER A 310 23.29 -8.88 8.12
CA SER A 310 24.38 -7.95 7.83
C SER A 310 25.25 -7.68 9.05
N GLU A 311 25.90 -6.52 9.07
CA GLU A 311 26.75 -6.19 10.20
C GLU A 311 27.00 -4.70 10.35
N ILE A 312 27.21 -4.30 11.60
CA ILE A 312 27.50 -2.93 11.92
C ILE A 312 29.02 -2.87 11.99
N LYS A 313 29.63 -3.77 12.76
CA LYS A 313 31.08 -3.82 12.86
C LYS A 313 31.59 -5.20 12.46
N GLN A 314 32.47 -5.24 11.47
CA GLN A 314 33.05 -6.47 10.95
C GLN A 314 33.49 -7.47 12.02
N SER A 315 33.92 -6.97 13.17
CA SER A 315 34.39 -7.84 14.26
C SER A 315 33.30 -8.56 15.04
N GLU A 316 32.10 -7.99 15.10
CA GLU A 316 30.99 -8.60 15.84
C GLU A 316 30.08 -9.45 14.96
N PRO A 317 29.28 -10.35 15.58
CA PRO A 317 28.36 -11.20 14.82
C PRO A 317 27.13 -10.41 14.35
N GLU A 318 26.46 -10.92 13.32
CA GLU A 318 25.28 -10.25 12.78
C GLU A 318 24.37 -9.75 13.90
N PRO A 319 24.15 -8.42 13.94
CA PRO A 319 23.29 -7.85 14.98
C PRO A 319 21.82 -7.95 14.62
N GLN A 320 20.97 -7.63 15.58
CA GLN A 320 19.53 -7.63 15.34
C GLN A 320 19.34 -6.46 14.38
N ILE A 321 18.46 -6.59 13.40
CA ILE A 321 18.30 -5.48 12.47
C ILE A 321 17.74 -4.25 13.16
N LEU A 322 17.19 -4.42 14.35
CA LEU A 322 16.67 -3.27 15.08
C LEU A 322 17.82 -2.41 15.63
N ASP A 323 19.06 -2.86 15.42
CA ASP A 323 20.22 -2.10 15.87
C ASP A 323 20.60 -1.05 14.83
N PHE A 324 20.14 -1.24 13.60
CA PHE A 324 20.43 -0.28 12.52
C PHE A 324 19.59 0.96 12.73
N GLN A 325 20.23 2.12 12.60
CA GLN A 325 19.56 3.40 12.77
C GLN A 325 18.42 3.55 11.78
N THR A 326 18.65 3.14 10.54
CA THR A 326 17.62 3.23 9.53
C THR A 326 16.42 2.37 9.90
N GLN A 327 16.66 1.26 10.59
CA GLN A 327 15.56 0.38 10.97
C GLN A 327 14.72 1.08 12.04
N GLN A 328 15.39 1.65 13.04
CA GLN A 328 14.74 2.37 14.12
C GLN A 328 13.99 3.61 13.59
N TYR A 329 14.54 4.24 12.57
CA TYR A 329 13.94 5.43 11.98
C TYR A 329 12.66 5.07 11.24
N LYS A 330 12.63 3.88 10.64
CA LYS A 330 11.44 3.42 9.92
C LYS A 330 10.32 3.08 10.89
N LEU A 331 10.66 2.42 11.99
CA LEU A 331 9.66 1.95 12.94
C LEU A 331 9.33 2.74 14.21
N PHE A 332 10.30 3.35 14.86
CA PHE A 332 9.97 4.07 16.09
C PHE A 332 9.05 5.29 15.92
N PRO A 333 9.16 6.00 14.79
CA PRO A 333 8.26 7.16 14.63
C PRO A 333 6.83 6.64 14.42
N LEU A 334 6.69 5.46 13.83
CA LEU A 334 5.36 4.89 13.62
C LEU A 334 4.80 4.35 14.94
N LEU A 335 5.68 3.83 15.79
CA LEU A 335 5.26 3.31 17.08
C LEU A 335 4.76 4.51 17.90
N ALA A 336 5.48 5.63 17.80
CA ALA A 336 5.07 6.82 18.54
C ALA A 336 3.73 7.32 17.96
N THR A 337 3.54 7.17 16.64
CA THR A 337 2.32 7.58 15.97
C THR A 337 1.18 6.70 16.43
N ALA A 338 1.44 5.40 16.54
CA ALA A 338 0.43 4.45 16.98
C ALA A 338 -0.09 4.92 18.33
N TYR A 339 0.80 5.23 19.25
CA TYR A 339 0.37 5.69 20.56
C TYR A 339 -0.38 7.01 20.49
N ALA A 340 0.10 7.93 19.67
CA ALA A 340 -0.56 9.22 19.54
C ALA A 340 -1.99 9.04 19.08
N PHE A 341 -2.20 8.14 18.13
CA PHE A 341 -3.53 7.91 17.63
C PHE A 341 -4.44 7.26 18.66
N HIS A 342 -3.87 6.45 19.55
CA HIS A 342 -4.68 5.82 20.59
C HIS A 342 -5.19 6.89 21.53
N PHE A 343 -4.33 7.85 21.85
CA PHE A 343 -4.73 8.89 22.79
C PHE A 343 -5.75 9.84 22.19
N VAL A 344 -5.65 10.05 20.88
CA VAL A 344 -6.57 10.90 20.14
C VAL A 344 -7.93 10.18 20.10
N GLY A 345 -7.90 8.88 19.83
CA GLY A 345 -9.13 8.11 19.78
C GLY A 345 -9.84 8.12 21.11
N ARG A 346 -9.07 8.18 22.20
CA ARG A 346 -9.66 8.19 23.51
C ARG A 346 -10.20 9.59 23.79
N TYR A 347 -9.52 10.60 23.27
CA TYR A 347 -9.94 11.98 23.45
C TYR A 347 -11.31 12.17 22.78
N MET A 348 -11.46 11.62 21.58
CA MET A 348 -12.71 11.71 20.84
C MET A 348 -13.84 11.05 21.62
N LYS A 349 -13.56 9.92 22.24
CA LYS A 349 -14.57 9.21 23.03
C LYS A 349 -14.99 10.15 24.15
N GLU A 350 -14.01 10.74 24.82
CA GLU A 350 -14.29 11.67 25.91
C GLU A 350 -15.17 12.81 25.39
N THR A 351 -14.84 13.33 24.22
CA THR A 351 -15.57 14.43 23.64
C THR A 351 -17.04 14.09 23.37
N TYR A 352 -17.31 12.93 22.79
CA TYR A 352 -18.69 12.53 22.53
C TYR A 352 -19.46 12.61 23.85
N LEU A 353 -18.88 12.08 24.92
CA LEU A 353 -19.52 12.10 26.23
C LEU A 353 -19.69 13.52 26.78
N ARG A 354 -18.74 14.40 26.47
CA ARG A 354 -18.82 15.78 26.94
C ARG A 354 -19.91 16.49 26.16
N ILE A 355 -19.99 16.20 24.87
CA ILE A 355 -20.99 16.80 24.00
C ILE A 355 -22.42 16.41 24.41
N ASN A 356 -22.64 15.17 24.80
CA ASN A 356 -23.98 14.80 25.22
C ASN A 356 -24.42 15.60 26.43
N GLU A 357 -23.52 15.85 27.36
CA GLU A 357 -23.86 16.64 28.54
C GLU A 357 -24.21 18.06 28.11
N SER A 358 -23.53 18.56 27.09
CA SER A 358 -23.82 19.90 26.62
C SER A 358 -25.22 19.93 26.01
N ILE A 359 -25.49 18.99 25.11
CA ILE A 359 -26.80 18.90 24.46
C ILE A 359 -27.89 18.82 25.52
N GLY A 360 -27.65 18.04 26.57
CA GLY A 360 -28.62 17.88 27.64
C GLY A 360 -28.85 19.18 28.40
N GLN A 361 -27.98 20.16 28.18
CA GLN A 361 -28.12 21.46 28.84
C GLN A 361 -28.60 22.49 27.82
N GLY A 362 -28.89 22.02 26.61
CA GLY A 362 -29.36 22.90 25.55
C GLY A 362 -28.26 23.63 24.80
N ASP A 363 -27.02 23.22 25.01
CA ASP A 363 -25.86 23.85 24.36
C ASP A 363 -25.37 23.06 23.15
N LEU A 364 -25.71 23.53 21.95
CA LEU A 364 -25.29 22.87 20.72
C LEU A 364 -24.18 23.62 20.05
N SER A 365 -23.52 24.50 20.81
CA SER A 365 -22.47 25.35 20.27
C SER A 365 -21.21 24.64 19.75
N GLU A 366 -20.79 23.56 20.40
CA GLU A 366 -19.59 22.86 19.94
C GLU A 366 -19.84 21.78 18.90
N LEU A 367 -21.07 21.68 18.41
CA LEU A 367 -21.39 20.66 17.41
C LEU A 367 -20.69 20.86 16.07
N PRO A 368 -20.61 22.11 15.59
CA PRO A 368 -19.94 22.38 14.31
C PRO A 368 -18.47 21.93 14.32
N GLU A 369 -17.79 22.18 15.43
CA GLU A 369 -16.39 21.83 15.55
C GLU A 369 -16.25 20.32 15.66
N LEU A 370 -17.18 19.69 16.37
CA LEU A 370 -17.14 18.24 16.53
C LEU A 370 -17.19 17.58 15.17
N HIS A 371 -18.16 17.97 14.36
CA HIS A 371 -18.30 17.40 13.03
C HIS A 371 -17.10 17.67 12.13
N ALA A 372 -16.47 18.82 12.30
CA ALA A 372 -15.30 19.14 11.49
C ALA A 372 -14.08 18.35 11.97
N LEU A 373 -13.89 18.30 13.29
CA LEU A 373 -12.77 17.56 13.87
C LEU A 373 -12.89 16.06 13.60
N THR A 374 -14.13 15.55 13.60
CA THR A 374 -14.38 14.14 13.34
C THR A 374 -14.02 13.79 11.91
N ALA A 375 -14.43 14.64 10.97
CA ALA A 375 -14.11 14.37 9.58
C ALA A 375 -12.60 14.51 9.38
N GLY A 376 -12.01 15.49 10.05
CA GLY A 376 -10.58 15.74 9.94
C GLY A 376 -9.69 14.66 10.52
N LEU A 377 -9.95 14.25 11.76
CA LEU A 377 -9.13 13.23 12.38
C LEU A 377 -9.23 11.91 11.62
N LYS A 378 -10.45 11.59 11.19
CA LYS A 378 -10.68 10.36 10.44
C LYS A 378 -9.77 10.31 9.22
N ALA A 379 -9.70 11.40 8.47
CA ALA A 379 -8.86 11.45 7.26
C ALA A 379 -7.37 11.47 7.61
N PHE A 380 -6.99 12.29 8.59
CA PHE A 380 -5.60 12.41 9.02
C PHE A 380 -5.04 11.08 9.54
N THR A 381 -5.75 10.45 10.46
CA THR A 381 -5.27 9.21 11.03
C THR A 381 -5.30 8.02 10.07
N THR A 382 -6.38 7.88 9.28
CA THR A 382 -6.46 6.77 8.35
C THR A 382 -5.37 6.81 7.27
N TRP A 383 -5.10 7.99 6.70
CA TRP A 383 -4.07 8.13 5.68
C TRP A 383 -2.69 7.82 6.26
N THR A 384 -2.40 8.38 7.45
CA THR A 384 -1.12 8.18 8.10
C THR A 384 -0.95 6.70 8.47
N ALA A 385 -1.95 6.11 9.12
CA ALA A 385 -1.87 4.70 9.49
C ALA A 385 -1.72 3.84 8.25
N ASN A 386 -2.43 4.19 7.19
CA ASN A 386 -2.36 3.43 5.96
C ASN A 386 -0.91 3.26 5.51
N ALA A 387 -0.23 4.38 5.27
CA ALA A 387 1.15 4.36 4.82
C ALA A 387 2.07 3.65 5.84
N GLY A 388 1.82 3.90 7.12
CA GLY A 388 2.61 3.31 8.18
C GLY A 388 2.57 1.79 8.20
N ILE A 389 1.41 1.23 7.89
CA ILE A 389 1.29 -0.21 7.87
C ILE A 389 2.21 -0.84 6.81
N GLU A 390 2.24 -0.24 5.62
CA GLU A 390 3.10 -0.74 4.53
C GLU A 390 4.58 -0.56 4.82
N GLU A 391 4.94 0.48 5.57
CA GLU A 391 6.34 0.68 5.93
C GLU A 391 6.73 -0.49 6.83
N CYS A 392 5.88 -0.80 7.80
CA CYS A 392 6.11 -1.91 8.72
C CYS A 392 6.34 -3.21 7.95
N ARG A 393 5.53 -3.41 6.92
CA ARG A 393 5.60 -4.60 6.09
C ARG A 393 6.96 -4.65 5.37
N MET A 394 7.32 -3.57 4.68
CA MET A 394 8.58 -3.53 3.96
C MET A 394 9.79 -3.55 4.91
N ALA A 395 9.60 -3.12 6.15
CA ALA A 395 10.68 -3.09 7.11
C ALA A 395 11.07 -4.51 7.50
N CYS A 396 10.18 -5.47 7.22
CA CYS A 396 10.42 -6.88 7.54
C CYS A 396 11.19 -7.59 6.42
N GLY A 397 11.54 -6.86 5.38
CA GLY A 397 12.25 -7.47 4.27
C GLY A 397 11.33 -8.38 3.49
N GLY A 398 11.91 -9.38 2.81
CA GLY A 398 11.12 -10.29 2.00
C GLY A 398 10.01 -11.04 2.71
N HIS A 399 10.28 -11.45 3.94
CA HIS A 399 9.31 -12.21 4.72
C HIS A 399 8.05 -11.40 5.02
N GLY A 400 8.18 -10.08 4.96
CA GLY A 400 7.01 -9.26 5.23
C GLY A 400 6.01 -9.46 4.12
N TYR A 401 6.50 -9.77 2.93
CA TYR A 401 5.64 -9.97 1.76
C TYR A 401 4.77 -11.22 1.85
N SER A 402 5.20 -12.19 2.64
CA SER A 402 4.43 -13.43 2.80
C SER A 402 3.29 -13.20 3.78
N HIS A 403 2.17 -13.90 3.56
CA HIS A 403 1.03 -13.76 4.47
C HIS A 403 1.39 -14.21 5.87
N SER A 404 2.54 -14.85 6.03
CA SER A 404 2.97 -15.28 7.35
C SER A 404 3.41 -14.11 8.21
N SER A 405 3.66 -12.95 7.61
CA SER A 405 4.05 -11.79 8.39
C SER A 405 2.80 -11.27 9.07
N GLY A 406 1.67 -11.49 8.39
CA GLY A 406 0.38 -11.03 8.88
C GLY A 406 0.05 -9.62 8.45
N ILE A 407 1.07 -8.88 7.99
CA ILE A 407 0.86 -7.49 7.59
C ILE A 407 0.05 -7.26 6.31
N PRO A 408 0.24 -8.06 5.27
CA PRO A 408 -0.58 -7.80 4.08
C PRO A 408 -2.09 -7.87 4.38
N ASN A 409 -2.51 -8.76 5.27
CA ASN A 409 -3.93 -8.85 5.60
C ASN A 409 -4.40 -7.61 6.40
N ILE A 410 -3.57 -7.15 7.33
CA ILE A 410 -3.88 -5.97 8.12
C ILE A 410 -4.08 -4.76 7.19
N TYR A 411 -3.15 -4.58 6.25
CA TYR A 411 -3.20 -3.45 5.32
C TYR A 411 -4.42 -3.48 4.41
N VAL A 412 -4.65 -4.64 3.84
CA VAL A 412 -5.74 -4.89 2.91
C VAL A 412 -7.10 -4.77 3.66
N THR A 413 -7.09 -5.14 4.93
CA THR A 413 -8.29 -5.05 5.73
C THR A 413 -8.56 -3.58 6.16
N PHE A 414 -7.50 -2.86 6.52
CA PHE A 414 -7.64 -1.49 6.95
C PHE A 414 -7.79 -0.41 5.89
N THR A 415 -7.05 -0.53 4.79
CA THR A 415 -7.07 0.52 3.76
C THR A 415 -8.41 1.11 3.30
N PRO A 416 -9.50 0.32 3.21
CA PRO A 416 -10.71 1.01 2.75
C PRO A 416 -11.25 2.04 3.77
N ALA A 417 -10.66 2.09 4.97
CA ALA A 417 -11.08 3.08 5.96
C ALA A 417 -10.85 4.49 5.44
N CYS A 418 -9.98 4.63 4.43
CA CYS A 418 -9.71 5.92 3.82
C CYS A 418 -10.92 6.29 2.92
N THR A 419 -11.86 5.37 2.76
CA THR A 419 -13.06 5.56 1.95
C THR A 419 -14.34 5.59 2.80
N PHE A 420 -14.35 4.81 3.88
CA PHE A 420 -15.48 4.72 4.79
C PHE A 420 -15.77 6.05 5.44
N GLU A 421 -17.05 6.28 5.75
CA GLU A 421 -17.49 7.51 6.39
C GLU A 421 -16.96 8.75 5.69
N GLY A 422 -16.99 8.71 4.36
CA GLY A 422 -16.53 9.84 3.58
C GLY A 422 -15.12 9.79 3.05
N GLU A 423 -14.97 10.04 1.75
CA GLU A 423 -13.67 10.06 1.10
C GLU A 423 -12.77 10.98 1.90
N ASN A 424 -11.52 10.56 2.14
CA ASN A 424 -10.62 11.37 2.93
C ASN A 424 -10.45 12.80 2.42
N THR A 425 -10.31 12.97 1.12
CA THR A 425 -10.16 14.31 0.58
C THR A 425 -11.42 15.14 0.83
N VAL A 426 -12.57 14.54 0.59
CA VAL A 426 -13.84 15.23 0.82
C VAL A 426 -13.95 15.61 2.29
N MET A 427 -13.58 14.68 3.18
CA MET A 427 -13.65 14.97 4.60
C MET A 427 -12.71 16.11 4.99
N MET A 428 -11.50 16.14 4.44
CA MET A 428 -10.58 17.23 4.74
C MET A 428 -11.18 18.58 4.28
N LEU A 429 -11.86 18.56 3.14
CA LEU A 429 -12.47 19.77 2.60
C LEU A 429 -13.64 20.22 3.48
N GLN A 430 -14.26 19.26 4.16
CA GLN A 430 -15.35 19.56 5.06
C GLN A 430 -14.76 20.28 6.27
N THR A 431 -13.62 19.79 6.74
CA THR A 431 -12.96 20.40 7.88
C THR A 431 -12.51 21.82 7.54
N ALA A 432 -12.15 22.02 6.28
CA ALA A 432 -11.70 23.32 5.80
C ALA A 432 -12.88 24.32 5.73
N ARG A 433 -14.08 23.84 5.42
CA ARG A 433 -15.24 24.75 5.37
C ARG A 433 -15.39 25.37 6.75
N PHE A 434 -15.26 24.55 7.78
CA PHE A 434 -15.37 25.01 9.16
C PHE A 434 -14.22 25.95 9.53
N LEU A 435 -13.01 25.62 9.10
CA LEU A 435 -11.87 26.45 9.43
C LEU A 435 -12.01 27.82 8.77
N MET A 436 -12.50 27.85 7.53
CA MET A 436 -12.69 29.12 6.82
C MET A 436 -13.81 29.91 7.51
N LYS A 437 -14.89 29.22 7.87
CA LYS A 437 -16.01 29.87 8.55
C LYS A 437 -15.55 30.55 9.85
N ILE A 438 -14.77 29.84 10.66
CA ILE A 438 -14.29 30.42 11.92
C ILE A 438 -13.32 31.57 11.65
N TYR A 439 -12.52 31.43 10.60
CA TYR A 439 -11.56 32.46 10.22
C TYR A 439 -12.33 33.73 9.84
N ASP A 440 -13.37 33.59 9.03
CA ASP A 440 -14.17 34.75 8.62
C ASP A 440 -14.74 35.42 9.86
N GLN A 441 -15.21 34.62 10.81
CA GLN A 441 -15.77 35.15 12.05
C GLN A 441 -14.77 36.00 12.82
N VAL A 442 -13.56 35.47 13.02
CA VAL A 442 -12.53 36.22 13.74
C VAL A 442 -12.24 37.52 12.99
N ARG A 443 -12.34 37.44 11.66
CA ARG A 443 -12.09 38.55 10.75
C ARG A 443 -13.10 39.67 10.99
N SER A 444 -14.33 39.29 11.34
CA SER A 444 -15.39 40.26 11.56
C SER A 444 -15.51 40.71 13.02
N GLY A 445 -14.52 40.38 13.85
CA GLY A 445 -14.57 40.81 15.24
C GLY A 445 -15.04 39.86 16.33
N LYS A 446 -15.16 38.58 16.03
CA LYS A 446 -15.60 37.63 17.06
C LYS A 446 -14.43 36.83 17.62
N LEU A 447 -14.38 36.68 18.95
CA LEU A 447 -13.34 35.87 19.59
C LEU A 447 -13.84 34.44 19.50
N VAL A 448 -13.03 33.54 18.96
CA VAL A 448 -13.47 32.16 18.86
C VAL A 448 -12.84 31.27 19.92
N GLY A 449 -13.51 30.16 20.22
CA GLY A 449 -13.01 29.24 21.22
C GLY A 449 -12.84 27.85 20.64
N GLY A 450 -12.37 26.91 21.47
CA GLY A 450 -12.17 25.55 20.99
C GLY A 450 -10.72 25.29 20.62
N MET A 451 -10.47 24.19 19.92
CA MET A 451 -9.10 23.84 19.51
C MET A 451 -8.63 24.87 18.49
N VAL A 452 -9.58 25.53 17.86
CA VAL A 452 -9.30 26.52 16.83
C VAL A 452 -9.18 27.95 17.36
N SER A 453 -9.00 28.11 18.68
CA SER A 453 -8.90 29.45 19.23
C SER A 453 -7.60 30.17 18.85
N TYR A 454 -6.64 29.41 18.33
CA TYR A 454 -5.37 30.00 17.92
C TYR A 454 -5.59 31.00 16.78
N LEU A 455 -6.72 30.88 16.09
CA LEU A 455 -7.03 31.79 15.00
C LEU A 455 -7.16 33.22 15.54
N ASN A 456 -7.50 33.36 16.81
CA ASN A 456 -7.63 34.70 17.40
C ASN A 456 -6.28 35.40 17.35
N ASP A 457 -5.21 34.65 17.16
CA ASP A 457 -3.89 35.25 17.14
C ASP A 457 -3.34 35.54 15.75
N LEU A 458 -4.17 35.40 14.72
CA LEU A 458 -3.76 35.73 13.37
C LEU A 458 -3.89 37.26 13.28
N PRO A 459 -3.26 37.88 12.27
CA PRO A 459 -2.43 37.28 11.23
C PRO A 459 -1.03 36.87 11.70
N SER A 460 -0.40 36.02 10.93
CA SER A 460 0.95 35.53 11.24
C SER A 460 1.91 36.68 11.48
N VAL A 475 10.19 30.14 19.06
CA VAL A 475 9.69 29.02 19.91
C VAL A 475 10.84 28.15 20.41
N ASP A 476 10.72 27.65 21.63
CA ASP A 476 11.73 26.78 22.25
C ASP A 476 11.46 25.36 21.75
N ILE A 477 12.25 24.91 20.81
CA ILE A 477 12.08 23.58 20.22
C ILE A 477 12.52 22.42 21.10
N ASN A 478 12.88 22.71 22.35
CA ASN A 478 13.34 21.66 23.27
C ASN A 478 12.29 21.10 24.22
N SER A 479 11.28 21.91 24.55
CA SER A 479 10.22 21.47 25.47
C SER A 479 8.94 21.06 24.78
N LEU A 480 8.11 20.28 25.47
CA LEU A 480 6.83 19.83 24.93
C LEU A 480 5.90 21.01 24.67
N GLU A 481 5.98 22.02 25.52
CA GLU A 481 5.13 23.20 25.36
C GLU A 481 5.53 23.96 24.11
N GLY A 482 6.84 24.13 23.92
CA GLY A 482 7.34 24.84 22.76
C GLY A 482 7.07 24.09 21.46
N LEU A 483 7.02 22.77 21.54
CA LEU A 483 6.74 21.96 20.36
C LEU A 483 5.26 22.00 20.02
N THR A 484 4.41 22.04 21.05
CA THR A 484 2.97 22.11 20.84
C THR A 484 2.69 23.49 20.22
N GLU A 485 3.30 24.52 20.77
CA GLU A 485 3.13 25.88 20.26
C GLU A 485 3.53 25.97 18.78
N ALA A 486 4.63 25.31 18.42
CA ALA A 486 5.11 25.34 17.05
C ALA A 486 4.09 24.75 16.10
N TYR A 487 3.41 23.67 16.52
CA TYR A 487 2.39 23.04 15.69
C TYR A 487 1.17 23.96 15.59
N LYS A 488 0.82 24.58 16.71
CA LYS A 488 -0.31 25.51 16.77
C LYS A 488 -0.07 26.63 15.76
N LEU A 489 1.12 27.23 15.81
CA LEU A 489 1.48 28.33 14.91
C LEU A 489 1.52 27.88 13.46
N ARG A 490 1.88 26.62 13.22
CA ARG A 490 1.95 26.11 11.85
C ARG A 490 0.53 25.93 11.32
N ALA A 491 -0.38 25.50 12.18
CA ALA A 491 -1.76 25.30 11.77
C ALA A 491 -2.32 26.70 11.42
N ALA A 492 -2.12 27.65 12.32
CA ALA A 492 -2.60 29.01 12.08
C ALA A 492 -2.09 29.50 10.72
N ARG A 493 -0.79 29.31 10.48
CA ARG A 493 -0.19 29.77 9.23
C ARG A 493 -0.82 29.19 7.97
N LEU A 494 -1.03 27.88 7.94
CA LEU A 494 -1.62 27.22 6.78
C LEU A 494 -3.08 27.63 6.56
N VAL A 495 -3.81 27.86 7.64
CA VAL A 495 -5.20 28.29 7.53
C VAL A 495 -5.18 29.69 6.89
N GLU A 496 -4.28 30.53 7.38
CA GLU A 496 -4.14 31.87 6.85
C GLU A 496 -3.83 31.86 5.36
N ILE A 497 -2.89 31.00 4.96
CA ILE A 497 -2.53 30.90 3.56
C ILE A 497 -3.73 30.49 2.71
N ALA A 498 -4.49 29.51 3.16
CA ALA A 498 -5.66 29.08 2.42
C ALA A 498 -6.71 30.22 2.34
N ALA A 499 -6.99 30.86 3.47
CA ALA A 499 -7.98 31.94 3.48
C ALA A 499 -7.65 33.05 2.46
N LYS A 500 -6.44 33.60 2.57
CA LYS A 500 -5.96 34.64 1.67
C LYS A 500 -6.06 34.23 0.22
N ASN A 501 -5.57 33.04 -0.08
CA ASN A 501 -5.61 32.54 -1.45
C ASN A 501 -7.04 32.42 -1.91
N LEU A 502 -7.93 32.05 -0.99
CA LEU A 502 -9.34 31.92 -1.33
C LEU A 502 -9.91 33.30 -1.68
N GLN A 503 -9.62 34.30 -0.85
CA GLN A 503 -10.14 35.65 -1.09
C GLN A 503 -9.59 36.26 -2.38
N THR A 504 -8.39 35.86 -2.78
CA THR A 504 -7.80 36.40 -4.00
C THR A 504 -8.59 35.96 -5.23
N HIS A 505 -9.12 34.74 -5.20
CA HIS A 505 -9.91 34.26 -6.33
C HIS A 505 -11.29 34.92 -6.29
N VAL A 506 -11.87 34.99 -5.09
CA VAL A 506 -13.17 35.61 -4.93
C VAL A 506 -13.10 37.07 -5.38
N SER A 507 -12.15 37.82 -4.84
CA SER A 507 -11.99 39.23 -5.19
C SER A 507 -11.56 39.43 -6.64
N HIS A 508 -11.55 38.34 -7.40
CA HIS A 508 -11.20 38.40 -8.82
C HIS A 508 -12.48 38.14 -9.59
N ARG A 509 -13.61 38.33 -8.90
CA ARG A 509 -14.95 38.16 -9.47
C ARG A 509 -15.38 36.72 -9.77
N LYS A 510 -14.56 35.74 -9.38
CA LYS A 510 -14.91 34.35 -9.63
C LYS A 510 -15.97 33.86 -8.64
N SER A 511 -16.81 32.95 -9.10
CA SER A 511 -17.87 32.38 -8.27
C SER A 511 -17.27 31.67 -7.07
N LYS A 512 -17.85 31.87 -5.89
CA LYS A 512 -17.38 31.26 -4.65
C LYS A 512 -17.01 29.77 -4.83
N GLU A 513 -17.69 29.10 -5.73
CA GLU A 513 -17.43 27.69 -5.99
C GLU A 513 -16.14 27.46 -6.78
N VAL A 514 -15.95 28.21 -7.84
CA VAL A 514 -14.73 28.05 -8.64
C VAL A 514 -13.54 28.41 -7.76
N ALA A 515 -13.73 29.42 -6.92
CA ALA A 515 -12.68 29.86 -6.02
C ALA A 515 -12.31 28.69 -5.10
N TRP A 516 -13.33 28.04 -4.56
CA TRP A 516 -13.14 26.92 -3.66
C TRP A 516 -12.28 25.82 -4.29
N ASN A 517 -12.64 25.41 -5.50
CA ASN A 517 -11.90 24.39 -6.21
C ASN A 517 -10.43 24.78 -6.38
N LEU A 518 -10.21 25.98 -6.90
CA LEU A 518 -8.86 26.49 -7.16
C LEU A 518 -8.04 26.74 -5.89
N THR A 519 -8.66 26.54 -4.72
CA THR A 519 -7.94 26.73 -3.48
C THR A 519 -8.00 25.42 -2.70
N SER A 520 -8.59 24.38 -3.29
CA SER A 520 -8.77 23.11 -2.59
C SER A 520 -7.51 22.43 -2.05
N VAL A 521 -6.43 22.43 -2.83
CA VAL A 521 -5.21 21.80 -2.38
C VAL A 521 -4.76 22.52 -1.11
N ASP A 522 -4.74 23.84 -1.15
CA ASP A 522 -4.35 24.62 0.03
C ASP A 522 -5.27 24.34 1.20
N LEU A 523 -6.57 24.25 0.94
CA LEU A 523 -7.55 24.01 2.00
C LEU A 523 -7.35 22.66 2.68
N VAL A 524 -7.09 21.62 1.90
CA VAL A 524 -6.84 20.31 2.48
C VAL A 524 -5.62 20.39 3.41
N ARG A 525 -4.58 21.12 2.97
CA ARG A 525 -3.36 21.27 3.77
C ARG A 525 -3.62 21.99 5.09
N ALA A 526 -4.60 22.89 5.11
CA ALA A 526 -4.92 23.59 6.33
C ALA A 526 -5.56 22.63 7.30
N SER A 527 -6.47 21.81 6.80
CA SER A 527 -7.15 20.84 7.65
C SER A 527 -6.13 19.85 8.22
N GLU A 528 -5.20 19.43 7.36
CA GLU A 528 -4.15 18.50 7.78
C GLU A 528 -3.35 19.10 8.92
N ALA A 529 -2.85 20.32 8.72
CA ALA A 529 -2.06 20.99 9.74
C ALA A 529 -2.87 21.16 11.01
N HIS A 530 -4.16 21.47 10.87
CA HIS A 530 -5.00 21.64 12.05
C HIS A 530 -5.06 20.34 12.85
N CYS A 531 -5.38 19.25 12.17
CA CYS A 531 -5.48 17.94 12.81
C CYS A 531 -4.18 17.45 13.44
N HIS A 532 -3.07 17.67 12.75
CA HIS A 532 -1.77 17.26 13.29
C HIS A 532 -1.56 17.99 14.61
N TYR A 533 -1.88 19.28 14.64
CA TYR A 533 -1.75 20.05 15.86
C TYR A 533 -2.61 19.46 16.97
N VAL A 534 -3.81 19.01 16.62
CA VAL A 534 -4.69 18.42 17.63
C VAL A 534 -4.09 17.14 18.22
N VAL A 535 -3.54 16.28 17.38
CA VAL A 535 -2.94 15.04 17.89
C VAL A 535 -1.81 15.38 18.87
N VAL A 536 -0.92 16.27 18.45
CA VAL A 536 0.20 16.68 19.29
C VAL A 536 -0.26 17.23 20.63
N LYS A 537 -1.24 18.11 20.61
CA LYS A 537 -1.72 18.67 21.86
C LYS A 537 -2.32 17.60 22.76
N VAL A 538 -3.11 16.71 22.17
CA VAL A 538 -3.73 15.65 22.97
C VAL A 538 -2.68 14.72 23.60
N PHE A 539 -1.66 14.37 22.80
CA PHE A 539 -0.60 13.49 23.30
C PHE A 539 0.09 14.20 24.46
N SER A 540 0.50 15.45 24.24
CA SER A 540 1.16 16.22 25.28
C SER A 540 0.30 16.38 26.54
N ASP A 541 -1.00 16.62 26.38
CA ASP A 541 -1.87 16.77 27.55
C ASP A 541 -1.99 15.48 28.37
N LYS A 542 -1.80 14.35 27.72
CA LYS A 542 -1.89 13.06 28.40
C LYS A 542 -0.79 12.83 29.45
N LEU A 543 0.45 13.19 29.10
CA LEU A 543 1.61 12.99 29.97
C LEU A 543 1.49 13.35 31.46
N PRO A 544 1.20 14.61 31.78
CA PRO A 544 1.09 14.97 33.20
C PRO A 544 0.08 14.14 34.01
N LYS A 545 -0.78 13.41 33.32
CA LYS A 545 -1.76 12.60 34.03
C LYS A 545 -1.28 11.17 34.27
N ILE A 546 -0.08 10.83 33.81
CA ILE A 546 0.44 9.46 34.02
C ILE A 546 1.01 9.37 35.44
N GLN A 547 0.46 8.46 36.24
CA GLN A 547 0.91 8.33 37.64
C GLN A 547 2.28 7.67 37.78
N ASP A 548 2.50 6.59 37.04
CA ASP A 548 3.77 5.87 37.10
C ASP A 548 4.87 6.65 36.36
N LYS A 549 5.91 7.06 37.09
CA LYS A 549 7.00 7.85 36.52
C LYS A 549 7.76 7.22 35.36
N ALA A 550 7.97 5.91 35.42
CA ALA A 550 8.67 5.20 34.36
C ALA A 550 7.82 5.18 33.10
N VAL A 551 6.54 4.87 33.23
CA VAL A 551 5.63 4.85 32.08
C VAL A 551 5.58 6.25 31.47
N GLN A 552 5.51 7.26 32.33
CA GLN A 552 5.44 8.65 31.88
C GLN A 552 6.68 9.02 31.09
N ALA A 553 7.84 8.58 31.59
CA ALA A 553 9.09 8.88 30.92
C ALA A 553 9.16 8.33 29.50
N VAL A 554 8.70 7.10 29.30
CA VAL A 554 8.76 6.49 27.98
C VAL A 554 7.77 7.14 27.01
N LEU A 555 6.54 7.32 27.46
CA LEU A 555 5.50 7.94 26.64
C LEU A 555 5.94 9.36 26.28
N ARG A 556 6.68 10.00 27.19
CA ARG A 556 7.18 11.33 26.91
C ARG A 556 8.14 11.28 25.72
N ASN A 557 9.06 10.31 25.73
CA ASN A 557 10.03 10.12 24.64
C ASN A 557 9.29 9.87 23.33
N LEU A 558 8.22 9.06 23.40
CA LEU A 558 7.44 8.79 22.22
C LEU A 558 6.74 10.06 21.78
N CYS A 559 6.26 10.85 22.74
CA CYS A 559 5.57 12.10 22.42
C CYS A 559 6.55 13.06 21.74
N LEU A 560 7.75 13.18 22.30
CA LEU A 560 8.76 14.06 21.72
C LEU A 560 9.13 13.61 20.32
N LEU A 561 9.19 12.31 20.10
CA LEU A 561 9.53 11.79 18.79
C LEU A 561 8.44 12.07 17.77
N TYR A 562 7.18 11.89 18.17
CA TYR A 562 6.05 12.12 17.26
C TYR A 562 6.08 13.56 16.76
N SER A 563 6.19 14.51 17.68
CA SER A 563 6.18 15.90 17.29
C SER A 563 7.44 16.34 16.54
N LEU A 564 8.63 15.98 17.05
CA LEU A 564 9.86 16.37 16.36
C LEU A 564 9.89 15.81 14.95
N TYR A 565 9.47 14.55 14.81
CA TYR A 565 9.44 13.89 13.52
C TYR A 565 8.48 14.59 12.54
N GLY A 566 7.35 15.08 13.04
CA GLY A 566 6.42 15.77 12.16
C GLY A 566 7.04 17.06 11.64
N ILE A 567 7.82 17.71 12.50
CA ILE A 567 8.49 18.96 12.15
C ILE A 567 9.52 18.71 11.04
N SER A 568 10.25 17.59 11.14
CA SER A 568 11.24 17.25 10.13
C SER A 568 10.57 16.84 8.82
N GLN A 569 9.47 16.09 8.92
CA GLN A 569 8.74 15.65 7.74
C GLN A 569 8.23 16.80 6.89
N LYS A 570 7.86 17.91 7.54
CA LYS A 570 7.35 19.08 6.83
C LYS A 570 8.10 20.35 7.25
N GLY A 571 9.43 20.24 7.31
CA GLY A 571 10.26 21.36 7.70
C GLY A 571 9.87 22.65 7.01
N GLY A 572 9.55 22.56 5.72
CA GLY A 572 9.16 23.71 4.92
C GLY A 572 8.02 24.54 5.49
N ASP A 573 7.07 23.88 6.13
CA ASP A 573 5.94 24.58 6.73
C ASP A 573 6.42 25.44 7.87
N PHE A 574 7.30 24.88 8.70
CA PHE A 574 7.79 25.64 9.83
C PHE A 574 8.79 26.73 9.48
N LEU A 575 9.58 26.52 8.44
CA LEU A 575 10.57 27.50 8.03
C LEU A 575 9.89 28.66 7.29
N GLU A 576 9.01 28.33 6.35
CA GLU A 576 8.29 29.34 5.58
C GLU A 576 7.56 30.31 6.50
N GLY A 577 6.97 29.80 7.58
CA GLY A 577 6.26 30.65 8.51
C GLY A 577 7.18 31.25 9.57
N SER A 578 8.49 31.08 9.40
CA SER A 578 9.46 31.61 10.35
C SER A 578 9.16 31.11 11.76
N ILE A 579 8.53 29.95 11.87
CA ILE A 579 8.20 29.40 13.18
C ILE A 579 9.48 28.87 13.84
N ILE A 580 10.32 28.18 13.07
CA ILE A 580 11.61 27.70 13.58
C ILE A 580 12.68 28.22 12.61
N THR A 581 13.93 28.26 13.05
CA THR A 581 15.02 28.74 12.20
C THR A 581 15.65 27.53 11.52
N GLY A 582 16.46 27.79 10.50
CA GLY A 582 17.12 26.70 9.81
C GLY A 582 17.98 25.91 10.78
N ALA A 583 18.63 26.63 11.70
CA ALA A 583 19.48 25.98 12.70
C ALA A 583 18.64 25.07 13.58
N GLN A 584 17.45 25.54 13.95
CA GLN A 584 16.59 24.74 14.81
C GLN A 584 16.16 23.46 14.11
N LEU A 585 16.00 23.50 12.78
CA LEU A 585 15.61 22.32 12.04
C LEU A 585 16.71 21.28 12.21
N SER A 586 17.96 21.73 12.20
CA SER A 586 19.11 20.83 12.37
C SER A 586 19.07 20.21 13.74
N GLN A 587 18.72 20.99 14.75
CA GLN A 587 18.65 20.46 16.12
C GLN A 587 17.52 19.44 16.23
N VAL A 588 16.42 19.70 15.53
CA VAL A 588 15.25 18.82 15.52
C VAL A 588 15.69 17.46 14.95
N ASN A 589 16.36 17.50 13.80
CA ASN A 589 16.82 16.29 13.17
C ASN A 589 17.79 15.51 14.06
N ALA A 590 18.67 16.22 14.76
CA ALA A 590 19.62 15.54 15.63
C ALA A 590 18.94 14.90 16.84
N ARG A 591 18.01 15.62 17.46
CA ARG A 591 17.29 15.12 18.63
C ARG A 591 16.48 13.88 18.28
N ILE A 592 16.00 13.81 17.05
CA ILE A 592 15.24 12.66 16.60
C ILE A 592 16.14 11.42 16.65
N LEU A 593 17.34 11.50 16.08
CA LEU A 593 18.26 10.35 16.10
C LEU A 593 18.58 9.94 17.53
N GLU A 594 18.70 10.92 18.42
CA GLU A 594 18.99 10.61 19.81
C GLU A 594 17.85 9.88 20.51
N LEU A 595 16.61 10.23 20.16
CA LEU A 595 15.43 9.59 20.77
C LEU A 595 15.32 8.13 20.34
N LEU A 596 15.70 7.86 19.10
CA LEU A 596 15.65 6.50 18.58
C LEU A 596 16.38 5.51 19.51
N THR A 597 17.59 5.88 19.92
CA THR A 597 18.37 4.99 20.80
C THR A 597 17.81 4.97 22.22
N LEU A 598 17.23 6.08 22.65
CA LEU A 598 16.62 6.14 23.99
C LEU A 598 15.37 5.26 24.01
N ILE A 599 14.75 5.09 22.86
CA ILE A 599 13.55 4.27 22.75
C ILE A 599 13.92 2.80 22.51
N ARG A 600 15.04 2.57 21.83
CA ARG A 600 15.52 1.23 21.49
C ARG A 600 15.34 0.14 22.56
N PRO A 601 15.86 0.37 23.77
CA PRO A 601 15.74 -0.65 24.82
C PRO A 601 14.31 -0.93 25.31
N ASN A 602 13.35 -0.11 24.88
CA ASN A 602 11.97 -0.29 25.30
C ASN A 602 11.05 -0.68 24.16
N ALA A 603 11.56 -0.65 22.94
CA ALA A 603 10.76 -0.98 21.77
C ALA A 603 9.87 -2.19 21.92
N VAL A 604 10.45 -3.31 22.29
CA VAL A 604 9.67 -4.53 22.43
C VAL A 604 8.55 -4.44 23.47
N ALA A 605 8.89 -4.02 24.68
CA ALA A 605 7.92 -3.88 25.76
C ALA A 605 6.80 -2.91 25.40
N LEU A 606 7.11 -1.86 24.63
CA LEU A 606 6.09 -0.88 24.23
C LEU A 606 5.06 -1.52 23.31
N VAL A 607 5.51 -2.47 22.50
CA VAL A 607 4.67 -3.18 21.56
C VAL A 607 3.92 -4.32 22.27
N ASP A 608 4.54 -4.88 23.31
CA ASP A 608 3.93 -5.95 24.11
C ASP A 608 2.71 -5.35 24.84
N ALA A 609 2.84 -4.08 25.22
CA ALA A 609 1.79 -3.38 25.95
C ALA A 609 0.46 -3.30 25.19
N PHE A 610 0.50 -3.41 23.87
CA PHE A 610 -0.73 -3.35 23.10
C PHE A 610 -1.62 -4.56 23.39
N ASP A 611 -1.04 -5.54 24.06
CA ASP A 611 -1.74 -6.76 24.48
C ASP A 611 -2.44 -7.58 23.40
N PHE A 612 -1.85 -7.67 22.22
CA PHE A 612 -2.43 -8.47 21.15
C PHE A 612 -2.03 -9.93 21.37
N LYS A 613 -2.98 -10.83 21.15
CA LYS A 613 -2.71 -12.26 21.27
C LYS A 613 -2.25 -12.73 19.89
N ASP A 614 -1.38 -13.74 19.87
CA ASP A 614 -0.87 -14.25 18.60
C ASP A 614 -1.98 -14.47 17.59
N MET A 615 -3.09 -15.04 18.05
CA MET A 615 -4.23 -15.32 17.18
C MET A 615 -4.82 -14.08 16.49
N THR A 616 -4.83 -12.95 17.18
CA THR A 616 -5.37 -11.71 16.60
C THR A 616 -4.38 -11.23 15.53
N LEU A 617 -3.10 -11.25 15.90
CA LEU A 617 -2.01 -10.83 15.02
C LEU A 617 -1.98 -11.64 13.73
N GLY A 618 -2.26 -12.94 13.82
CA GLY A 618 -2.23 -13.80 12.65
C GLY A 618 -0.86 -13.74 11.99
N SER A 619 0.17 -13.67 12.84
CA SER A 619 1.54 -13.54 12.36
C SER A 619 2.59 -14.51 12.91
N VAL A 620 3.30 -15.17 12.00
CA VAL A 620 4.36 -16.07 12.40
C VAL A 620 5.51 -15.17 12.88
N LEU A 621 5.89 -14.20 12.05
CA LEU A 621 6.98 -13.29 12.35
C LEU A 621 6.84 -12.49 13.64
N GLY A 622 5.61 -12.17 14.03
CA GLY A 622 5.39 -11.39 15.22
C GLY A 622 4.96 -12.09 16.49
N ARG A 623 4.99 -13.42 16.45
CA ARG A 623 4.62 -14.24 17.62
C ARG A 623 5.23 -13.63 18.87
N TYR A 624 4.53 -13.79 19.99
CA TYR A 624 5.00 -13.27 21.26
C TYR A 624 6.35 -13.88 21.66
N ASP A 625 6.49 -15.20 21.48
CA ASP A 625 7.71 -15.89 21.86
C ASP A 625 8.94 -15.71 20.96
N GLY A 626 8.75 -15.13 19.78
CA GLY A 626 9.89 -14.92 18.90
C GLY A 626 10.41 -16.14 18.16
N ASN A 627 9.73 -17.27 18.32
CA ASN A 627 10.10 -18.53 17.66
C ASN A 627 9.55 -18.52 16.25
N VAL A 628 10.13 -17.67 15.42
CA VAL A 628 9.68 -17.48 14.06
C VAL A 628 9.98 -18.57 13.04
N TYR A 629 11.28 -18.84 12.87
CA TYR A 629 11.76 -19.79 11.89
C TYR A 629 11.20 -21.21 11.85
N GLU A 630 11.14 -21.89 12.99
CA GLU A 630 10.61 -23.25 12.99
C GLU A 630 9.13 -23.17 12.59
N ASN A 631 8.43 -22.20 13.17
CA ASN A 631 7.01 -22.03 12.86
C ASN A 631 6.79 -21.57 11.42
N LEU A 632 7.69 -20.75 10.88
CA LEU A 632 7.52 -20.31 9.50
C LEU A 632 7.60 -21.52 8.56
N PHE A 633 8.42 -22.50 8.92
CA PHE A 633 8.55 -23.68 8.06
C PHE A 633 7.29 -24.55 8.11
N GLU A 634 6.79 -24.81 9.32
CA GLU A 634 5.56 -25.61 9.47
C GLU A 634 4.44 -24.93 8.67
N TRP A 635 4.31 -23.61 8.85
CA TRP A 635 3.28 -22.84 8.16
C TRP A 635 3.29 -23.11 6.65
N ALA A 636 4.45 -22.92 6.04
CA ALA A 636 4.56 -23.13 4.60
C ALA A 636 4.26 -24.57 4.18
N LYS A 637 4.73 -25.53 4.96
CA LYS A 637 4.49 -26.93 4.62
C LYS A 637 3.00 -27.28 4.65
N LYS A 638 2.24 -26.59 5.48
CA LYS A 638 0.80 -26.85 5.58
C LYS A 638 -0.05 -26.06 4.59
N SER A 639 0.59 -25.20 3.80
CA SER A 639 -0.16 -24.40 2.83
C SER A 639 -0.60 -25.27 1.65
N PRO A 640 -1.77 -24.94 1.06
CA PRO A 640 -2.44 -25.61 -0.06
C PRO A 640 -1.67 -26.11 -1.29
N LEU A 641 -0.63 -25.42 -1.72
CA LEU A 641 0.10 -25.89 -2.89
C LEU A 641 0.94 -27.15 -2.58
N ASN A 642 1.14 -27.40 -1.30
CA ASN A 642 1.89 -28.56 -0.84
C ASN A 642 0.95 -29.69 -0.43
N LYS A 643 -0.29 -29.65 -0.93
CA LYS A 643 -1.28 -30.68 -0.62
C LYS A 643 -0.75 -31.98 -1.25
N THR A 644 0.02 -31.83 -2.33
CA THR A 644 0.64 -32.95 -3.03
C THR A 644 2.06 -32.53 -3.42
N GLU A 645 2.97 -33.50 -3.52
CA GLU A 645 4.36 -33.19 -3.89
C GLU A 645 4.43 -32.68 -5.32
N VAL A 646 3.61 -33.26 -6.18
CA VAL A 646 3.58 -32.88 -7.59
C VAL A 646 2.24 -32.23 -7.92
N HIS A 647 2.29 -31.09 -8.60
CA HIS A 647 1.07 -30.38 -8.98
C HIS A 647 0.62 -30.86 -10.36
N GLU A 648 -0.67 -31.16 -10.48
CA GLU A 648 -1.26 -31.64 -11.72
C GLU A 648 -0.78 -30.91 -12.98
N SER A 649 -0.54 -29.61 -12.87
CA SER A 649 -0.07 -28.82 -14.01
C SER A 649 1.20 -29.43 -14.61
N TYR A 650 1.94 -30.18 -13.79
CA TYR A 650 3.15 -30.82 -14.28
C TYR A 650 2.79 -31.87 -15.33
N HIS A 651 1.99 -32.86 -14.93
CA HIS A 651 1.59 -33.92 -15.85
C HIS A 651 0.96 -33.37 -17.14
N LYS A 652 0.08 -32.38 -16.98
CA LYS A 652 -0.62 -31.81 -18.12
C LYS A 652 0.17 -30.88 -19.05
N HIS A 653 1.13 -30.11 -18.51
CA HIS A 653 1.87 -29.17 -19.36
C HIS A 653 3.39 -29.34 -19.43
N LEU A 654 3.98 -29.94 -18.41
CA LEU A 654 5.43 -30.14 -18.42
C LEU A 654 5.85 -31.56 -18.80
N LYS A 655 5.34 -32.55 -18.09
CA LYS A 655 5.67 -33.95 -18.36
C LYS A 655 5.44 -34.32 -19.84
N MET B 1 -16.85 5.09 -28.55
CA MET B 1 -16.32 5.18 -27.17
C MET B 1 -17.16 6.14 -26.34
N ASN B 2 -16.86 6.18 -25.05
CA ASN B 2 -17.53 7.08 -24.11
C ASN B 2 -17.24 8.52 -24.59
N PRO B 3 -18.29 9.32 -24.82
CA PRO B 3 -18.04 10.69 -25.29
C PRO B 3 -17.21 11.53 -24.31
N ASP B 4 -17.13 11.13 -23.06
CA ASP B 4 -16.32 11.89 -22.11
C ASP B 4 -14.83 11.68 -22.40
N LEU B 5 -14.47 10.49 -22.88
CA LEU B 5 -13.07 10.24 -23.20
C LEU B 5 -12.71 10.79 -24.57
N ARG B 6 -13.68 10.85 -25.48
CA ARG B 6 -13.35 11.36 -26.80
C ARG B 6 -13.15 12.88 -26.80
N LYS B 7 -13.82 13.57 -25.89
CA LYS B 7 -13.67 15.02 -25.83
C LYS B 7 -12.31 15.32 -25.19
N GLU B 8 -11.85 14.41 -24.33
CA GLU B 8 -10.55 14.57 -23.67
C GLU B 8 -9.48 14.36 -24.74
N ARG B 9 -9.71 13.39 -25.62
CA ARG B 9 -8.76 13.12 -26.68
C ARG B 9 -8.77 14.23 -27.73
N ALA B 10 -9.95 14.78 -28.01
CA ALA B 10 -10.07 15.84 -29.00
C ALA B 10 -9.33 17.12 -28.58
N SER B 11 -9.27 17.40 -27.29
CA SER B 11 -8.60 18.60 -26.80
C SER B 11 -7.07 18.47 -26.70
N ALA B 12 -6.52 17.29 -26.95
CA ALA B 12 -5.08 17.07 -26.88
C ALA B 12 -4.35 17.96 -27.89
N THR B 13 -3.23 18.57 -27.46
CA THR B 13 -2.47 19.45 -28.35
C THR B 13 -1.29 18.79 -29.05
N PHE B 14 -1.20 17.46 -28.96
CA PHE B 14 -0.09 16.73 -29.58
C PHE B 14 -0.56 15.37 -30.07
N ASN B 15 0.26 14.72 -30.89
CA ASN B 15 -0.05 13.40 -31.41
C ASN B 15 0.59 12.34 -30.51
N PRO B 16 -0.23 11.56 -29.78
CA PRO B 16 0.21 10.51 -28.86
C PRO B 16 1.16 9.48 -29.49
N GLU B 17 0.98 9.22 -30.78
CA GLU B 17 1.80 8.25 -31.51
C GLU B 17 3.29 8.60 -31.43
N LEU B 18 3.59 9.88 -31.56
CA LEU B 18 4.98 10.35 -31.53
C LEU B 18 5.64 10.12 -30.17
N ILE B 19 4.86 10.13 -29.10
CA ILE B 19 5.43 9.90 -27.78
C ILE B 19 5.66 8.40 -27.59
N THR B 20 4.81 7.58 -28.20
CA THR B 20 5.00 6.14 -28.09
C THR B 20 6.30 5.80 -28.80
N HIS B 21 6.57 6.50 -29.89
CA HIS B 21 7.79 6.30 -30.67
C HIS B 21 9.01 6.57 -29.80
N ILE B 22 8.96 7.69 -29.09
CA ILE B 22 10.03 8.08 -28.18
C ILE B 22 10.18 7.05 -27.06
N LEU B 23 9.05 6.53 -26.58
CA LEU B 23 9.08 5.54 -25.51
C LEU B 23 9.69 4.22 -25.95
N ASP B 24 9.42 3.82 -27.19
CA ASP B 24 9.96 2.57 -27.70
C ASP B 24 11.36 2.71 -28.27
N GLY B 25 11.83 3.95 -28.39
CA GLY B 25 13.16 4.19 -28.91
C GLY B 25 13.18 4.54 -30.39
N SER B 26 12.13 4.16 -31.11
CA SER B 26 12.05 4.46 -32.53
C SER B 26 10.72 3.95 -33.10
N PRO B 27 10.26 4.56 -34.20
CA PRO B 27 8.99 4.15 -34.82
C PRO B 27 8.96 2.67 -35.16
N GLU B 28 10.10 2.13 -35.58
CA GLU B 28 10.18 0.70 -35.94
C GLU B 28 10.02 -0.21 -34.74
N ASN B 29 10.50 0.23 -33.57
CA ASN B 29 10.38 -0.58 -32.37
C ASN B 29 8.91 -0.70 -31.95
N THR B 30 8.14 0.36 -32.21
CA THR B 30 6.73 0.39 -31.89
C THR B 30 6.01 -0.62 -32.79
N ARG B 31 6.15 -0.43 -34.10
CA ARG B 31 5.54 -1.30 -35.09
C ARG B 31 5.83 -2.78 -34.80
N ARG B 32 7.07 -3.08 -34.40
CA ARG B 32 7.48 -4.44 -34.09
C ARG B 32 6.91 -4.96 -32.79
N ARG B 33 6.87 -4.10 -31.77
CA ARG B 33 6.31 -4.49 -30.48
C ARG B 33 4.84 -4.78 -30.68
N ARG B 34 4.17 -3.88 -31.40
CA ARG B 34 2.73 -4.03 -31.65
C ARG B 34 2.44 -5.26 -32.49
N GLU B 35 3.45 -5.76 -33.21
CA GLU B 35 3.25 -6.94 -34.03
C GLU B 35 3.18 -8.14 -33.07
N ILE B 36 4.19 -8.27 -32.23
CA ILE B 36 4.26 -9.34 -31.25
C ILE B 36 3.01 -9.41 -30.37
N GLU B 37 2.65 -8.27 -29.77
CA GLU B 37 1.47 -8.19 -28.91
C GLU B 37 0.22 -8.69 -29.63
N ASN B 38 0.24 -8.62 -30.95
CA ASN B 38 -0.89 -9.08 -31.74
C ASN B 38 -0.80 -10.58 -32.02
N LEU B 39 0.43 -11.10 -32.08
CA LEU B 39 0.62 -12.53 -32.30
C LEU B 39 -0.10 -13.26 -31.19
N ILE B 40 -0.03 -12.68 -30.01
CA ILE B 40 -0.61 -13.26 -28.81
C ILE B 40 -2.10 -12.95 -28.56
N LEU B 41 -2.48 -11.67 -28.64
CA LEU B 41 -3.86 -11.28 -28.40
C LEU B 41 -4.88 -12.11 -29.18
N ASN B 42 -4.55 -12.47 -30.42
CA ASN B 42 -5.46 -13.26 -31.22
C ASN B 42 -5.15 -14.76 -31.23
N ASP B 43 -4.35 -15.21 -30.28
CA ASP B 43 -3.99 -16.63 -30.19
C ASP B 43 -4.75 -17.27 -29.03
N PRO B 44 -5.63 -18.23 -29.32
CA PRO B 44 -6.41 -18.93 -28.30
C PRO B 44 -5.61 -19.67 -27.24
N ASP B 45 -4.42 -20.13 -27.58
CA ASP B 45 -3.59 -20.85 -26.61
C ASP B 45 -3.20 -20.02 -25.39
N PHE B 46 -3.29 -18.69 -25.50
CA PHE B 46 -2.94 -17.81 -24.38
C PHE B 46 -4.16 -17.17 -23.70
N GLN B 47 -5.35 -17.62 -24.07
CA GLN B 47 -6.57 -17.08 -23.49
C GLN B 47 -7.05 -17.93 -22.31
N HIS B 48 -7.63 -17.28 -21.32
CA HIS B 48 -8.12 -17.97 -20.13
C HIS B 48 -9.02 -17.05 -19.32
N GLU B 49 -9.64 -17.60 -18.28
CA GLU B 49 -10.50 -16.79 -17.45
C GLU B 49 -9.66 -15.87 -16.59
N ASP B 50 -10.18 -14.68 -16.34
CA ASP B 50 -9.52 -13.68 -15.52
C ASP B 50 -8.88 -14.33 -14.29
N TYR B 51 -7.60 -14.02 -14.06
CA TYR B 51 -6.84 -14.56 -12.92
C TYR B 51 -7.58 -14.40 -11.60
N ASN B 52 -8.19 -13.23 -11.42
CA ASN B 52 -8.91 -12.89 -10.21
C ASN B 52 -10.11 -13.80 -9.92
N PHE B 53 -10.59 -14.50 -10.95
CA PHE B 53 -11.72 -15.42 -10.80
C PHE B 53 -11.24 -16.85 -10.56
N LEU B 54 -9.93 -17.02 -10.40
CA LEU B 54 -9.36 -18.36 -10.19
C LEU B 54 -8.74 -18.53 -8.81
N THR B 55 -8.56 -19.77 -8.37
CA THR B 55 -7.93 -20.01 -7.08
C THR B 55 -6.41 -19.90 -7.27
N ARG B 56 -5.68 -19.86 -6.17
CA ARG B 56 -4.22 -19.78 -6.21
C ARG B 56 -3.69 -20.93 -7.09
N SER B 57 -4.20 -22.14 -6.86
CA SER B 57 -3.80 -23.32 -7.60
C SER B 57 -4.08 -23.20 -9.09
N GLN B 58 -5.25 -22.69 -9.44
CA GLN B 58 -5.60 -22.53 -10.85
C GLN B 58 -4.75 -21.45 -11.50
N ARG B 59 -4.36 -20.46 -10.71
CA ARG B 59 -3.55 -19.38 -11.25
C ARG B 59 -2.18 -19.93 -11.62
N TYR B 60 -1.57 -20.64 -10.69
CA TYR B 60 -0.28 -21.23 -10.93
C TYR B 60 -0.37 -22.10 -12.20
N GLU B 61 -1.40 -22.94 -12.25
CA GLU B 61 -1.61 -23.85 -13.37
C GLU B 61 -1.68 -23.14 -14.72
N VAL B 62 -2.42 -22.05 -14.78
CA VAL B 62 -2.55 -21.28 -16.01
C VAL B 62 -1.21 -20.65 -16.38
N ALA B 63 -0.46 -20.21 -15.37
CA ALA B 63 0.85 -19.61 -15.62
C ALA B 63 1.78 -20.67 -16.22
N VAL B 64 1.86 -21.83 -15.57
CA VAL B 64 2.69 -22.93 -16.04
C VAL B 64 2.33 -23.29 -17.49
N LYS B 65 1.03 -23.41 -17.75
CA LYS B 65 0.56 -23.77 -19.08
C LYS B 65 1.02 -22.74 -20.11
N LYS B 66 0.81 -21.46 -19.78
CA LYS B 66 1.20 -20.39 -20.69
C LYS B 66 2.71 -20.29 -20.91
N SER B 67 3.50 -20.44 -19.85
CA SER B 67 4.94 -20.35 -20.00
C SER B 67 5.49 -21.46 -20.88
N ALA B 68 5.04 -22.70 -20.66
CA ALA B 68 5.50 -23.83 -21.46
C ALA B 68 5.19 -23.56 -22.92
N THR B 69 3.94 -23.17 -23.21
CA THR B 69 3.54 -22.88 -24.58
C THR B 69 4.34 -21.70 -25.11
N MET B 70 4.66 -20.78 -24.21
CA MET B 70 5.42 -19.57 -24.54
C MET B 70 6.77 -19.93 -25.15
N VAL B 71 7.50 -20.82 -24.49
CA VAL B 71 8.81 -21.25 -24.98
C VAL B 71 8.72 -21.90 -26.35
N LYS B 72 7.75 -22.80 -26.51
CA LYS B 72 7.56 -23.48 -27.79
C LYS B 72 7.23 -22.45 -28.86
N LYS B 73 6.23 -21.62 -28.58
CA LYS B 73 5.79 -20.60 -29.52
C LYS B 73 6.88 -19.61 -29.91
N MET B 74 7.70 -19.20 -28.95
CA MET B 74 8.78 -18.28 -29.26
C MET B 74 9.81 -18.92 -30.20
N ARG B 75 10.28 -20.11 -29.83
CA ARG B 75 11.25 -20.82 -30.65
C ARG B 75 10.71 -20.98 -32.08
N GLU B 76 9.44 -21.36 -32.20
CA GLU B 76 8.83 -21.56 -33.52
C GLU B 76 8.65 -20.27 -34.33
N TYR B 77 8.47 -19.14 -33.65
CA TYR B 77 8.29 -17.87 -34.33
C TYR B 77 9.63 -17.21 -34.65
N GLY B 78 10.70 -17.69 -34.01
CA GLY B 78 12.01 -17.13 -34.25
C GLY B 78 12.42 -16.04 -33.28
N ILE B 79 11.59 -15.78 -32.28
CA ILE B 79 11.88 -14.75 -31.29
C ILE B 79 13.03 -15.20 -30.40
N SER B 80 14.19 -14.58 -30.56
CA SER B 80 15.35 -14.91 -29.76
C SER B 80 15.99 -13.64 -29.21
N ASP B 81 15.77 -12.52 -29.89
CA ASP B 81 16.30 -11.24 -29.44
C ASP B 81 15.72 -10.99 -28.04
N PRO B 82 16.55 -11.12 -26.99
CA PRO B 82 16.13 -10.93 -25.60
C PRO B 82 15.22 -9.73 -25.31
N GLU B 83 15.17 -8.79 -26.25
CA GLU B 83 14.32 -7.61 -26.10
C GLU B 83 12.92 -8.03 -26.55
N GLU B 84 12.86 -8.67 -27.71
CA GLU B 84 11.60 -9.12 -28.26
C GLU B 84 11.00 -10.21 -27.37
N ILE B 85 11.86 -10.83 -26.56
CA ILE B 85 11.44 -11.87 -25.64
C ILE B 85 10.66 -11.23 -24.49
N MET B 86 11.09 -10.03 -24.08
CA MET B 86 10.42 -9.33 -22.99
C MET B 86 9.00 -8.98 -23.45
N TRP B 87 8.90 -8.40 -24.64
CA TRP B 87 7.61 -8.02 -25.17
C TRP B 87 6.66 -9.21 -25.26
N PHE B 88 7.12 -10.27 -25.92
CA PHE B 88 6.30 -11.47 -26.07
C PHE B 88 5.84 -11.97 -24.70
N LYS B 89 6.80 -12.21 -23.81
CA LYS B 89 6.52 -12.68 -22.47
C LYS B 89 5.59 -11.74 -21.69
N ASN B 90 5.66 -10.44 -21.99
CA ASN B 90 4.81 -9.47 -21.31
C ASN B 90 3.36 -9.57 -21.74
N SER B 91 3.18 -9.79 -23.03
CA SER B 91 1.85 -9.92 -23.61
C SER B 91 1.21 -11.21 -23.07
N VAL B 92 1.95 -12.31 -23.15
CA VAL B 92 1.45 -13.60 -22.70
C VAL B 92 0.92 -13.63 -21.27
N HIS B 93 1.70 -13.14 -20.32
CA HIS B 93 1.30 -13.17 -18.92
C HIS B 93 0.53 -11.95 -18.44
N ARG B 94 0.18 -11.08 -19.37
CA ARG B 94 -0.60 -9.88 -19.05
C ARG B 94 0.01 -9.18 -17.83
N GLY B 95 1.33 -8.97 -17.87
CA GLY B 95 2.01 -8.30 -16.78
C GLY B 95 2.28 -9.10 -15.50
N HIS B 96 1.66 -10.26 -15.35
CA HIS B 96 1.84 -11.07 -14.14
C HIS B 96 3.16 -11.86 -14.14
N PRO B 97 3.65 -12.25 -12.95
CA PRO B 97 4.88 -13.02 -12.87
C PRO B 97 4.62 -14.45 -13.32
N GLU B 98 5.64 -15.14 -13.81
CA GLU B 98 5.50 -16.53 -14.27
C GLU B 98 6.60 -17.47 -13.76
N PRO B 99 6.25 -18.74 -13.49
CA PRO B 99 7.10 -19.81 -12.98
C PRO B 99 8.38 -20.18 -13.72
N LEU B 100 8.55 -19.73 -14.96
CA LEU B 100 9.76 -20.03 -15.72
C LEU B 100 10.70 -18.82 -15.76
N ASP B 101 10.37 -17.80 -14.96
CA ASP B 101 11.15 -16.58 -14.88
C ASP B 101 12.65 -16.81 -14.57
N LEU B 102 12.94 -17.54 -13.51
CA LEU B 102 14.32 -17.80 -13.15
C LEU B 102 14.95 -18.76 -14.14
N HIS B 103 14.15 -19.67 -14.66
CA HIS B 103 14.63 -20.65 -15.62
C HIS B 103 15.20 -19.96 -16.86
N LEU B 104 14.47 -18.97 -17.38
CA LEU B 104 14.94 -18.25 -18.55
C LEU B 104 15.88 -17.09 -18.23
N GLY B 105 15.80 -16.57 -17.01
CA GLY B 105 16.64 -15.45 -16.62
C GLY B 105 17.88 -15.77 -15.81
N MET B 106 17.89 -16.90 -15.11
CA MET B 106 19.06 -17.25 -14.31
C MET B 106 19.68 -18.60 -14.63
N PHE B 107 18.84 -19.61 -14.83
CA PHE B 107 19.34 -20.95 -15.12
C PHE B 107 20.10 -21.04 -16.43
N LEU B 108 19.40 -20.81 -17.53
CA LEU B 108 20.02 -20.87 -18.86
C LEU B 108 21.14 -19.86 -18.99
N PRO B 109 20.87 -18.57 -18.69
CA PRO B 109 21.91 -17.55 -18.80
C PRO B 109 23.19 -17.87 -18.03
N THR B 110 23.04 -18.48 -16.86
CA THR B 110 24.20 -18.82 -16.04
C THR B 110 24.95 -19.98 -16.70
N LEU B 111 24.22 -21.01 -17.09
CA LEU B 111 24.85 -22.15 -17.75
C LEU B 111 25.58 -21.66 -19.00
N LEU B 112 24.83 -20.98 -19.85
CA LEU B 112 25.36 -20.43 -21.09
C LEU B 112 26.61 -19.59 -20.86
N HIS B 113 26.76 -19.03 -19.66
CA HIS B 113 27.92 -18.20 -19.37
C HIS B 113 28.83 -18.73 -18.25
N GLN B 114 28.90 -20.04 -18.08
CA GLN B 114 29.76 -20.61 -17.04
C GLN B 114 29.92 -22.13 -17.11
N ALA B 115 29.01 -22.80 -17.81
CA ALA B 115 29.06 -24.26 -17.92
C ALA B 115 30.10 -24.77 -18.92
N THR B 116 30.47 -26.04 -18.78
CA THR B 116 31.45 -26.65 -19.67
C THR B 116 30.74 -27.44 -20.76
N ALA B 117 31.50 -28.04 -21.65
CA ALA B 117 30.95 -28.84 -22.74
C ALA B 117 30.09 -29.97 -22.19
N GLU B 118 30.56 -30.63 -21.13
CA GLU B 118 29.83 -31.72 -20.51
C GLU B 118 28.56 -31.21 -19.84
N GLN B 119 28.71 -30.14 -19.07
CA GLN B 119 27.59 -29.54 -18.36
C GLN B 119 26.55 -28.92 -19.31
N GLN B 120 27.01 -28.17 -20.29
CA GLN B 120 26.09 -27.55 -21.25
C GLN B 120 25.48 -28.61 -22.15
N GLU B 121 25.87 -29.86 -21.94
CA GLU B 121 25.37 -30.98 -22.74
C GLU B 121 24.24 -31.70 -22.00
N ARG B 122 24.38 -31.81 -20.68
CA ARG B 122 23.38 -32.48 -19.86
C ARG B 122 22.51 -31.51 -19.06
N PHE B 123 22.79 -30.21 -19.19
CA PHE B 123 22.03 -29.20 -18.46
C PHE B 123 21.41 -28.13 -19.34
N PHE B 124 22.21 -27.49 -20.18
CA PHE B 124 21.70 -26.44 -21.05
C PHE B 124 20.84 -26.96 -22.19
N MET B 125 21.34 -27.97 -22.90
CA MET B 125 20.61 -28.53 -24.03
C MET B 125 19.20 -28.99 -23.65
N PRO B 126 19.08 -29.82 -22.60
CA PRO B 126 17.77 -30.31 -22.18
C PRO B 126 16.74 -29.20 -21.96
N ALA B 127 17.17 -28.08 -21.41
CA ALA B 127 16.27 -26.96 -21.18
C ALA B 127 15.89 -26.34 -22.53
N TRP B 128 15.62 -27.19 -23.50
CA TRP B 128 15.22 -26.77 -24.85
C TRP B 128 13.74 -27.06 -24.93
N ASN B 129 13.41 -28.35 -24.90
CA ASN B 129 12.02 -28.76 -24.94
C ASN B 129 11.54 -28.74 -23.49
N LEU B 130 12.11 -27.83 -22.70
CA LEU B 130 11.76 -27.74 -21.29
C LEU B 130 11.94 -29.12 -20.67
N GLU B 131 12.73 -29.93 -21.36
CA GLU B 131 13.04 -31.29 -20.93
C GLU B 131 13.49 -31.16 -19.47
N ILE B 132 14.23 -30.10 -19.20
CA ILE B 132 14.70 -29.81 -17.86
C ILE B 132 14.12 -28.44 -17.52
N THR B 133 13.71 -28.28 -16.27
CA THR B 133 13.17 -27.00 -15.80
C THR B 133 14.02 -26.65 -14.59
N GLY B 134 14.71 -25.52 -14.67
CA GLY B 134 15.57 -25.14 -13.56
C GLY B 134 15.32 -23.77 -12.96
N THR B 135 15.96 -23.54 -11.83
CA THR B 135 15.83 -22.30 -11.11
C THR B 135 17.15 -22.01 -10.41
N TYR B 136 17.29 -20.81 -9.84
CA TYR B 136 18.50 -20.42 -9.12
C TYR B 136 18.13 -20.22 -7.65
N ALA B 137 18.76 -20.99 -6.77
CA ALA B 137 18.47 -20.90 -5.36
C ALA B 137 19.60 -20.27 -4.56
N GLN B 138 19.43 -19.00 -4.23
CA GLN B 138 20.43 -18.25 -3.47
C GLN B 138 19.98 -17.97 -2.03
N THR B 139 18.92 -17.19 -1.91
CA THR B 139 18.37 -16.80 -0.62
C THR B 139 18.01 -17.96 0.31
N GLU B 140 18.24 -17.76 1.60
CA GLU B 140 17.90 -18.76 2.60
C GLU B 140 16.96 -18.10 3.62
N MET B 141 16.17 -18.90 4.31
CA MET B 141 15.24 -18.35 5.30
C MET B 141 15.94 -17.39 6.23
N GLY B 142 17.18 -17.73 6.60
CA GLY B 142 17.94 -16.89 7.51
C GLY B 142 18.74 -15.76 6.89
N HIS B 143 18.98 -15.79 5.59
CA HIS B 143 19.76 -14.75 4.97
C HIS B 143 19.31 -14.39 3.56
N GLY B 144 19.19 -13.09 3.31
CA GLY B 144 18.81 -12.63 2.00
C GLY B 144 19.76 -11.53 1.58
N THR B 145 19.90 -10.52 2.42
CA THR B 145 20.78 -9.38 2.15
C THR B 145 22.27 -9.75 2.32
N HIS B 146 22.64 -10.25 3.50
CA HIS B 146 24.03 -10.61 3.77
C HIS B 146 24.35 -12.04 3.33
N LEU B 147 24.81 -12.18 2.08
CA LEU B 147 25.10 -13.50 1.53
C LEU B 147 26.19 -14.32 2.20
N ARG B 148 27.28 -13.68 2.63
CA ARG B 148 28.34 -14.46 3.25
C ARG B 148 27.91 -15.05 4.59
N GLY B 149 26.62 -14.88 4.89
CA GLY B 149 26.06 -15.42 6.12
C GLY B 149 25.32 -16.71 5.79
N LEU B 150 25.21 -17.02 4.50
CA LEU B 150 24.53 -18.23 4.05
C LEU B 150 25.08 -19.46 4.79
N GLU B 151 24.23 -20.47 5.00
CA GLU B 151 24.60 -21.68 5.73
C GLU B 151 24.69 -22.97 4.91
N THR B 152 24.13 -22.99 3.71
CA THR B 152 24.18 -24.20 2.91
C THR B 152 25.65 -24.56 2.63
N THR B 153 26.00 -25.81 2.91
CA THR B 153 27.38 -26.25 2.68
C THR B 153 27.46 -27.24 1.53
N ALA B 154 28.62 -27.23 0.88
CA ALA B 154 28.96 -28.14 -0.22
C ALA B 154 30.34 -28.67 0.16
N THR B 155 30.33 -29.75 0.95
CA THR B 155 31.56 -30.39 1.41
C THR B 155 32.00 -31.43 0.39
N TYR B 156 33.15 -31.21 -0.24
CA TYR B 156 33.66 -32.15 -1.24
C TYR B 156 34.07 -33.48 -0.63
N ASP B 157 33.73 -34.58 -1.31
CA ASP B 157 34.05 -35.93 -0.84
C ASP B 157 35.08 -36.56 -1.78
N PRO B 158 36.37 -36.48 -1.43
CA PRO B 158 37.47 -37.04 -2.23
C PRO B 158 37.29 -38.50 -2.63
N LYS B 159 36.89 -39.33 -1.67
CA LYS B 159 36.69 -40.74 -1.93
C LYS B 159 35.74 -41.02 -3.09
N THR B 160 34.48 -40.57 -2.97
CA THR B 160 33.48 -40.80 -4.00
C THR B 160 33.49 -39.75 -5.13
N GLN B 161 34.36 -38.75 -5.00
CA GLN B 161 34.48 -37.67 -5.99
C GLN B 161 33.14 -36.97 -6.25
N GLU B 162 32.54 -36.43 -5.20
CA GLU B 162 31.27 -35.74 -5.33
C GLU B 162 31.06 -34.78 -4.16
N PHE B 163 30.40 -33.64 -4.44
CA PHE B 163 30.12 -32.66 -3.41
C PHE B 163 28.89 -33.05 -2.59
N ILE B 164 28.91 -32.73 -1.30
CA ILE B 164 27.81 -33.04 -0.41
C ILE B 164 27.06 -31.74 -0.04
N LEU B 165 25.89 -31.55 -0.62
CA LEU B 165 25.09 -30.35 -0.32
C LEU B 165 24.22 -30.57 0.92
N ASN B 166 24.40 -29.73 1.93
CA ASN B 166 23.64 -29.88 3.15
C ASN B 166 23.00 -28.61 3.77
N SER B 167 21.79 -28.78 4.30
CA SER B 167 21.00 -27.74 4.97
C SER B 167 21.02 -28.08 6.45
N PRO B 168 22.06 -27.66 7.18
CA PRO B 168 22.19 -27.96 8.61
C PRO B 168 21.14 -27.40 9.56
N THR B 169 20.60 -26.23 9.25
CA THR B 169 19.61 -25.61 10.12
C THR B 169 18.32 -25.22 9.39
N VAL B 170 17.29 -24.88 10.16
CA VAL B 170 16.01 -24.47 9.57
C VAL B 170 16.24 -23.20 8.77
N THR B 171 17.07 -22.30 9.32
CA THR B 171 17.37 -21.04 8.66
C THR B 171 18.23 -21.17 7.41
N SER B 172 18.85 -22.33 7.20
CA SER B 172 19.70 -22.55 6.04
C SER B 172 18.87 -23.00 4.84
N ILE B 173 17.69 -23.54 5.13
CA ILE B 173 16.79 -23.98 4.06
C ILE B 173 16.62 -22.84 3.06
N LYS B 174 16.74 -23.14 1.77
CA LYS B 174 16.60 -22.11 0.76
C LYS B 174 15.17 -21.59 0.83
N TRP B 175 14.99 -20.29 0.57
CA TRP B 175 13.67 -19.68 0.67
C TRP B 175 13.45 -18.57 -0.35
N TRP B 176 12.32 -18.63 -1.05
CA TRP B 176 11.90 -17.65 -2.07
C TRP B 176 12.11 -17.96 -3.56
N PRO B 177 13.23 -18.61 -3.93
CA PRO B 177 13.44 -18.90 -5.36
C PRO B 177 12.18 -19.24 -6.16
N GLY B 178 11.92 -18.45 -7.20
CA GLY B 178 10.76 -18.66 -8.05
C GLY B 178 10.95 -19.87 -8.94
N GLY B 179 9.93 -20.71 -9.02
CA GLY B 179 10.02 -21.92 -9.83
C GLY B 179 10.58 -23.07 -8.99
N LEU B 180 11.08 -22.75 -7.80
CA LEU B 180 11.65 -23.76 -6.91
C LEU B 180 10.58 -24.59 -6.20
N GLY B 181 9.36 -24.05 -6.13
CA GLY B 181 8.29 -24.74 -5.45
C GLY B 181 7.72 -26.00 -6.07
N LYS B 182 7.36 -25.96 -7.34
CA LYS B 182 6.75 -27.12 -8.00
C LYS B 182 7.13 -27.22 -9.47
N THR B 183 7.81 -26.22 -9.99
CA THR B 183 8.15 -26.21 -11.41
C THR B 183 9.45 -26.90 -11.82
N SER B 184 10.57 -26.53 -11.17
CA SER B 184 11.89 -27.05 -11.51
C SER B 184 12.26 -28.45 -10.99
N ASN B 185 13.01 -29.18 -11.80
CA ASN B 185 13.51 -30.50 -11.41
C ASN B 185 15.03 -30.38 -11.20
N HIS B 186 15.56 -29.18 -11.43
CA HIS B 186 16.98 -28.88 -11.24
C HIS B 186 17.12 -27.49 -10.64
N ALA B 187 18.19 -27.29 -9.87
CA ALA B 187 18.43 -25.99 -9.25
C ALA B 187 19.90 -25.68 -9.01
N ILE B 188 20.35 -24.57 -9.56
CA ILE B 188 21.73 -24.15 -9.33
C ILE B 188 21.72 -23.62 -7.90
N VAL B 189 22.42 -24.29 -6.99
CA VAL B 189 22.44 -23.88 -5.60
C VAL B 189 23.73 -23.18 -5.19
N LEU B 190 23.58 -22.01 -4.57
CA LEU B 190 24.72 -21.25 -4.09
C LEU B 190 24.99 -21.78 -2.70
N ALA B 191 26.22 -22.23 -2.45
CA ALA B 191 26.58 -22.78 -1.15
C ALA B 191 28.02 -22.51 -0.77
N GLN B 192 28.31 -22.64 0.51
CA GLN B 192 29.64 -22.46 1.04
C GLN B 192 30.46 -23.68 0.65
N LEU B 193 31.51 -23.45 -0.13
CA LEU B 193 32.40 -24.52 -0.60
C LEU B 193 33.37 -24.90 0.50
N ILE B 194 33.38 -26.19 0.82
CA ILE B 194 34.26 -26.71 1.86
C ILE B 194 34.97 -27.95 1.34
N THR B 195 36.29 -27.91 1.27
CA THR B 195 37.06 -29.07 0.81
C THR B 195 38.40 -29.17 1.53
N GLN B 196 38.71 -30.37 2.00
CA GLN B 196 39.96 -30.62 2.72
C GLN B 196 40.03 -29.76 3.98
N GLY B 197 38.95 -29.77 4.75
CA GLY B 197 38.89 -29.00 5.99
C GLY B 197 39.02 -27.50 5.86
N GLU B 198 38.63 -26.95 4.72
CA GLU B 198 38.71 -25.51 4.50
C GLU B 198 37.52 -24.96 3.73
N CYS B 199 37.00 -23.81 4.16
CA CYS B 199 35.87 -23.17 3.48
C CYS B 199 36.45 -22.12 2.53
N TYR B 200 36.07 -22.18 1.26
CA TYR B 200 36.59 -21.24 0.27
C TYR B 200 35.58 -20.25 -0.30
N GLY B 201 34.45 -20.08 0.39
CA GLY B 201 33.46 -19.12 -0.08
C GLY B 201 32.27 -19.68 -0.85
N LEU B 202 31.45 -18.79 -1.37
CA LEU B 202 30.25 -19.15 -2.12
C LEU B 202 30.52 -19.57 -3.55
N HIS B 203 29.96 -20.72 -3.92
CA HIS B 203 30.13 -21.28 -5.27
C HIS B 203 28.80 -21.87 -5.72
N ALA B 204 28.58 -21.90 -7.04
CA ALA B 204 27.34 -22.42 -7.61
C ALA B 204 27.45 -23.84 -8.10
N PHE B 205 26.48 -24.66 -7.71
CA PHE B 205 26.45 -26.06 -8.09
C PHE B 205 25.11 -26.37 -8.74
N VAL B 206 25.09 -27.32 -9.67
CA VAL B 206 23.84 -27.70 -10.32
C VAL B 206 23.37 -28.97 -9.63
N VAL B 207 22.19 -28.92 -9.02
CA VAL B 207 21.66 -30.07 -8.31
C VAL B 207 20.24 -30.47 -8.72
N PRO B 208 20.07 -31.73 -9.14
CA PRO B 208 18.75 -32.23 -9.54
C PRO B 208 17.96 -32.41 -8.26
N ILE B 209 16.70 -31.98 -8.27
CA ILE B 209 15.87 -32.11 -7.07
C ILE B 209 14.61 -32.94 -7.27
N ARG B 210 14.18 -33.10 -8.52
CA ARG B 210 13.01 -33.91 -8.80
C ARG B 210 13.37 -34.92 -9.87
N GLU B 211 12.78 -36.10 -9.75
CA GLU B 211 13.02 -37.17 -10.71
C GLU B 211 12.35 -36.84 -12.04
N ILE B 212 13.10 -36.97 -13.13
CA ILE B 212 12.55 -36.70 -14.45
C ILE B 212 11.44 -37.72 -14.73
N GLY B 213 10.40 -37.29 -15.43
CA GLY B 213 9.31 -38.20 -15.76
C GLY B 213 8.21 -38.34 -14.73
N THR B 214 8.57 -38.33 -13.44
CA THR B 214 7.57 -38.46 -12.38
C THR B 214 7.48 -37.18 -11.55
N HIS B 215 8.58 -36.42 -11.54
CA HIS B 215 8.70 -35.18 -10.79
C HIS B 215 8.74 -35.41 -9.28
N LYS B 216 8.90 -36.68 -8.89
CA LYS B 216 8.98 -37.01 -7.47
C LYS B 216 10.25 -36.40 -6.89
N PRO B 217 10.17 -35.86 -5.67
CA PRO B 217 11.37 -35.27 -5.07
C PRO B 217 12.41 -36.38 -4.87
N LEU B 218 13.65 -36.14 -5.29
CA LEU B 218 14.70 -37.12 -5.12
C LEU B 218 14.99 -37.41 -3.64
N PRO B 219 15.56 -38.58 -3.34
CA PRO B 219 15.86 -38.93 -1.95
C PRO B 219 16.80 -37.92 -1.31
N GLY B 220 16.46 -37.45 -0.12
CA GLY B 220 17.28 -36.47 0.56
C GLY B 220 16.90 -35.05 0.18
N ILE B 221 16.00 -34.93 -0.79
CA ILE B 221 15.54 -33.62 -1.27
C ILE B 221 14.13 -33.32 -0.75
N THR B 222 14.00 -32.20 -0.05
CA THR B 222 12.71 -31.78 0.47
C THR B 222 12.39 -30.44 -0.20
N VAL B 223 11.33 -30.43 -1.00
CA VAL B 223 10.93 -29.23 -1.71
C VAL B 223 9.46 -28.86 -1.47
N GLY B 224 9.12 -27.62 -1.79
CA GLY B 224 7.74 -27.19 -1.62
C GLY B 224 7.55 -25.69 -1.73
N ASP B 225 6.29 -25.29 -1.90
CA ASP B 225 5.89 -23.89 -2.00
C ASP B 225 5.92 -23.24 -0.61
N ILE B 226 6.37 -21.99 -0.53
CA ILE B 226 6.45 -21.32 0.76
C ILE B 226 5.14 -20.73 1.27
N GLY B 227 4.06 -20.92 0.53
CA GLY B 227 2.79 -20.38 0.98
C GLY B 227 2.33 -19.17 0.20
N PRO B 228 1.11 -18.67 0.52
CA PRO B 228 0.49 -17.51 -0.11
C PRO B 228 1.14 -16.20 0.30
N LYS B 229 1.22 -15.25 -0.63
CA LYS B 229 1.81 -13.95 -0.31
C LYS B 229 0.87 -12.80 -0.66
N PHE B 230 1.32 -11.58 -0.37
CA PHE B 230 0.61 -10.36 -0.65
C PHE B 230 0.15 -10.46 -2.10
N GLY B 231 1.07 -10.90 -2.96
CA GLY B 231 0.76 -11.08 -4.38
C GLY B 231 1.48 -12.32 -4.89
N TYR B 232 1.93 -12.29 -6.15
CA TYR B 232 2.64 -13.41 -6.75
C TYR B 232 1.92 -14.75 -6.66
N GLU B 233 0.60 -14.73 -6.91
CA GLU B 233 -0.20 -15.94 -6.86
C GLU B 233 0.27 -17.01 -7.85
N GLU B 234 0.54 -16.61 -9.09
CA GLU B 234 0.96 -17.58 -10.10
C GLU B 234 2.41 -18.00 -10.01
N MET B 235 3.11 -17.54 -8.98
CA MET B 235 4.52 -17.88 -8.81
C MET B 235 4.73 -18.82 -7.64
N ASP B 236 5.37 -19.95 -7.92
CA ASP B 236 5.64 -20.95 -6.89
C ASP B 236 6.96 -20.72 -6.17
N ASN B 237 7.08 -19.58 -5.50
CA ASN B 237 8.28 -19.29 -4.73
C ASN B 237 8.41 -20.49 -3.79
N GLY B 238 9.62 -21.05 -3.68
CA GLY B 238 9.76 -22.22 -2.84
C GLY B 238 10.92 -22.31 -1.87
N TYR B 239 10.99 -23.47 -1.22
CA TYR B 239 12.04 -23.76 -0.24
C TYR B 239 12.73 -25.06 -0.66
N LEU B 240 13.99 -25.20 -0.27
CA LEU B 240 14.75 -26.41 -0.60
C LEU B 240 15.66 -26.79 0.55
N LYS B 241 15.44 -27.99 1.08
CA LYS B 241 16.28 -28.49 2.16
C LYS B 241 16.99 -29.72 1.62
N MET B 242 18.32 -29.69 1.67
CA MET B 242 19.12 -30.82 1.20
C MET B 242 19.80 -31.47 2.38
N ASP B 243 19.51 -32.75 2.58
CA ASP B 243 20.06 -33.53 3.69
C ASP B 243 21.25 -34.38 3.21
N ASN B 244 22.46 -33.86 3.41
CA ASN B 244 23.68 -34.54 2.98
C ASN B 244 23.39 -35.15 1.61
N TYR B 245 22.96 -34.31 0.68
CA TYR B 245 22.62 -34.75 -0.67
C TYR B 245 23.82 -34.68 -1.60
N ARG B 246 24.16 -35.82 -2.21
CA ARG B 246 25.32 -35.92 -3.10
C ARG B 246 25.06 -35.71 -4.59
N ILE B 247 25.99 -35.01 -5.22
CA ILE B 247 25.92 -34.75 -6.65
C ILE B 247 27.33 -34.88 -7.25
N PRO B 248 27.44 -35.39 -8.49
CA PRO B 248 28.74 -35.55 -9.13
C PRO B 248 29.62 -34.32 -8.94
N ARG B 249 30.90 -34.52 -8.66
CA ARG B 249 31.82 -33.40 -8.48
C ARG B 249 31.78 -32.54 -9.72
N GLU B 250 31.49 -33.17 -10.85
CA GLU B 250 31.42 -32.50 -12.14
C GLU B 250 30.19 -31.60 -12.26
N ASN B 251 29.40 -31.52 -11.20
CA ASN B 251 28.21 -30.68 -11.20
C ASN B 251 28.49 -29.27 -10.69
N MET B 252 29.73 -28.99 -10.33
CA MET B 252 30.09 -27.67 -9.85
C MET B 252 30.43 -26.77 -11.03
N LEU B 253 30.02 -25.51 -10.95
CA LEU B 253 30.32 -24.57 -12.02
C LEU B 253 31.75 -24.11 -11.73
N MET B 254 32.69 -24.61 -12.53
CA MET B 254 34.09 -24.27 -12.34
C MET B 254 34.65 -23.27 -13.35
N LYS B 255 33.80 -22.42 -13.88
CA LYS B 255 34.23 -21.42 -14.85
C LYS B 255 35.31 -20.51 -14.28
N TYR B 256 35.23 -20.18 -12.99
CA TYR B 256 36.20 -19.30 -12.36
C TYR B 256 37.09 -19.97 -11.31
N ALA B 257 36.67 -21.12 -10.83
CA ALA B 257 37.44 -21.85 -9.83
C ALA B 257 37.19 -23.32 -10.04
N GLN B 258 38.17 -24.16 -9.72
CA GLN B 258 38.01 -25.60 -9.90
C GLN B 258 38.35 -26.40 -8.66
N VAL B 259 37.97 -27.67 -8.70
CA VAL B 259 38.21 -28.62 -7.63
C VAL B 259 38.46 -29.97 -8.30
N LYS B 260 39.72 -30.38 -8.34
CA LYS B 260 40.10 -31.66 -8.94
C LYS B 260 39.78 -32.76 -7.93
N PRO B 261 39.89 -34.03 -8.34
CA PRO B 261 39.59 -35.11 -7.40
C PRO B 261 40.47 -35.10 -6.14
N ASP B 262 41.57 -34.35 -6.20
CA ASP B 262 42.48 -34.24 -5.06
C ASP B 262 41.82 -33.35 -3.99
N GLY B 263 40.90 -32.51 -4.42
CA GLY B 263 40.21 -31.62 -3.51
C GLY B 263 40.93 -30.28 -3.44
N THR B 264 41.87 -30.07 -4.34
CA THR B 264 42.63 -28.83 -4.38
C THR B 264 41.83 -27.69 -5.01
N TYR B 265 41.60 -26.64 -4.23
CA TYR B 265 40.85 -25.48 -4.71
C TYR B 265 41.85 -24.61 -5.47
N VAL B 266 41.45 -24.13 -6.65
CA VAL B 266 42.35 -23.31 -7.46
C VAL B 266 41.76 -22.02 -8.03
N LYS B 267 42.65 -21.16 -8.52
CA LYS B 267 42.29 -19.87 -9.11
C LYS B 267 41.45 -18.98 -8.20
N MET B 278 23.63 -7.55 -12.50
CA MET B 278 23.39 -6.74 -11.26
C MET B 278 23.07 -5.29 -11.66
N VAL B 279 23.85 -4.74 -12.57
CA VAL B 279 23.63 -3.39 -13.04
C VAL B 279 22.53 -3.43 -14.08
N PHE B 280 22.47 -4.52 -14.84
CA PHE B 280 21.46 -4.68 -15.88
C PHE B 280 20.09 -4.94 -15.25
N VAL B 281 20.10 -5.68 -14.15
CA VAL B 281 18.85 -6.00 -13.46
C VAL B 281 18.25 -4.77 -12.79
N ARG B 282 19.11 -3.94 -12.21
CA ARG B 282 18.63 -2.73 -11.57
C ARG B 282 18.09 -1.78 -12.63
N SER B 283 18.73 -1.74 -13.78
CA SER B 283 18.27 -0.88 -14.85
C SER B 283 16.90 -1.38 -15.28
N PHE B 284 16.73 -2.70 -15.20
CA PHE B 284 15.46 -3.31 -15.58
C PHE B 284 14.35 -2.89 -14.62
N LEU B 285 14.67 -2.91 -13.33
CA LEU B 285 13.68 -2.54 -12.32
C LEU B 285 13.25 -1.08 -12.45
N VAL B 286 14.18 -0.19 -12.79
CA VAL B 286 13.82 1.22 -12.95
C VAL B 286 12.77 1.32 -14.06
N GLY B 287 12.96 0.52 -15.12
CA GLY B 287 11.99 0.52 -16.19
C GLY B 287 10.69 -0.10 -15.71
N ASN B 288 10.81 -1.09 -14.81
CA ASN B 288 9.66 -1.80 -14.25
C ASN B 288 8.85 -0.83 -13.38
N ALA B 289 9.55 0.11 -12.74
CA ALA B 289 8.94 1.11 -11.89
C ALA B 289 8.18 2.11 -12.75
N ALA B 290 8.78 2.51 -13.86
CA ALA B 290 8.16 3.45 -14.77
C ALA B 290 6.91 2.83 -15.39
N GLN B 291 7.03 1.57 -15.81
CA GLN B 291 5.92 0.84 -16.43
C GLN B 291 4.75 0.64 -15.47
N SER B 292 5.02 0.17 -14.26
CA SER B 292 3.94 -0.03 -13.31
C SER B 292 3.27 1.29 -12.96
N LEU B 293 4.07 2.34 -12.74
CA LEU B 293 3.50 3.63 -12.41
C LEU B 293 2.65 4.12 -13.59
N SER B 294 3.14 3.91 -14.80
CA SER B 294 2.43 4.33 -15.99
C SER B 294 1.07 3.65 -16.09
N LYS B 295 1.03 2.34 -15.84
CA LYS B 295 -0.22 1.60 -15.90
C LYS B 295 -1.25 2.18 -14.92
N ALA B 296 -0.84 2.32 -13.67
CA ALA B 296 -1.71 2.85 -12.63
C ALA B 296 -2.23 4.23 -13.02
N CYS B 297 -1.34 5.09 -13.52
CA CYS B 297 -1.71 6.42 -13.95
C CYS B 297 -2.71 6.35 -15.09
N THR B 298 -2.48 5.42 -16.02
CA THR B 298 -3.37 5.28 -17.17
C THR B 298 -4.79 4.95 -16.73
N ILE B 299 -4.89 4.09 -15.73
CA ILE B 299 -6.18 3.68 -15.21
C ILE B 299 -6.83 4.81 -14.44
N ALA B 300 -6.14 5.32 -13.43
CA ALA B 300 -6.63 6.39 -12.60
C ALA B 300 -7.02 7.65 -13.39
N ILE B 301 -6.26 8.01 -14.40
CA ILE B 301 -6.57 9.22 -15.17
C ILE B 301 -7.76 8.99 -16.11
N ARG B 302 -7.75 7.86 -16.81
CA ARG B 302 -8.85 7.52 -17.71
C ARG B 302 -10.16 7.46 -16.91
N TYR B 303 -10.11 6.82 -15.74
CA TYR B 303 -11.29 6.69 -14.90
C TYR B 303 -11.75 8.05 -14.37
N SER B 304 -10.80 8.95 -14.10
CA SER B 304 -11.11 10.28 -13.58
C SER B 304 -11.82 11.13 -14.63
N ALA B 305 -11.62 10.79 -15.89
CA ALA B 305 -12.25 11.51 -16.98
C ALA B 305 -13.62 10.89 -17.27
N VAL B 306 -13.81 9.67 -16.80
CA VAL B 306 -15.07 8.97 -17.01
C VAL B 306 -16.05 9.22 -15.87
N ARG B 307 -15.53 9.18 -14.65
CA ARG B 307 -16.32 9.34 -13.44
C ARG B 307 -16.77 10.77 -13.12
N ARG B 308 -18.09 10.96 -13.03
CA ARG B 308 -18.65 12.27 -12.68
C ARG B 308 -19.19 12.15 -11.26
N GLN B 309 -19.02 13.18 -10.45
CA GLN B 309 -19.48 13.12 -9.06
C GLN B 309 -19.43 14.49 -8.39
N SER B 310 -20.23 14.66 -7.34
CA SER B 310 -20.26 15.90 -6.58
C SER B 310 -20.44 17.12 -7.46
N GLU B 311 -19.89 18.26 -7.04
CA GLU B 311 -20.03 19.46 -7.84
C GLU B 311 -19.07 20.59 -7.52
N ILE B 312 -18.96 21.51 -8.48
CA ILE B 312 -18.15 22.70 -8.33
C ILE B 312 -19.22 23.80 -8.22
N LYS B 313 -19.74 24.22 -9.38
CA LYS B 313 -20.80 25.23 -9.43
C LYS B 313 -22.16 24.58 -9.15
N GLN B 314 -22.97 25.28 -8.35
CA GLN B 314 -24.31 24.79 -7.99
C GLN B 314 -25.16 24.38 -9.21
N SER B 315 -25.14 25.21 -10.23
CA SER B 315 -25.93 24.98 -11.43
C SER B 315 -25.48 23.83 -12.33
N GLU B 316 -24.19 23.80 -12.67
CA GLU B 316 -23.67 22.76 -13.56
C GLU B 316 -23.92 21.32 -13.12
N PRO B 317 -23.91 20.39 -14.09
CA PRO B 317 -24.13 18.96 -13.82
C PRO B 317 -22.87 18.43 -13.12
N GLU B 318 -22.93 17.21 -12.60
CA GLU B 318 -21.77 16.64 -11.95
C GLU B 318 -20.60 16.61 -12.92
N PRO B 319 -19.48 17.24 -12.53
CA PRO B 319 -18.28 17.30 -13.36
C PRO B 319 -17.47 16.01 -13.29
N GLN B 320 -16.59 15.81 -14.26
CA GLN B 320 -15.71 14.64 -14.22
C GLN B 320 -14.84 14.92 -13.00
N ILE B 321 -14.47 13.91 -12.24
CA ILE B 321 -13.65 14.21 -11.06
C ILE B 321 -12.26 14.73 -11.43
N LEU B 322 -11.90 14.61 -12.69
CA LEU B 322 -10.63 15.12 -13.18
C LEU B 322 -10.63 16.66 -13.14
N ASP B 323 -11.81 17.28 -13.00
CA ASP B 323 -11.88 18.74 -12.93
C ASP B 323 -11.60 19.27 -11.52
N PHE B 324 -11.56 18.40 -10.51
CA PHE B 324 -11.25 18.88 -9.17
C PHE B 324 -9.73 19.09 -9.08
N GLN B 325 -9.32 20.22 -8.49
CA GLN B 325 -7.90 20.53 -8.36
C GLN B 325 -7.19 19.45 -7.58
N THR B 326 -7.85 18.96 -6.53
CA THR B 326 -7.29 17.92 -5.68
C THR B 326 -6.99 16.66 -6.46
N GLN B 327 -7.88 16.32 -7.40
CA GLN B 327 -7.71 15.12 -8.22
C GLN B 327 -6.52 15.28 -9.16
N GLN B 328 -6.36 16.49 -9.70
CA GLN B 328 -5.26 16.82 -10.61
C GLN B 328 -3.93 16.80 -9.84
N TYR B 329 -3.98 17.27 -8.60
CA TYR B 329 -2.79 17.32 -7.78
C TYR B 329 -2.29 15.91 -7.41
N LYS B 330 -3.21 14.96 -7.32
CA LYS B 330 -2.88 13.59 -6.97
C LYS B 330 -2.31 12.80 -8.14
N LEU B 331 -2.84 13.07 -9.32
CA LEU B 331 -2.44 12.32 -10.50
C LEU B 331 -1.45 12.92 -11.48
N PHE B 332 -1.50 14.22 -11.71
CA PHE B 332 -0.57 14.81 -12.68
C PHE B 332 0.90 14.74 -12.25
N PRO B 333 1.20 14.98 -10.96
CA PRO B 333 2.61 14.91 -10.55
C PRO B 333 3.13 13.48 -10.73
N LEU B 334 2.25 12.50 -10.56
CA LEU B 334 2.64 11.10 -10.70
C LEU B 334 2.82 10.75 -12.18
N LEU B 335 2.03 11.39 -13.04
CA LEU B 335 2.12 11.15 -14.49
C LEU B 335 3.48 11.67 -14.96
N ALA B 336 3.86 12.83 -14.45
CA ALA B 336 5.14 13.44 -14.79
C ALA B 336 6.27 12.55 -14.28
N THR B 337 6.05 11.89 -13.15
CA THR B 337 7.05 11.01 -12.57
C THR B 337 7.23 9.77 -13.42
N ALA B 338 6.14 9.27 -13.99
CA ALA B 338 6.23 8.09 -14.84
C ALA B 338 7.12 8.40 -16.03
N TYR B 339 6.91 9.56 -16.67
CA TYR B 339 7.73 9.94 -17.83
C TYR B 339 9.16 10.19 -17.40
N ALA B 340 9.33 10.85 -16.25
CA ALA B 340 10.66 11.11 -15.74
C ALA B 340 11.38 9.77 -15.57
N PHE B 341 10.70 8.79 -14.98
CA PHE B 341 11.32 7.49 -14.76
C PHE B 341 11.63 6.75 -16.07
N HIS B 342 10.79 6.90 -17.08
CA HIS B 342 11.07 6.27 -18.36
C HIS B 342 12.37 6.82 -18.93
N PHE B 343 12.54 8.14 -18.81
CA PHE B 343 13.74 8.76 -19.34
C PHE B 343 15.00 8.39 -18.58
N VAL B 344 14.95 8.39 -17.27
CA VAL B 344 16.13 8.06 -16.49
C VAL B 344 16.50 6.59 -16.75
N GLY B 345 15.51 5.78 -17.09
CA GLY B 345 15.75 4.37 -17.38
C GLY B 345 16.52 4.24 -18.68
N ARG B 346 16.11 5.04 -19.67
CA ARG B 346 16.77 5.02 -20.96
C ARG B 346 18.20 5.51 -20.76
N TYR B 347 18.35 6.51 -19.90
CA TYR B 347 19.66 7.07 -19.60
C TYR B 347 20.59 6.02 -19.01
N MET B 348 20.06 5.24 -18.07
CA MET B 348 20.83 4.19 -17.44
C MET B 348 21.32 3.21 -18.48
N LYS B 349 20.46 2.92 -19.47
CA LYS B 349 20.83 1.99 -20.51
C LYS B 349 22.01 2.55 -21.30
N GLU B 350 21.90 3.78 -21.78
CA GLU B 350 22.99 4.40 -22.52
C GLU B 350 24.27 4.40 -21.70
N THR B 351 24.13 4.68 -20.41
CA THR B 351 25.30 4.72 -19.54
C THR B 351 26.01 3.39 -19.37
N TYR B 352 25.26 2.31 -19.11
CA TYR B 352 25.95 1.05 -18.92
C TYR B 352 26.56 0.57 -20.21
N LEU B 353 25.92 0.88 -21.34
CA LEU B 353 26.47 0.46 -22.63
C LEU B 353 27.80 1.18 -22.86
N ARG B 354 27.86 2.46 -22.52
CA ARG B 354 29.08 3.24 -22.70
C ARG B 354 30.19 2.76 -21.77
N ILE B 355 29.89 2.65 -20.47
CA ILE B 355 30.89 2.21 -19.51
C ILE B 355 31.37 0.80 -19.83
N ASN B 356 30.48 -0.05 -20.32
CA ASN B 356 30.86 -1.42 -20.70
C ASN B 356 31.99 -1.33 -21.72
N GLU B 357 31.82 -0.45 -22.69
CA GLU B 357 32.79 -0.22 -23.75
C GLU B 357 34.16 0.24 -23.20
N SER B 358 34.13 0.99 -22.11
CA SER B 358 35.36 1.48 -21.50
C SER B 358 36.06 0.31 -20.79
N ILE B 359 35.32 -0.44 -19.97
CA ILE B 359 35.87 -1.57 -19.25
C ILE B 359 36.71 -2.42 -20.21
N GLY B 360 36.15 -2.69 -21.39
CA GLY B 360 36.83 -3.51 -22.37
C GLY B 360 38.19 -2.95 -22.78
N GLN B 361 38.32 -1.62 -22.72
CA GLN B 361 39.58 -0.98 -23.07
C GLN B 361 40.47 -0.74 -21.85
N GLY B 362 40.12 -1.36 -20.74
CA GLY B 362 40.92 -1.22 -19.53
C GLY B 362 40.60 0.00 -18.68
N ASP B 363 39.59 0.75 -19.08
CA ASP B 363 39.20 1.94 -18.34
C ASP B 363 38.00 1.67 -17.40
N LEU B 364 38.30 1.53 -16.11
CA LEU B 364 37.25 1.27 -15.13
C LEU B 364 37.03 2.47 -14.22
N SER B 365 37.36 3.66 -14.72
CA SER B 365 37.22 4.88 -13.94
C SER B 365 35.78 5.25 -13.56
N GLU B 366 34.81 4.84 -14.37
CA GLU B 366 33.42 5.17 -14.09
C GLU B 366 32.62 3.99 -13.55
N LEU B 367 33.28 2.88 -13.29
CA LEU B 367 32.59 1.70 -12.78
C LEU B 367 32.05 1.92 -11.36
N PRO B 368 32.80 2.63 -10.51
CA PRO B 368 32.24 2.80 -9.17
C PRO B 368 30.96 3.66 -9.20
N GLU B 369 30.95 4.68 -10.05
CA GLU B 369 29.76 5.53 -10.14
C GLU B 369 28.60 4.77 -10.75
N LEU B 370 28.91 3.90 -11.72
CA LEU B 370 27.88 3.11 -12.37
C LEU B 370 27.17 2.22 -11.37
N HIS B 371 27.94 1.59 -10.48
CA HIS B 371 27.38 0.73 -9.45
C HIS B 371 26.54 1.55 -8.49
N ALA B 372 27.08 2.70 -8.10
CA ALA B 372 26.39 3.57 -7.15
C ALA B 372 25.10 4.15 -7.72
N LEU B 373 25.16 4.70 -8.93
CA LEU B 373 23.98 5.29 -9.54
C LEU B 373 22.91 4.24 -9.80
N THR B 374 23.34 3.08 -10.24
CA THR B 374 22.42 2.01 -10.54
C THR B 374 21.73 1.51 -9.26
N ALA B 375 22.44 1.51 -8.14
CA ALA B 375 21.82 1.07 -6.89
C ALA B 375 20.86 2.15 -6.38
N GLY B 376 21.30 3.40 -6.46
CA GLY B 376 20.49 4.50 -6.00
C GLY B 376 19.21 4.70 -6.78
N LEU B 377 19.28 4.68 -8.11
CA LEU B 377 18.09 4.88 -8.91
C LEU B 377 17.10 3.75 -8.72
N LYS B 378 17.60 2.56 -8.46
CA LYS B 378 16.72 1.42 -8.28
C LYS B 378 15.87 1.66 -7.04
N ALA B 379 16.51 2.07 -5.95
CA ALA B 379 15.79 2.32 -4.72
C ALA B 379 14.88 3.55 -4.86
N PHE B 380 15.42 4.61 -5.47
CA PHE B 380 14.66 5.84 -5.63
C PHE B 380 13.38 5.68 -6.46
N THR B 381 13.49 5.07 -7.65
CA THR B 381 12.34 4.89 -8.51
C THR B 381 11.34 3.84 -8.00
N THR B 382 11.82 2.75 -7.41
CA THR B 382 10.88 1.73 -6.95
C THR B 382 10.08 2.22 -5.75
N TRP B 383 10.73 2.89 -4.80
CA TRP B 383 10.02 3.43 -3.64
C TRP B 383 8.98 4.47 -4.08
N THR B 384 9.38 5.35 -4.99
CA THR B 384 8.48 6.40 -5.46
C THR B 384 7.28 5.85 -6.21
N ALA B 385 7.55 4.99 -7.18
CA ALA B 385 6.51 4.37 -7.96
C ALA B 385 5.58 3.55 -7.07
N ASN B 386 6.16 2.91 -6.05
CA ASN B 386 5.39 2.08 -5.14
C ASN B 386 4.27 2.85 -4.47
N ALA B 387 4.62 3.95 -3.82
CA ALA B 387 3.63 4.79 -3.15
C ALA B 387 2.68 5.40 -4.19
N GLY B 388 3.22 5.72 -5.35
CA GLY B 388 2.41 6.31 -6.40
C GLY B 388 1.33 5.39 -6.94
N ILE B 389 1.61 4.10 -6.96
CA ILE B 389 0.61 3.15 -7.45
C ILE B 389 -0.59 3.17 -6.52
N GLU B 390 -0.34 3.27 -5.21
CA GLU B 390 -1.43 3.30 -4.25
C GLU B 390 -2.20 4.61 -4.32
N GLU B 391 -1.51 5.72 -4.63
CA GLU B 391 -2.21 6.98 -4.75
C GLU B 391 -3.18 6.85 -5.93
N CYS B 392 -2.71 6.26 -7.03
CA CYS B 392 -3.59 6.09 -8.17
C CYS B 392 -4.84 5.27 -7.81
N ARG B 393 -4.67 4.23 -6.98
CA ARG B 393 -5.79 3.39 -6.58
C ARG B 393 -6.79 4.17 -5.76
N MET B 394 -6.32 4.82 -4.71
CA MET B 394 -7.19 5.59 -3.85
C MET B 394 -7.84 6.78 -4.56
N ALA B 395 -7.22 7.25 -5.63
CA ALA B 395 -7.79 8.40 -6.35
C ALA B 395 -9.03 7.97 -7.13
N CYS B 396 -9.25 6.66 -7.21
CA CYS B 396 -10.40 6.11 -7.90
C CYS B 396 -11.59 5.90 -6.98
N GLY B 397 -11.45 6.31 -5.71
CA GLY B 397 -12.53 6.10 -4.76
C GLY B 397 -12.62 4.61 -4.41
N GLY B 398 -13.73 4.22 -3.79
CA GLY B 398 -13.93 2.84 -3.40
C GLY B 398 -13.78 1.87 -4.55
N HIS B 399 -14.26 2.26 -5.72
CA HIS B 399 -14.15 1.40 -6.90
C HIS B 399 -12.71 0.94 -7.17
N GLY B 400 -11.74 1.74 -6.76
CA GLY B 400 -10.34 1.39 -6.96
C GLY B 400 -9.94 0.15 -6.18
N TYR B 401 -10.59 -0.06 -5.04
CA TYR B 401 -10.32 -1.19 -4.16
C TYR B 401 -10.68 -2.53 -4.80
N SER B 402 -11.63 -2.49 -5.73
CA SER B 402 -12.07 -3.69 -6.43
C SER B 402 -11.04 -4.14 -7.49
N HIS B 403 -10.88 -5.45 -7.68
CA HIS B 403 -9.95 -5.92 -8.71
C HIS B 403 -10.38 -5.50 -10.10
N SER B 404 -11.59 -4.97 -10.21
CA SER B 404 -12.07 -4.51 -11.52
C SER B 404 -11.27 -3.27 -11.93
N SER B 405 -10.59 -2.64 -10.96
CA SER B 405 -9.78 -1.46 -11.26
C SER B 405 -8.41 -1.91 -11.82
N GLY B 406 -8.01 -3.12 -11.44
CA GLY B 406 -6.74 -3.66 -11.91
C GLY B 406 -5.51 -3.08 -11.24
N ILE B 407 -5.68 -2.08 -10.38
CA ILE B 407 -4.52 -1.48 -9.75
C ILE B 407 -3.99 -2.30 -8.57
N PRO B 408 -4.86 -2.98 -7.82
CA PRO B 408 -4.36 -3.78 -6.70
C PRO B 408 -3.40 -4.87 -7.20
N ASN B 409 -3.73 -5.49 -8.33
CA ASN B 409 -2.84 -6.52 -8.87
C ASN B 409 -1.52 -5.87 -9.29
N ILE B 410 -1.60 -4.72 -9.95
CA ILE B 410 -0.39 -4.02 -10.36
C ILE B 410 0.44 -3.72 -9.12
N TYR B 411 -0.19 -3.22 -8.08
CA TYR B 411 0.53 -2.89 -6.85
C TYR B 411 1.22 -4.10 -6.25
N VAL B 412 0.44 -5.13 -6.01
CA VAL B 412 0.95 -6.35 -5.40
C VAL B 412 2.06 -7.02 -6.24
N THR B 413 1.97 -6.89 -7.55
CA THR B 413 2.97 -7.48 -8.44
C THR B 413 4.26 -6.67 -8.43
N PHE B 414 4.15 -5.35 -8.45
CA PHE B 414 5.33 -4.50 -8.46
C PHE B 414 6.01 -4.27 -7.11
N THR B 415 5.25 -4.19 -6.03
CA THR B 415 5.84 -3.86 -4.74
C THR B 415 7.06 -4.67 -4.25
N PRO B 416 7.17 -5.96 -4.62
CA PRO B 416 8.35 -6.66 -4.11
C PRO B 416 9.66 -6.07 -4.66
N ALA B 417 9.57 -5.38 -5.79
CA ALA B 417 10.72 -4.74 -6.41
C ALA B 417 11.46 -3.84 -5.42
N CYS B 418 10.80 -3.45 -4.33
CA CYS B 418 11.43 -2.60 -3.32
C CYS B 418 12.30 -3.39 -2.35
N THR B 419 12.11 -4.71 -2.30
CA THR B 419 12.92 -5.50 -1.40
C THR B 419 13.88 -6.44 -2.11
N PHE B 420 13.50 -7.05 -3.22
CA PHE B 420 14.47 -7.93 -3.87
C PHE B 420 15.47 -7.20 -4.77
N GLU B 421 16.54 -7.90 -5.14
CA GLU B 421 17.60 -7.35 -5.96
C GLU B 421 18.21 -6.18 -5.21
N GLY B 422 18.42 -6.40 -3.92
CA GLY B 422 18.99 -5.37 -3.07
C GLY B 422 17.90 -4.55 -2.40
N GLU B 423 17.74 -4.74 -1.10
CA GLU B 423 16.73 -4.02 -0.32
C GLU B 423 17.02 -2.53 -0.43
N ASN B 424 16.02 -1.75 -0.83
CA ASN B 424 16.20 -0.33 -1.04
C ASN B 424 17.09 0.45 -0.08
N THR B 425 16.87 0.32 1.23
CA THR B 425 17.72 1.05 2.17
C THR B 425 19.20 0.62 2.06
N VAL B 426 19.43 -0.68 1.87
CA VAL B 426 20.81 -1.17 1.74
C VAL B 426 21.42 -0.58 0.48
N MET B 427 20.62 -0.51 -0.58
CA MET B 427 21.07 0.05 -1.84
C MET B 427 21.46 1.52 -1.68
N MET B 428 20.60 2.30 -1.06
CA MET B 428 20.88 3.72 -0.83
C MET B 428 22.16 3.88 -0.03
N LEU B 429 22.38 2.94 0.88
CA LEU B 429 23.56 2.97 1.74
C LEU B 429 24.80 2.75 0.87
N GLN B 430 24.67 1.91 -0.14
CA GLN B 430 25.80 1.67 -1.03
C GLN B 430 26.09 2.94 -1.80
N THR B 431 25.04 3.61 -2.26
CA THR B 431 25.20 4.86 -3.00
C THR B 431 25.90 5.91 -2.14
N ALA B 432 25.52 5.94 -0.86
CA ALA B 432 26.10 6.89 0.07
C ALA B 432 27.59 6.62 0.27
N ARG B 433 28.00 5.35 0.22
CA ARG B 433 29.41 4.98 0.40
C ARG B 433 30.21 5.62 -0.73
N PHE B 434 29.65 5.58 -1.94
CA PHE B 434 30.30 6.18 -3.09
C PHE B 434 30.33 7.70 -2.95
N LEU B 435 29.18 8.28 -2.59
CA LEU B 435 29.12 9.72 -2.45
C LEU B 435 30.15 10.23 -1.44
N MET B 436 30.32 9.52 -0.34
CA MET B 436 31.30 9.93 0.68
C MET B 436 32.74 9.84 0.14
N LYS B 437 32.99 8.82 -0.67
CA LYS B 437 34.32 8.61 -1.26
C LYS B 437 34.63 9.79 -2.15
N ILE B 438 33.67 10.14 -2.99
CA ILE B 438 33.84 11.26 -3.89
C ILE B 438 34.08 12.51 -3.07
N TYR B 439 33.34 12.62 -1.97
CA TYR B 439 33.49 13.77 -1.09
C TYR B 439 34.91 13.85 -0.54
N ASP B 440 35.43 12.71 -0.08
CA ASP B 440 36.78 12.66 0.47
C ASP B 440 37.79 12.94 -0.64
N GLN B 441 37.47 12.50 -1.85
CA GLN B 441 38.33 12.73 -3.00
C GLN B 441 38.47 14.22 -3.31
N VAL B 442 37.36 14.96 -3.28
CA VAL B 442 37.44 16.39 -3.56
C VAL B 442 38.10 17.09 -2.39
N ARG B 443 37.97 16.50 -1.20
CA ARG B 443 38.57 17.05 0.01
C ARG B 443 40.09 17.02 -0.15
N SER B 444 40.58 15.98 -0.79
CA SER B 444 42.02 15.82 -1.01
C SER B 444 42.52 16.76 -2.10
N GLY B 445 41.60 17.35 -2.86
CA GLY B 445 41.98 18.28 -3.91
C GLY B 445 41.88 17.72 -5.31
N LYS B 446 41.13 16.63 -5.48
CA LYS B 446 40.98 16.03 -6.81
C LYS B 446 39.68 16.47 -7.47
N LEU B 447 39.71 16.59 -8.79
CA LEU B 447 38.52 16.96 -9.54
C LEU B 447 37.83 15.67 -9.94
N VAL B 448 36.54 15.59 -9.71
CA VAL B 448 35.81 14.38 -10.06
C VAL B 448 34.94 14.63 -11.29
N GLY B 449 34.66 13.56 -12.04
CA GLY B 449 33.84 13.70 -13.23
C GLY B 449 32.48 13.05 -13.04
N GLY B 450 31.80 12.80 -14.15
CA GLY B 450 30.49 12.17 -14.10
C GLY B 450 29.34 13.05 -13.60
N MET B 451 28.25 12.39 -13.21
CA MET B 451 27.06 13.06 -12.73
C MET B 451 27.32 13.71 -11.36
N VAL B 452 28.42 13.33 -10.73
CA VAL B 452 28.76 13.85 -9.40
C VAL B 452 29.78 15.00 -9.45
N SER B 453 30.06 15.51 -10.64
CA SER B 453 31.04 16.60 -10.75
C SER B 453 30.62 17.86 -10.02
N TYR B 454 29.39 17.91 -9.52
CA TYR B 454 28.93 19.09 -8.80
C TYR B 454 29.54 19.20 -7.42
N LEU B 455 30.05 18.09 -6.89
CA LEU B 455 30.66 18.12 -5.57
C LEU B 455 31.97 18.91 -5.55
N ASN B 456 32.47 19.30 -6.73
CA ASN B 456 33.69 20.09 -6.82
C ASN B 456 33.46 21.53 -6.36
N ASP B 457 32.18 21.90 -6.19
CA ASP B 457 31.83 23.25 -5.77
C ASP B 457 31.53 23.45 -4.27
N LEU B 458 31.71 22.41 -3.46
CA LEU B 458 31.44 22.56 -2.03
C LEU B 458 32.35 23.59 -1.36
N VAL B 475 18.48 28.92 -8.13
CA VAL B 475 18.40 30.38 -7.85
C VAL B 475 17.17 31.04 -8.52
N ASP B 476 16.85 30.64 -9.75
CA ASP B 476 15.69 31.19 -10.47
C ASP B 476 14.55 30.19 -10.63
N ILE B 477 13.56 30.29 -9.76
CA ILE B 477 12.41 29.40 -9.76
C ILE B 477 11.58 29.41 -11.04
N ASN B 478 11.77 30.41 -11.89
CA ASN B 478 10.99 30.50 -13.11
C ASN B 478 11.61 29.95 -14.40
N SER B 479 12.73 29.23 -14.28
CA SER B 479 13.35 28.65 -15.46
C SER B 479 13.73 27.19 -15.26
N LEU B 480 13.77 26.44 -16.36
CA LEU B 480 14.13 25.04 -16.34
C LEU B 480 15.53 24.85 -15.74
N GLU B 481 16.46 25.68 -16.20
CA GLU B 481 17.85 25.65 -15.75
C GLU B 481 17.99 25.97 -14.27
N GLY B 482 17.21 26.93 -13.81
CA GLY B 482 17.27 27.30 -12.41
C GLY B 482 16.74 26.20 -11.51
N LEU B 483 15.74 25.47 -11.98
CA LEU B 483 15.17 24.39 -11.19
C LEU B 483 16.17 23.22 -11.10
N THR B 484 16.79 22.89 -12.22
CA THR B 484 17.78 21.83 -12.25
C THR B 484 18.90 22.20 -11.29
N GLU B 485 19.32 23.46 -11.36
CA GLU B 485 20.40 23.98 -10.53
C GLU B 485 20.03 23.88 -9.05
N ALA B 486 18.73 24.05 -8.77
CA ALA B 486 18.22 23.98 -7.41
C ALA B 486 18.38 22.57 -6.83
N TYR B 487 18.14 21.57 -7.66
CA TYR B 487 18.27 20.19 -7.23
C TYR B 487 19.73 19.85 -7.01
N LYS B 488 20.60 20.42 -7.84
CA LYS B 488 22.04 20.18 -7.74
C LYS B 488 22.53 20.63 -6.37
N LEU B 489 22.15 21.85 -6.00
CA LEU B 489 22.56 22.42 -4.72
C LEU B 489 21.94 21.71 -3.54
N ARG B 490 20.74 21.17 -3.74
CA ARG B 490 20.09 20.47 -2.63
C ARG B 490 20.84 19.18 -2.41
N ALA B 491 21.27 18.56 -3.51
CA ALA B 491 22.05 17.32 -3.44
C ALA B 491 23.37 17.62 -2.74
N ALA B 492 24.06 18.67 -3.18
CA ALA B 492 25.35 19.06 -2.59
C ALA B 492 25.22 19.32 -1.09
N ARG B 493 24.14 20.01 -0.72
CA ARG B 493 23.89 20.34 0.68
C ARG B 493 23.66 19.14 1.57
N LEU B 494 22.89 18.16 1.08
CA LEU B 494 22.63 16.97 1.90
C LEU B 494 23.87 16.08 2.01
N VAL B 495 24.66 16.02 0.95
CA VAL B 495 25.90 15.22 0.98
C VAL B 495 26.81 15.84 2.04
N GLU B 496 26.90 17.17 2.03
CA GLU B 496 27.73 17.90 2.96
C GLU B 496 27.27 17.72 4.41
N ILE B 497 25.95 17.65 4.62
CA ILE B 497 25.41 17.47 5.96
C ILE B 497 25.77 16.06 6.46
N ALA B 498 25.69 15.08 5.58
CA ALA B 498 26.01 13.70 5.95
C ALA B 498 27.50 13.59 6.28
N ALA B 499 28.33 14.17 5.41
CA ALA B 499 29.78 14.13 5.59
C ALA B 499 30.16 14.79 6.90
N LYS B 500 29.53 15.91 7.20
CA LYS B 500 29.82 16.65 8.42
C LYS B 500 29.38 15.88 9.65
N ASN B 501 28.20 15.29 9.58
CA ASN B 501 27.69 14.52 10.71
C ASN B 501 28.54 13.27 10.92
N LEU B 502 28.98 12.67 9.81
CA LEU B 502 29.83 11.48 9.90
C LEU B 502 31.11 11.81 10.64
N GLN B 503 31.73 12.93 10.29
CA GLN B 503 32.97 13.37 10.94
C GLN B 503 32.71 13.63 12.41
N THR B 504 31.64 14.36 12.69
CA THR B 504 31.28 14.69 14.05
C THR B 504 31.15 13.44 14.91
N HIS B 505 30.68 12.35 14.31
CA HIS B 505 30.52 11.10 15.04
C HIS B 505 31.82 10.34 15.21
N VAL B 506 32.63 10.23 14.16
CA VAL B 506 33.91 9.53 14.29
C VAL B 506 34.72 10.31 15.32
N SER B 507 34.48 11.62 15.34
CA SER B 507 35.15 12.52 16.26
C SER B 507 34.73 12.26 17.70
N HIS B 508 33.42 12.20 17.95
CA HIS B 508 32.91 11.99 19.30
C HIS B 508 32.85 10.53 19.76
N ARG B 509 32.51 9.62 18.85
CA ARG B 509 32.41 8.19 19.19
C ARG B 509 33.68 7.37 18.91
N LYS B 510 34.63 7.99 18.20
CA LYS B 510 35.90 7.34 17.89
C LYS B 510 35.80 5.91 17.34
N SER B 511 34.91 5.70 16.38
CA SER B 511 34.74 4.40 15.76
C SER B 511 34.04 4.57 14.43
N LYS B 512 34.65 4.04 13.37
CA LYS B 512 34.10 4.19 12.03
C LYS B 512 32.78 3.47 11.76
N GLU B 513 32.63 2.23 12.23
CA GLU B 513 31.38 1.51 12.00
C GLU B 513 30.23 2.09 12.80
N VAL B 514 30.50 2.50 14.04
CA VAL B 514 29.47 3.09 14.88
C VAL B 514 29.07 4.43 14.26
N ALA B 515 30.07 5.20 13.81
CA ALA B 515 29.82 6.50 13.20
C ALA B 515 28.98 6.34 11.94
N TRP B 516 29.30 5.34 11.14
CA TRP B 516 28.57 5.11 9.92
C TRP B 516 27.09 4.84 10.22
N ASN B 517 26.85 4.00 11.22
CA ASN B 517 25.48 3.67 11.60
C ASN B 517 24.70 4.89 12.13
N LEU B 518 25.33 5.69 12.99
CA LEU B 518 24.68 6.88 13.53
C LEU B 518 24.48 8.02 12.54
N THR B 519 24.89 7.80 11.30
CA THR B 519 24.80 8.80 10.25
C THR B 519 24.07 8.19 9.05
N SER B 520 23.66 6.93 9.20
CA SER B 520 23.03 6.22 8.09
C SER B 520 21.70 6.80 7.56
N VAL B 521 20.91 7.46 8.41
CA VAL B 521 19.66 8.07 7.94
C VAL B 521 20.05 9.29 7.11
N ASP B 522 21.03 10.05 7.58
CA ASP B 522 21.50 11.20 6.81
C ASP B 522 22.13 10.77 5.49
N LEU B 523 22.85 9.66 5.53
CA LEU B 523 23.50 9.14 4.32
C LEU B 523 22.45 8.71 3.30
N VAL B 524 21.38 8.07 3.74
CA VAL B 524 20.33 7.63 2.84
C VAL B 524 19.70 8.87 2.20
N ARG B 525 19.41 9.87 3.02
CA ARG B 525 18.85 11.12 2.51
C ARG B 525 19.74 11.77 1.45
N ALA B 526 21.04 11.73 1.66
CA ALA B 526 21.95 12.34 0.68
C ALA B 526 21.89 11.57 -0.64
N SER B 527 21.79 10.24 -0.58
CA SER B 527 21.72 9.46 -1.83
C SER B 527 20.39 9.73 -2.54
N GLU B 528 19.32 9.86 -1.77
CA GLU B 528 18.00 10.13 -2.34
C GLU B 528 18.08 11.47 -3.06
N ALA B 529 18.64 12.47 -2.39
CA ALA B 529 18.76 13.79 -3.00
C ALA B 529 19.64 13.76 -4.26
N HIS B 530 20.69 12.95 -4.24
CA HIS B 530 21.57 12.86 -5.40
C HIS B 530 20.80 12.26 -6.58
N CYS B 531 20.08 11.17 -6.31
CA CYS B 531 19.28 10.50 -7.34
C CYS B 531 18.16 11.35 -7.92
N HIS B 532 17.52 12.13 -7.06
CA HIS B 532 16.43 12.99 -7.51
C HIS B 532 17.04 14.00 -8.50
N TYR B 533 18.20 14.56 -8.14
CA TYR B 533 18.90 15.50 -9.01
C TYR B 533 19.15 14.89 -10.39
N VAL B 534 19.58 13.63 -10.41
CA VAL B 534 19.85 12.93 -11.65
C VAL B 534 18.60 12.80 -12.52
N VAL B 535 17.48 12.43 -11.92
CA VAL B 535 16.24 12.28 -12.66
C VAL B 535 15.84 13.61 -13.28
N VAL B 536 15.88 14.67 -12.49
CA VAL B 536 15.53 16.00 -13.00
C VAL B 536 16.45 16.38 -14.16
N LYS B 537 17.75 16.32 -13.92
CA LYS B 537 18.73 16.66 -14.95
C LYS B 537 18.51 15.85 -16.23
N VAL B 538 18.29 14.55 -16.08
CA VAL B 538 18.06 13.72 -17.27
C VAL B 538 16.80 14.13 -18.01
N PHE B 539 15.72 14.33 -17.26
CA PHE B 539 14.46 14.73 -17.86
C PHE B 539 14.67 16.04 -18.61
N SER B 540 15.29 17.00 -17.93
CA SER B 540 15.55 18.30 -18.55
C SER B 540 16.43 18.23 -19.80
N ASP B 541 17.48 17.42 -19.79
CA ASP B 541 18.38 17.32 -20.95
C ASP B 541 17.71 16.61 -22.11
N LYS B 542 16.60 15.95 -21.84
CA LYS B 542 15.88 15.22 -22.87
C LYS B 542 15.07 16.14 -23.81
N LEU B 543 14.51 17.23 -23.27
CA LEU B 543 13.67 18.13 -24.07
C LEU B 543 14.22 18.64 -25.42
N PRO B 544 15.42 19.23 -25.42
CA PRO B 544 16.01 19.74 -26.67
C PRO B 544 16.13 18.69 -27.79
N LYS B 545 16.13 17.41 -27.40
CA LYS B 545 16.27 16.30 -28.36
C LYS B 545 14.96 15.89 -29.04
N ILE B 546 13.85 16.47 -28.59
CA ILE B 546 12.55 16.14 -29.17
C ILE B 546 12.26 16.96 -30.41
N GLN B 547 12.10 16.26 -31.54
CA GLN B 547 11.85 16.87 -32.83
C GLN B 547 10.50 17.56 -32.95
N ASP B 548 9.43 16.87 -32.59
CA ASP B 548 8.09 17.46 -32.68
C ASP B 548 7.83 18.48 -31.57
N LYS B 549 7.56 19.72 -32.00
CA LYS B 549 7.31 20.85 -31.11
C LYS B 549 6.17 20.71 -30.11
N ALA B 550 5.04 20.18 -30.55
CA ALA B 550 3.89 20.01 -29.66
C ALA B 550 4.24 18.99 -28.56
N VAL B 551 4.89 17.90 -28.96
CA VAL B 551 5.31 16.86 -28.02
C VAL B 551 6.33 17.43 -27.04
N GLN B 552 7.30 18.17 -27.56
CA GLN B 552 8.34 18.77 -26.72
C GLN B 552 7.65 19.68 -25.72
N ALA B 553 6.64 20.41 -26.18
CA ALA B 553 5.90 21.32 -25.34
C ALA B 553 5.20 20.64 -24.14
N VAL B 554 4.48 19.55 -24.38
CA VAL B 554 3.80 18.88 -23.26
C VAL B 554 4.77 18.24 -22.28
N LEU B 555 5.80 17.58 -22.80
CA LEU B 555 6.78 16.94 -21.92
C LEU B 555 7.45 18.01 -21.07
N ARG B 556 7.68 19.18 -21.64
CA ARG B 556 8.30 20.28 -20.90
C ARG B 556 7.46 20.62 -19.66
N ASN B 557 6.14 20.70 -19.83
CA ASN B 557 5.26 20.99 -18.70
C ASN B 557 5.39 19.86 -17.66
N LEU B 558 5.41 18.61 -18.13
CA LEU B 558 5.57 17.49 -17.20
C LEU B 558 6.89 17.61 -16.44
N CYS B 559 7.94 18.02 -17.16
CA CYS B 559 9.26 18.19 -16.55
C CYS B 559 9.23 19.30 -15.49
N LEU B 560 8.60 20.42 -15.81
CA LEU B 560 8.49 21.51 -14.84
C LEU B 560 7.66 21.03 -13.63
N LEU B 561 6.57 20.31 -13.90
CA LEU B 561 5.72 19.80 -12.82
C LEU B 561 6.53 18.90 -11.92
N TYR B 562 7.24 17.97 -12.54
CA TYR B 562 8.09 17.05 -11.80
C TYR B 562 9.06 17.80 -10.90
N SER B 563 9.81 18.74 -11.46
CA SER B 563 10.80 19.52 -10.69
C SER B 563 10.14 20.38 -9.61
N LEU B 564 9.12 21.15 -10.00
CA LEU B 564 8.44 22.00 -9.04
C LEU B 564 7.79 21.18 -7.92
N TYR B 565 7.16 20.06 -8.28
CA TYR B 565 6.51 19.21 -7.27
C TYR B 565 7.51 18.75 -6.20
N GLY B 566 8.67 18.25 -6.64
CA GLY B 566 9.69 17.80 -5.69
C GLY B 566 10.18 18.86 -4.73
N ILE B 567 10.28 20.09 -5.18
CA ILE B 567 10.73 21.18 -4.32
C ILE B 567 9.68 21.46 -3.25
N SER B 568 8.41 21.42 -3.65
CA SER B 568 7.34 21.66 -2.71
C SER B 568 7.30 20.52 -1.68
N GLN B 569 7.32 19.28 -2.15
CA GLN B 569 7.28 18.10 -1.28
C GLN B 569 8.32 18.11 -0.14
N LYS B 570 9.51 18.63 -0.43
CA LYS B 570 10.57 18.71 0.57
C LYS B 570 11.11 20.13 0.65
N GLY B 571 10.18 21.08 0.80
CA GLY B 571 10.56 22.47 0.87
C GLY B 571 11.65 22.78 1.89
N GLY B 572 11.54 22.17 3.06
CA GLY B 572 12.53 22.40 4.11
C GLY B 572 13.98 22.15 3.68
N ASP B 573 14.19 21.20 2.78
CA ASP B 573 15.56 20.92 2.34
C ASP B 573 16.15 22.13 1.62
N PHE B 574 15.34 22.74 0.76
CA PHE B 574 15.79 23.90 0.01
C PHE B 574 15.82 25.16 0.84
N LEU B 575 14.84 25.30 1.73
CA LEU B 575 14.85 26.48 2.58
C LEU B 575 16.03 26.41 3.54
N GLU B 576 16.27 25.22 4.12
CA GLU B 576 17.37 25.03 5.06
C GLU B 576 18.71 25.38 4.43
N GLY B 577 18.88 25.02 3.17
CA GLY B 577 20.13 25.30 2.50
C GLY B 577 20.21 26.66 1.84
N SER B 578 19.30 27.55 2.21
CA SER B 578 19.27 28.88 1.63
C SER B 578 19.34 28.81 0.12
N ILE B 579 18.78 27.76 -0.46
CA ILE B 579 18.79 27.59 -1.91
C ILE B 579 17.60 28.29 -2.53
N ILE B 580 16.58 28.51 -1.71
CA ILE B 580 15.34 29.15 -2.11
C ILE B 580 14.79 29.88 -0.90
N THR B 581 14.07 30.97 -1.13
CA THR B 581 13.51 31.73 -0.03
C THR B 581 12.04 31.37 0.18
N GLY B 582 11.47 31.84 1.28
CA GLY B 582 10.07 31.57 1.57
C GLY B 582 9.20 32.07 0.42
N ALA B 583 9.46 33.29 -0.03
CA ALA B 583 8.69 33.85 -1.13
C ALA B 583 8.77 32.96 -2.37
N GLN B 584 9.96 32.40 -2.64
CA GLN B 584 10.09 31.53 -3.81
C GLN B 584 9.30 30.22 -3.63
N LEU B 585 9.28 29.69 -2.42
CA LEU B 585 8.54 28.46 -2.19
C LEU B 585 7.09 28.75 -2.58
N SER B 586 6.60 29.92 -2.21
CA SER B 586 5.22 30.33 -2.53
C SER B 586 5.00 30.32 -4.04
N GLN B 587 5.92 30.92 -4.80
CA GLN B 587 5.77 30.94 -6.25
C GLN B 587 5.81 29.53 -6.82
N VAL B 588 6.61 28.66 -6.21
CA VAL B 588 6.69 27.26 -6.65
C VAL B 588 5.28 26.64 -6.58
N ASN B 589 4.67 26.74 -5.40
CA ASN B 589 3.33 26.19 -5.21
C ASN B 589 2.31 26.80 -6.18
N ALA B 590 2.44 28.08 -6.47
CA ALA B 590 1.51 28.72 -7.40
C ALA B 590 1.73 28.16 -8.80
N ARG B 591 2.99 27.96 -9.18
CA ARG B 591 3.29 27.43 -10.51
C ARG B 591 2.79 26.00 -10.67
N ILE B 592 2.83 25.22 -9.60
CA ILE B 592 2.35 23.85 -9.71
C ILE B 592 0.87 23.85 -10.10
N LEU B 593 0.08 24.65 -9.39
CA LEU B 593 -1.35 24.73 -9.62
C LEU B 593 -1.64 25.21 -11.05
N GLU B 594 -0.86 26.18 -11.52
CA GLU B 594 -1.04 26.68 -12.88
C GLU B 594 -0.76 25.55 -13.87
N LEU B 595 0.32 24.81 -13.62
CA LEU B 595 0.68 23.69 -14.50
C LEU B 595 -0.35 22.56 -14.56
N LEU B 596 -1.07 22.32 -13.46
CA LEU B 596 -2.12 21.29 -13.45
C LEU B 596 -3.12 21.66 -14.55
N THR B 597 -3.51 22.93 -14.55
CA THR B 597 -4.44 23.47 -15.52
C THR B 597 -3.95 23.28 -16.95
N LEU B 598 -2.71 23.66 -17.20
CA LEU B 598 -2.11 23.53 -18.53
C LEU B 598 -1.99 22.07 -18.98
N ILE B 599 -1.86 21.15 -18.02
CA ILE B 599 -1.74 19.72 -18.35
C ILE B 599 -3.09 19.04 -18.57
N ARG B 600 -4.08 19.45 -17.78
CA ARG B 600 -5.43 18.88 -17.84
C ARG B 600 -5.93 18.44 -19.22
N PRO B 601 -5.89 19.33 -20.24
CA PRO B 601 -6.35 19.05 -21.61
C PRO B 601 -5.62 17.92 -22.32
N ASN B 602 -4.44 17.55 -21.81
CA ASN B 602 -3.63 16.50 -22.44
C ASN B 602 -3.51 15.25 -21.60
N ALA B 603 -4.12 15.26 -20.42
CA ALA B 603 -4.04 14.12 -19.52
C ALA B 603 -4.33 12.74 -20.13
N VAL B 604 -5.50 12.58 -20.74
CA VAL B 604 -5.86 11.29 -21.32
C VAL B 604 -4.92 10.88 -22.45
N ALA B 605 -4.60 11.80 -23.34
CA ALA B 605 -3.70 11.52 -24.46
C ALA B 605 -2.31 11.11 -23.99
N LEU B 606 -1.84 11.74 -22.92
CA LEU B 606 -0.51 11.46 -22.35
C LEU B 606 -0.41 10.03 -21.78
N VAL B 607 -1.56 9.53 -21.34
CA VAL B 607 -1.67 8.21 -20.75
C VAL B 607 -1.94 7.25 -21.92
N ASP B 608 -2.63 7.74 -22.95
CA ASP B 608 -2.90 6.92 -24.13
C ASP B 608 -1.55 6.63 -24.79
N ALA B 609 -0.65 7.61 -24.75
CA ALA B 609 0.69 7.47 -25.34
C ALA B 609 1.43 6.23 -24.87
N PHE B 610 1.15 5.76 -23.65
CA PHE B 610 1.82 4.57 -23.12
C PHE B 610 1.52 3.34 -23.96
N ASP B 611 0.45 3.41 -24.75
CA ASP B 611 0.08 2.32 -25.64
C ASP B 611 -0.25 0.98 -24.97
N PHE B 612 -0.69 1.01 -23.72
CA PHE B 612 -1.04 -0.23 -23.05
C PHE B 612 -2.36 -0.77 -23.61
N LYS B 613 -2.41 -2.07 -23.85
CA LYS B 613 -3.64 -2.70 -24.35
C LYS B 613 -4.54 -3.11 -23.18
N ASP B 614 -5.85 -3.04 -23.39
CA ASP B 614 -6.82 -3.43 -22.37
C ASP B 614 -6.45 -4.76 -21.72
N MET B 615 -6.07 -5.74 -22.52
CA MET B 615 -5.74 -7.06 -22.01
C MET B 615 -4.60 -7.06 -20.97
N THR B 616 -3.55 -6.28 -21.21
CA THR B 616 -2.43 -6.25 -20.26
C THR B 616 -2.67 -5.27 -19.11
N LEU B 617 -3.75 -4.50 -19.21
CA LEU B 617 -4.09 -3.55 -18.16
C LEU B 617 -5.04 -4.24 -17.17
N GLY B 618 -5.82 -5.18 -17.68
CA GLY B 618 -6.75 -5.92 -16.86
C GLY B 618 -7.58 -5.02 -15.97
N SER B 619 -8.06 -3.93 -16.55
CA SER B 619 -8.83 -2.95 -15.81
C SER B 619 -10.15 -2.56 -16.47
N VAL B 620 -11.24 -2.72 -15.73
CA VAL B 620 -12.53 -2.35 -16.26
C VAL B 620 -12.62 -0.81 -16.23
N LEU B 621 -12.18 -0.22 -15.13
CA LEU B 621 -12.21 1.23 -14.97
C LEU B 621 -11.32 2.02 -15.91
N GLY B 622 -10.25 1.38 -16.39
CA GLY B 622 -9.33 2.08 -17.28
C GLY B 622 -9.42 1.68 -18.73
N ARG B 623 -10.48 0.95 -19.09
CA ARG B 623 -10.69 0.52 -20.47
C ARG B 623 -10.41 1.65 -21.44
N TYR B 624 -9.81 1.33 -22.58
CA TYR B 624 -9.52 2.37 -23.55
C TYR B 624 -10.79 3.10 -24.01
N ASP B 625 -11.86 2.35 -24.28
CA ASP B 625 -13.11 2.95 -24.76
C ASP B 625 -13.91 3.76 -23.72
N GLY B 626 -13.55 3.61 -22.45
CA GLY B 626 -14.24 4.38 -21.42
C GLY B 626 -15.63 3.91 -21.05
N ASN B 627 -16.04 2.78 -21.59
CA ASN B 627 -17.36 2.22 -21.31
C ASN B 627 -17.19 1.38 -20.05
N VAL B 628 -17.18 2.05 -18.91
CA VAL B 628 -16.96 1.39 -17.63
C VAL B 628 -18.13 0.64 -16.97
N TYR B 629 -19.19 1.37 -16.61
CA TYR B 629 -20.34 0.81 -15.93
C TYR B 629 -21.01 -0.45 -16.48
N GLU B 630 -21.28 -0.48 -17.78
CA GLU B 630 -21.90 -1.66 -18.37
C GLU B 630 -20.95 -2.85 -18.23
N ASN B 631 -19.67 -2.63 -18.51
CA ASN B 631 -18.70 -3.71 -18.40
C ASN B 631 -18.46 -4.09 -16.94
N LEU B 632 -18.60 -3.13 -16.03
CA LEU B 632 -18.39 -3.42 -14.62
C LEU B 632 -19.42 -4.42 -14.10
N PHE B 633 -20.67 -4.23 -14.45
CA PHE B 633 -21.72 -5.14 -13.99
C PHE B 633 -21.50 -6.55 -14.52
N GLU B 634 -21.10 -6.65 -15.79
CA GLU B 634 -20.85 -7.94 -16.41
C GLU B 634 -19.74 -8.68 -15.65
N TRP B 635 -18.70 -7.93 -15.29
CA TRP B 635 -17.56 -8.48 -14.56
C TRP B 635 -18.03 -9.09 -13.26
N ALA B 636 -18.75 -8.31 -12.45
CA ALA B 636 -19.24 -8.80 -11.17
C ALA B 636 -20.14 -10.03 -11.36
N LYS B 637 -21.02 -9.95 -12.35
CA LYS B 637 -21.95 -11.03 -12.66
C LYS B 637 -21.18 -12.33 -12.90
N LYS B 638 -20.02 -12.21 -13.55
CA LYS B 638 -19.16 -13.37 -13.86
C LYS B 638 -18.32 -13.83 -12.66
N SER B 639 -18.28 -13.02 -11.61
CA SER B 639 -17.52 -13.34 -10.40
C SER B 639 -17.87 -14.74 -9.85
N PRO B 640 -16.86 -15.45 -9.32
CA PRO B 640 -17.00 -16.80 -8.75
C PRO B 640 -18.10 -16.98 -7.72
N LEU B 641 -18.27 -16.01 -6.84
CA LEU B 641 -19.30 -16.11 -5.81
C LEU B 641 -20.72 -16.12 -6.38
N ASN B 642 -20.87 -15.85 -7.68
CA ASN B 642 -22.20 -15.84 -8.30
C ASN B 642 -22.47 -17.05 -9.19
N LYS B 643 -21.75 -18.15 -8.95
CA LYS B 643 -21.96 -19.36 -9.72
C LYS B 643 -23.37 -19.86 -9.45
N THR B 644 -23.89 -19.52 -8.27
CA THR B 644 -25.25 -19.88 -7.86
C THR B 644 -25.84 -18.68 -7.11
N GLU B 645 -27.16 -18.55 -7.16
CA GLU B 645 -27.86 -17.45 -6.49
C GLU B 645 -27.69 -17.53 -4.98
N VAL B 646 -27.74 -18.74 -4.43
CA VAL B 646 -27.59 -18.93 -2.99
C VAL B 646 -26.27 -19.66 -2.71
N HIS B 647 -25.51 -19.16 -1.75
CA HIS B 647 -24.25 -19.78 -1.38
C HIS B 647 -24.44 -20.94 -0.40
N GLU B 648 -23.71 -22.02 -0.63
CA GLU B 648 -23.80 -23.22 0.19
C GLU B 648 -23.83 -22.90 1.70
N SER B 649 -22.99 -21.96 2.12
CA SER B 649 -22.93 -21.59 3.55
C SER B 649 -24.27 -21.25 4.20
N TYR B 650 -25.24 -20.83 3.38
CA TYR B 650 -26.55 -20.47 3.92
C TYR B 650 -27.26 -21.65 4.60
N HIS B 651 -27.40 -22.76 3.88
CA HIS B 651 -28.07 -23.95 4.42
C HIS B 651 -27.37 -24.54 5.64
N LYS B 652 -26.07 -24.76 5.53
CA LYS B 652 -25.30 -25.36 6.62
C LYS B 652 -24.92 -24.50 7.81
N HIS B 653 -25.22 -23.20 7.77
CA HIS B 653 -24.84 -22.34 8.88
C HIS B 653 -25.83 -21.22 9.20
N LEU B 654 -26.31 -20.55 8.16
CA LEU B 654 -27.23 -19.43 8.33
C LEU B 654 -28.66 -19.84 8.05
N LYS B 655 -29.08 -20.96 8.63
CA LYS B 655 -30.43 -21.50 8.45
C LYS B 655 -30.62 -22.78 9.27
PA FAD C . -16.38 8.94 -5.76
O1A FAD C . -16.47 10.19 -4.96
O2A FAD C . -17.19 8.77 -6.82
O5B FAD C . -14.94 9.14 -6.27
C5B FAD C . -13.81 9.30 -5.34
C4B FAD C . -12.74 10.25 -5.94
O4B FAD C . -13.38 11.54 -6.31
C3B FAD C . -11.65 10.64 -4.91
O3B FAD C . -10.34 10.93 -5.38
C2B FAD C . -12.38 11.74 -4.18
O2B FAD C . -11.59 12.49 -3.31
C1B FAD C . -12.87 12.56 -5.36
N9A FAD C . -13.99 13.46 -5.08
C8A FAD C . -15.35 13.16 -5.05
N7A FAD C . -16.11 14.22 -4.76
C5A FAD C . -15.22 15.25 -4.59
C6A FAD C . -15.41 16.68 -4.25
N6A FAD C . -16.56 17.26 -4.03
N1A FAD C . -14.24 17.41 -4.17
C2A FAD C . -13.01 16.87 -4.39
N3A FAD C . -12.75 15.59 -4.70
C4A FAD C . -13.88 14.81 -4.80
N1 FAD C . -21.12 1.55 0.78
C2 FAD C . -22.22 1.26 1.49
O2 FAD C . -23.22 1.88 1.37
N3 FAD C . -22.26 0.17 2.41
C4 FAD C . -21.16 -0.64 2.63
O4 FAD C . -21.22 -1.55 3.43
C4X FAD C . -19.94 -0.33 1.87
N5 FAD C . -18.84 -1.09 2.04
C5X FAD C . -17.72 -0.78 1.30
C6 FAD C . -16.57 -1.60 1.50
C7 FAD C . -15.40 -1.37 0.81
C7M FAD C . -14.21 -2.27 1.04
C8 FAD C . -15.32 -0.25 -0.17
C8M FAD C . -14.08 0.04 -0.96
C9 FAD C . -16.46 0.57 -0.37
C9A FAD C . -17.65 0.32 0.35
N10 FAD C . -18.86 1.11 0.20
C10 FAD C . -19.98 0.81 0.93
C1' FAD C . -18.87 2.25 -0.76
C2' FAD C . -18.41 3.58 -0.11
O2' FAD C . -19.53 4.09 0.59
C3' FAD C . -17.98 4.51 -1.25
O3' FAD C . -16.75 4.01 -1.79
C4' FAD C . -17.78 5.95 -0.75
O4' FAD C . -19.07 6.55 -0.42
C5' FAD C . -17.08 6.78 -1.84
O5' FAD C . -17.79 6.51 -3.25
P FAD C . -16.99 6.43 -4.54
O1P FAD C . -15.98 5.30 -4.23
O2P FAD C . -17.76 6.23 -5.66
O3P FAD C . -16.36 7.73 -4.72
PA FAD D . 16.66 -8.54 5.50
O1A FAD D . 17.80 -7.62 5.32
O2A FAD D . 16.75 -9.58 6.36
O5B FAD D . 15.67 -7.53 6.08
C5B FAD D . 15.29 -6.28 5.43
C4B FAD D . 15.34 -5.17 6.54
O4B FAD D . 16.69 -5.19 7.15
C3B FAD D . 15.15 -3.73 6.00
O3B FAD D . 14.38 -2.86 6.77
C2B FAD D . 16.59 -3.34 5.74
O2B FAD D . 16.78 -1.96 5.59
C1B FAD D . 17.30 -3.86 6.96
N9A FAD D . 18.73 -4.10 6.75
C8A FAD D . 19.34 -5.27 6.35
N7A FAD D . 20.67 -5.16 6.24
C5A FAD D . 20.94 -3.86 6.58
C6A FAD D . 22.19 -3.10 6.64
N6A FAD D . 23.36 -3.60 6.36
N1A FAD D . 22.05 -1.78 7.03
C2A FAD D . 20.85 -1.21 7.34
N3A FAD D . 19.65 -1.83 7.29
C4A FAD D . 19.74 -3.15 6.91
N1 FAD D . 15.35 -14.50 -3.71
C2 FAD D . 15.97 -15.28 -4.61
O2 FAD D . 17.08 -15.69 -4.44
N3 FAD D . 15.34 -15.67 -5.84
C4 FAD D . 14.06 -15.25 -6.15
O4 FAD D . 13.55 -15.60 -7.21
C4X FAD D . 13.37 -14.41 -5.17
N5 FAD D . 12.10 -13.99 -5.41
C5X FAD D . 11.47 -13.21 -4.46
C6 FAD D . 10.15 -12.80 -4.74
C7 FAD D . 9.42 -12.03 -3.85
C7M FAD D . 8.00 -11.62 -4.19
C8 FAD D . 10.04 -11.61 -2.57
C8M FAD D . 9.31 -10.77 -1.55
C9 FAD D . 11.37 -12.01 -2.28
C9A FAD D . 12.09 -12.80 -3.22
N10 FAD D . 13.46 -13.28 -3.00
C10 FAD D . 14.08 -14.06 -3.92
C1' FAD D . 14.17 -12.91 -1.72
C2' FAD D . 14.82 -11.49 -1.81
O2' FAD D . 15.98 -11.61 -2.63
C3' FAD D . 15.19 -11.03 -0.41
O3' FAD D . 13.98 -10.72 0.30
C4' FAD D . 16.07 -9.77 -0.46
O4' FAD D . 17.40 -10.13 -0.86
C5' FAD D . 16.11 -9.09 0.92
O5' FAD D . 16.49 -10.19 2.01
P FAD D . 15.82 -10.21 3.36
O1P FAD D . 14.32 -10.34 2.99
O2P FAD D . 16.29 -11.20 4.19
O3P FAD D . 16.17 -8.96 4.05
#